data_5D6S
#
_entry.id   5D6S
#
_cell.length_a   106.120
_cell.length_b   106.120
_cell.length_c   332.280
_cell.angle_alpha   90.00
_cell.angle_beta   90.00
_cell.angle_gamma   120.00
#
_symmetry.space_group_name_H-M   'P 31 2 1'
#
loop_
_entity.id
_entity.type
_entity.pdbx_description
1 polymer 'Epoxyqueuosine reductase'
2 non-polymer 'IRON/SULFUR CLUSTER'
3 non-polymer COBALAMIN
4 water water
#
_entity_poly.entity_id   1
_entity_poly.type   'polypeptide(L)'
_entity_poly.pdbx_seq_one_letter_code
;MVQTSFEHHHHHHSAGENLYFQGAQISMNIKLEIQKMAKEIGISKIGFTTADDFDYLEKSLRLGVEEGRTTGFEHKNIEE
RIYPKLSLESAKTIISIAVAYPHKLPQQPQKTEFKRGKITPNSWGLDYHYVLQDKLKRLAKGIEKLTENFEYKGMVDTGA
LVDTAVAKRAGIGFIGKNGLVISKEYGSYMYLGELITNLEIEPDQEVDYGCGDCRRCLDACPTSCLIGDGTMNARRCLSF
QTQDKGMMDMEFRKKIKTVIYGCDICQISCPYNRGIDNPLASDIDPDLAMPELLPFLELTNKSFKETFGMIAGSWRGKNI
LQRNAIIALANLHDRNAIVKLMEIIDKNNNPIHTATAIWALGEIVKKPDEGMLDYMRGLSPKDEHSQAEWELVCAKWQI
;
_entity_poly.pdbx_strand_id   A,B,C,D,E
#
# COMPACT_ATOMS: atom_id res chain seq x y z
N MET A 28 -23.05 -20.74 -1.35
CA MET A 28 -22.33 -19.51 -0.88
C MET A 28 -20.81 -19.61 -1.09
N ASN A 29 -20.21 -18.49 -1.55
CA ASN A 29 -18.80 -18.32 -1.90
C ASN A 29 -18.60 -18.96 -3.26
N ILE A 30 -19.71 -19.13 -4.00
CA ILE A 30 -19.64 -19.58 -5.39
C ILE A 30 -18.80 -18.62 -6.21
N LYS A 31 -19.02 -17.32 -6.03
CA LYS A 31 -18.33 -16.31 -6.82
C LYS A 31 -16.80 -16.42 -6.66
N LEU A 32 -16.35 -16.67 -5.44
CA LEU A 32 -14.92 -16.85 -5.17
C LEU A 32 -14.46 -18.20 -5.71
N GLU A 33 -15.34 -19.18 -5.65
CA GLU A 33 -15.04 -20.55 -6.13
C GLU A 33 -14.95 -20.63 -7.64
N ILE A 34 -15.85 -19.91 -8.32
CA ILE A 34 -15.84 -19.80 -9.78
C ILE A 34 -14.52 -19.16 -10.21
N GLN A 35 -14.27 -17.94 -9.72
CA GLN A 35 -13.00 -17.24 -10.00
C GLN A 35 -11.79 -18.15 -9.81
N LYS A 36 -11.85 -18.97 -8.76
CA LYS A 36 -10.78 -19.92 -8.45
C LYS A 36 -10.58 -20.93 -9.59
N MET A 37 -11.67 -21.53 -10.09
CA MET A 37 -11.58 -22.50 -11.19
C MET A 37 -11.46 -21.85 -12.60
N ALA A 38 -11.85 -20.58 -12.70
CA ALA A 38 -11.66 -19.84 -13.92
C ALA A 38 -10.17 -19.81 -14.23
N LYS A 39 -9.39 -19.18 -13.37
CA LYS A 39 -7.95 -19.05 -13.63
C LYS A 39 -7.29 -20.43 -13.72
N GLU A 40 -7.87 -21.40 -13.01
CA GLU A 40 -7.43 -22.79 -13.10
C GLU A 40 -7.46 -23.30 -14.54
N ILE A 41 -8.54 -23.01 -15.28
CA ILE A 41 -8.71 -23.55 -16.64
C ILE A 41 -8.38 -22.53 -17.76
N GLY A 42 -7.54 -21.56 -17.44
CA GLY A 42 -6.90 -20.73 -18.47
C GLY A 42 -7.68 -19.50 -18.88
N ILE A 43 -8.70 -19.14 -18.11
CA ILE A 43 -9.44 -17.93 -18.40
C ILE A 43 -8.72 -16.74 -17.82
N SER A 44 -8.39 -15.77 -18.66
CA SER A 44 -7.54 -14.65 -18.27
C SER A 44 -8.27 -13.58 -17.44
N LYS A 45 -9.59 -13.59 -17.49
CA LYS A 45 -10.40 -12.62 -16.74
C LYS A 45 -11.82 -13.11 -16.71
N ILE A 46 -12.56 -12.71 -15.68
CA ILE A 46 -13.94 -13.14 -15.51
C ILE A 46 -14.71 -12.05 -14.82
N GLY A 47 -15.99 -12.00 -15.11
CA GLY A 47 -16.83 -10.90 -14.70
C GLY A 47 -18.23 -11.44 -14.49
N PHE A 48 -19.07 -10.66 -13.79
CA PHE A 48 -20.43 -11.07 -13.48
C PHE A 48 -21.34 -9.90 -13.68
N THR A 49 -22.55 -10.19 -14.15
CA THR A 49 -23.52 -9.14 -14.35
C THR A 49 -24.90 -9.77 -14.35
N THR A 50 -25.91 -8.91 -14.27
CA THR A 50 -27.27 -9.40 -14.19
C THR A 50 -27.70 -9.86 -15.57
N ALA A 51 -28.76 -10.68 -15.58
CA ALA A 51 -29.47 -10.98 -16.79
C ALA A 51 -30.45 -9.85 -17.14
N ASP A 52 -30.20 -8.64 -16.67
CA ASP A 52 -31.06 -7.51 -17.01
C ASP A 52 -30.87 -7.22 -18.47
N ASP A 53 -31.95 -6.85 -19.12
CA ASP A 53 -31.87 -6.61 -20.53
C ASP A 53 -30.94 -5.41 -20.88
N PHE A 54 -30.77 -5.15 -22.16
CA PHE A 54 -29.80 -4.17 -22.62
C PHE A 54 -30.48 -3.12 -23.50
N ASP A 55 -31.69 -2.72 -23.18
CA ASP A 55 -32.42 -1.83 -24.11
C ASP A 55 -31.74 -0.48 -24.38
N TYR A 56 -30.70 -0.11 -23.62
CA TYR A 56 -29.91 1.07 -24.01
C TYR A 56 -29.29 0.91 -25.42
N LEU A 57 -29.06 -0.33 -25.84
CA LEU A 57 -28.57 -0.68 -27.17
C LEU A 57 -29.61 -0.61 -28.32
N GLU A 58 -30.84 -1.02 -28.04
CA GLU A 58 -31.92 -1.00 -29.05
C GLU A 58 -31.77 0.10 -30.08
N LYS A 59 -31.87 1.33 -29.60
CA LYS A 59 -31.82 2.50 -30.42
C LYS A 59 -30.78 2.34 -31.55
N SER A 60 -29.52 2.11 -31.16
CA SER A 60 -28.39 2.14 -32.09
C SER A 60 -28.22 0.84 -32.91
N LEU A 61 -28.57 -0.30 -32.34
CA LEU A 61 -28.61 -1.55 -33.09
C LEU A 61 -29.53 -1.41 -34.27
N ARG A 62 -30.74 -0.91 -34.00
CA ARG A 62 -31.75 -0.67 -35.04
C ARG A 62 -31.33 0.37 -36.04
N LEU A 63 -30.59 1.37 -35.58
CA LEU A 63 -30.14 2.42 -36.47
C LEU A 63 -29.04 1.92 -37.42
N GLY A 64 -28.18 1.01 -36.93
CA GLY A 64 -27.15 0.36 -37.75
C GLY A 64 -27.78 -0.37 -38.94
N VAL A 65 -28.76 -1.22 -38.64
CA VAL A 65 -29.49 -1.90 -39.70
C VAL A 65 -30.21 -0.97 -40.66
N GLU A 66 -30.87 0.05 -40.15
CA GLU A 66 -31.63 0.94 -41.02
C GLU A 66 -30.70 1.80 -41.89
N GLU A 67 -29.58 2.25 -41.33
CA GLU A 67 -28.58 3.02 -42.08
C GLU A 67 -27.63 2.20 -42.96
N GLY A 68 -27.73 0.87 -42.91
CA GLY A 68 -26.97 -0.02 -43.76
C GLY A 68 -25.51 -0.18 -43.38
N ARG A 69 -25.22 -0.03 -42.10
CA ARG A 69 -23.85 -0.05 -41.59
C ARG A 69 -23.51 -1.44 -40.99
N THR A 70 -24.44 -2.36 -41.13
CA THR A 70 -24.30 -3.72 -40.62
C THR A 70 -23.64 -4.65 -41.68
N THR A 71 -22.87 -5.64 -41.22
CA THR A 71 -22.16 -6.58 -42.13
C THR A 71 -23.01 -7.68 -42.70
N GLY A 72 -23.99 -8.14 -41.93
CA GLY A 72 -24.73 -9.35 -42.25
C GLY A 72 -24.32 -10.54 -41.40
N PHE A 73 -23.26 -10.39 -40.60
CA PHE A 73 -22.79 -11.50 -39.75
C PHE A 73 -23.47 -11.47 -38.42
N GLU A 74 -24.18 -10.38 -38.16
CA GLU A 74 -24.77 -10.15 -36.87
C GLU A 74 -26.03 -10.98 -36.76
N HIS A 75 -26.35 -11.35 -35.53
CA HIS A 75 -27.60 -12.02 -35.25
C HIS A 75 -28.75 -11.12 -35.66
N LYS A 76 -29.75 -11.66 -36.35
CA LYS A 76 -30.69 -10.82 -37.09
C LYS A 76 -31.86 -10.33 -36.22
N ASN A 77 -32.31 -11.20 -35.33
CA ASN A 77 -33.40 -10.88 -34.43
C ASN A 77 -32.95 -9.94 -33.30
N ILE A 78 -33.33 -8.68 -33.42
CA ILE A 78 -32.87 -7.65 -32.46
C ILE A 78 -33.34 -7.90 -31.03
N GLU A 79 -34.57 -8.40 -30.87
CA GLU A 79 -35.09 -8.75 -29.53
C GLU A 79 -34.22 -9.78 -28.84
N GLU A 80 -33.85 -10.84 -29.54
CA GLU A 80 -32.99 -11.90 -28.96
C GLU A 80 -31.62 -11.35 -28.52
N ARG A 81 -31.28 -10.19 -29.06
CA ARG A 81 -30.01 -9.54 -28.84
C ARG A 81 -29.91 -8.79 -27.51
N ILE A 82 -31.05 -8.23 -27.08
CA ILE A 82 -31.12 -7.37 -25.88
C ILE A 82 -31.83 -8.02 -24.67
N TYR A 83 -32.64 -9.05 -24.91
CA TYR A 83 -33.41 -9.69 -23.84
C TYR A 83 -32.88 -11.09 -23.55
N PRO A 84 -31.92 -11.21 -22.62
CA PRO A 84 -31.31 -12.51 -22.31
C PRO A 84 -32.26 -13.64 -21.96
N LYS A 85 -33.45 -13.31 -21.46
CA LYS A 85 -34.42 -14.33 -21.07
C LYS A 85 -34.95 -15.10 -22.27
N LEU A 86 -34.89 -14.49 -23.46
CA LEU A 86 -35.26 -15.18 -24.70
C LEU A 86 -34.29 -16.30 -25.07
N SER A 87 -33.06 -16.23 -24.57
CA SER A 87 -32.10 -17.33 -24.73
C SER A 87 -32.17 -18.38 -23.62
N LEU A 88 -32.71 -18.02 -22.44
CA LEU A 88 -32.76 -18.96 -21.32
C LEU A 88 -34.14 -19.08 -20.60
N GLU A 89 -34.70 -17.98 -20.10
CA GLU A 89 -35.97 -17.99 -19.32
C GLU A 89 -35.66 -17.94 -17.84
N SER A 90 -34.94 -18.95 -17.34
CA SER A 90 -34.48 -18.97 -15.92
C SER A 90 -33.26 -18.08 -15.65
N ALA A 91 -33.07 -17.05 -16.49
CA ALA A 91 -31.86 -16.25 -16.48
C ALA A 91 -31.85 -15.29 -15.32
N LYS A 92 -30.70 -15.22 -14.67
CA LYS A 92 -30.55 -14.49 -13.44
C LYS A 92 -29.23 -13.71 -13.43
N THR A 93 -28.12 -14.38 -13.75
CA THR A 93 -26.86 -13.68 -13.96
C THR A 93 -26.20 -14.14 -15.27
N ILE A 94 -25.26 -13.31 -15.76
CA ILE A 94 -24.43 -13.63 -16.95
C ILE A 94 -22.97 -13.54 -16.57
N ILE A 95 -22.20 -14.56 -16.91
CA ILE A 95 -20.78 -14.60 -16.61
C ILE A 95 -20.01 -14.37 -17.89
N SER A 96 -19.30 -13.25 -17.96
CA SER A 96 -18.49 -12.91 -19.12
C SER A 96 -17.09 -13.44 -18.91
N ILE A 97 -16.57 -14.20 -19.88
CA ILE A 97 -15.16 -14.60 -19.86
C ILE A 97 -14.30 -13.88 -20.90
N ALA A 98 -13.01 -13.83 -20.64
CA ALA A 98 -12.04 -13.24 -21.54
C ALA A 98 -10.79 -14.09 -21.54
N VAL A 99 -10.29 -14.45 -22.72
CA VAL A 99 -9.06 -15.21 -22.85
C VAL A 99 -8.14 -14.33 -23.67
N ALA A 100 -6.95 -14.06 -23.15
CA ALA A 100 -6.03 -13.20 -23.86
C ALA A 100 -5.27 -13.97 -24.93
N TYR A 101 -4.83 -13.27 -25.97
CA TYR A 101 -4.02 -13.87 -27.06
C TYR A 101 -2.89 -12.94 -27.48
N PRO A 102 -1.75 -13.54 -27.88
CA PRO A 102 -0.61 -12.74 -28.29
C PRO A 102 -0.89 -11.98 -29.56
N HIS A 103 -0.35 -10.77 -29.66
CA HIS A 103 -0.46 -9.95 -30.86
C HIS A 103 0.87 -9.78 -31.60
N LYS A 104 1.98 -10.09 -30.94
CA LYS A 104 3.31 -10.14 -31.56
C LYS A 104 3.65 -11.60 -31.73
N LEU A 105 4.48 -11.90 -32.70
CA LEU A 105 4.78 -13.28 -32.99
C LEU A 105 5.97 -13.71 -32.14
N PRO A 106 5.83 -14.82 -31.38
CA PRO A 106 6.95 -15.34 -30.62
C PRO A 106 8.19 -15.46 -31.51
N GLN A 107 8.06 -16.26 -32.56
CA GLN A 107 9.15 -16.62 -33.43
C GLN A 107 8.78 -16.24 -34.86
N GLN A 108 9.51 -15.30 -35.45
CA GLN A 108 9.35 -14.95 -36.88
C GLN A 108 9.53 -16.17 -37.80
N PRO A 109 8.84 -16.18 -38.95
CA PRO A 109 9.01 -17.28 -39.89
C PRO A 109 10.27 -17.05 -40.73
N GLN A 110 10.80 -18.12 -41.31
CA GLN A 110 12.07 -18.02 -42.00
C GLN A 110 11.89 -17.52 -43.42
N LYS A 111 12.59 -16.43 -43.76
CA LYS A 111 12.67 -15.92 -45.14
C LYS A 111 12.84 -17.02 -46.21
N THR A 112 12.06 -16.95 -47.30
CA THR A 112 12.17 -17.89 -48.41
C THR A 112 12.18 -17.13 -49.71
N GLU A 113 12.26 -17.85 -50.83
CA GLU A 113 11.94 -17.30 -52.18
C GLU A 113 10.63 -16.49 -52.24
N PHE A 114 9.64 -17.02 -51.52
CA PHE A 114 8.25 -16.57 -51.59
C PHE A 114 7.90 -15.50 -50.59
N LYS A 115 7.39 -14.37 -51.09
CA LYS A 115 6.98 -13.29 -50.19
C LYS A 115 5.73 -13.73 -49.40
N ARG A 116 5.56 -13.12 -48.24
CA ARG A 116 4.56 -13.55 -47.27
C ARG A 116 3.52 -12.43 -47.02
N GLY A 117 2.29 -12.84 -46.74
CA GLY A 117 1.27 -11.92 -46.28
C GLY A 117 1.10 -12.08 -44.79
N LYS A 118 0.38 -11.16 -44.18
CA LYS A 118 0.03 -11.23 -42.76
C LYS A 118 -1.43 -11.59 -42.62
N ILE A 119 -1.78 -12.08 -41.45
CA ILE A 119 -3.12 -12.53 -41.17
C ILE A 119 -3.36 -12.31 -39.66
N THR A 120 -4.42 -11.58 -39.31
CA THR A 120 -4.65 -11.07 -37.94
C THR A 120 -4.34 -12.05 -36.81
N PRO A 121 -3.72 -11.56 -35.72
CA PRO A 121 -3.41 -12.43 -34.58
C PRO A 121 -4.66 -13.02 -33.94
N ASN A 122 -5.81 -12.36 -34.16
CA ASN A 122 -7.14 -12.89 -33.78
C ASN A 122 -7.41 -14.28 -34.34
N SER A 123 -6.64 -14.66 -35.37
CA SER A 123 -6.81 -15.93 -36.03
C SER A 123 -5.51 -16.74 -36.03
N TRP A 124 -4.60 -16.50 -35.07
CA TRP A 124 -3.41 -17.36 -34.93
C TRP A 124 -3.76 -18.52 -34.07
N GLY A 125 -3.26 -19.70 -34.43
CA GLY A 125 -3.54 -20.90 -33.66
C GLY A 125 -5.00 -21.27 -33.66
N LEU A 126 -5.37 -22.20 -32.79
CA LEU A 126 -6.71 -22.80 -32.79
C LEU A 126 -7.89 -21.83 -32.69
N ASP A 127 -8.89 -22.07 -33.52
CA ASP A 127 -10.05 -21.22 -33.65
C ASP A 127 -10.57 -20.91 -32.27
N TYR A 128 -10.56 -19.64 -31.91
CA TYR A 128 -11.04 -19.22 -30.58
C TYR A 128 -12.42 -19.81 -30.26
N HIS A 129 -13.32 -19.86 -31.22
CA HIS A 129 -14.64 -20.45 -31.00
C HIS A 129 -14.51 -21.80 -30.33
N TYR A 130 -13.63 -22.65 -30.82
CA TYR A 130 -13.48 -23.95 -30.20
C TYR A 130 -12.83 -23.83 -28.81
N VAL A 131 -11.79 -23.02 -28.70
CA VAL A 131 -11.05 -22.88 -27.45
C VAL A 131 -12.00 -22.43 -26.31
N LEU A 132 -12.76 -21.38 -26.56
CA LEU A 132 -13.64 -20.82 -25.54
C LEU A 132 -14.84 -21.71 -25.21
N GLN A 133 -15.43 -22.35 -26.22
CA GLN A 133 -16.54 -23.27 -25.95
C GLN A 133 -16.06 -24.40 -25.07
N ASP A 134 -14.83 -24.85 -25.28
CA ASP A 134 -14.22 -25.85 -24.39
C ASP A 134 -14.10 -25.33 -22.95
N LYS A 135 -13.55 -24.12 -22.78
CA LYS A 135 -13.44 -23.47 -21.46
C LYS A 135 -14.79 -23.28 -20.73
N LEU A 136 -15.80 -22.75 -21.44
CA LEU A 136 -17.17 -22.66 -20.91
C LEU A 136 -17.82 -24.00 -20.54
N LYS A 137 -17.44 -25.07 -21.22
CA LYS A 137 -17.99 -26.39 -20.93
C LYS A 137 -17.44 -26.85 -19.60
N ARG A 138 -16.13 -26.70 -19.45
CA ARG A 138 -15.40 -27.02 -18.20
C ARG A 138 -15.90 -26.24 -16.98
N LEU A 139 -16.05 -24.93 -17.15
CA LEU A 139 -16.65 -24.06 -16.13
C LEU A 139 -18.05 -24.51 -15.72
N ALA A 140 -18.90 -24.82 -16.69
CA ALA A 140 -20.23 -25.34 -16.41
C ALA A 140 -20.17 -26.70 -15.69
N LYS A 141 -19.28 -27.60 -16.10
CA LYS A 141 -19.16 -28.93 -15.45
C LYS A 141 -18.66 -28.79 -14.02
N GLY A 142 -17.77 -27.82 -13.79
CA GLY A 142 -17.24 -27.52 -12.47
C GLY A 142 -18.20 -26.77 -11.56
N ILE A 143 -19.24 -26.18 -12.14
CA ILE A 143 -20.34 -25.56 -11.38
C ILE A 143 -21.49 -26.57 -11.11
N GLU A 144 -21.71 -27.50 -12.04
CA GLU A 144 -22.72 -28.57 -11.85
C GLU A 144 -22.57 -29.24 -10.49
N LYS A 145 -21.32 -29.49 -10.12
CA LYS A 145 -20.98 -30.14 -8.86
C LYS A 145 -21.35 -29.31 -7.61
N LEU A 146 -21.04 -28.02 -7.66
CA LEU A 146 -21.16 -27.15 -6.48
C LEU A 146 -22.52 -26.47 -6.32
N THR A 147 -23.56 -26.95 -6.99
CA THR A 147 -24.94 -26.45 -6.79
C THR A 147 -25.94 -27.50 -7.29
N GLU A 148 -27.22 -27.15 -7.25
CA GLU A 148 -28.28 -28.00 -7.77
C GLU A 148 -29.21 -27.15 -8.62
N ASN A 149 -29.88 -27.80 -9.59
CA ASN A 149 -30.75 -27.10 -10.55
C ASN A 149 -30.02 -26.06 -11.41
N PHE A 150 -28.71 -26.24 -11.59
CA PHE A 150 -27.93 -25.31 -12.38
C PHE A 150 -28.38 -25.35 -13.84
N GLU A 151 -28.66 -24.19 -14.41
CA GLU A 151 -29.06 -24.08 -15.81
C GLU A 151 -28.21 -23.05 -16.53
N TYR A 152 -27.75 -23.38 -17.74
CA TYR A 152 -26.87 -22.49 -18.49
C TYR A 152 -27.07 -22.49 -19.99
N LYS A 153 -26.40 -21.53 -20.64
CA LYS A 153 -26.48 -21.32 -22.07
C LYS A 153 -25.22 -20.56 -22.47
N GLY A 154 -24.32 -21.25 -23.17
CA GLY A 154 -23.02 -20.67 -23.55
C GLY A 154 -23.04 -19.97 -24.90
N MET A 155 -22.32 -18.88 -25.00
CA MET A 155 -22.17 -18.14 -26.26
C MET A 155 -20.73 -17.71 -26.50
N VAL A 156 -20.28 -17.77 -27.75
CA VAL A 156 -19.01 -17.13 -28.11
C VAL A 156 -19.04 -16.74 -29.60
N ASP A 157 -19.16 -15.43 -29.84
CA ASP A 157 -19.24 -14.81 -31.16
C ASP A 157 -20.55 -15.11 -31.90
N THR A 158 -20.92 -16.38 -31.96
CA THR A 158 -22.00 -16.83 -32.85
C THR A 158 -23.34 -16.82 -32.18
N GLY A 159 -23.36 -16.45 -30.89
CA GLY A 159 -24.60 -16.29 -30.15
C GLY A 159 -25.29 -14.94 -30.44
N ALA A 160 -26.47 -14.76 -29.84
CA ALA A 160 -27.34 -13.60 -30.07
C ALA A 160 -26.96 -12.34 -29.30
N LEU A 161 -26.32 -12.51 -28.17
CA LEU A 161 -25.91 -11.34 -27.39
C LEU A 161 -24.80 -10.53 -28.05
N VAL A 162 -24.73 -9.26 -27.65
CA VAL A 162 -23.63 -8.37 -27.98
C VAL A 162 -22.50 -8.69 -27.00
N ASP A 163 -21.56 -9.53 -27.42
CA ASP A 163 -20.50 -10.04 -26.55
C ASP A 163 -19.70 -8.91 -25.89
N THR A 164 -19.71 -7.78 -26.55
CA THR A 164 -18.83 -6.71 -26.22
C THR A 164 -19.42 -5.92 -25.04
N ALA A 165 -20.74 -5.75 -25.07
CA ALA A 165 -21.48 -4.98 -24.08
C ALA A 165 -21.73 -5.77 -22.81
N VAL A 166 -21.79 -7.08 -22.97
CA VAL A 166 -21.85 -7.98 -21.84
C VAL A 166 -20.58 -7.87 -21.00
N ALA A 167 -19.43 -7.98 -21.66
CA ALA A 167 -18.15 -7.89 -20.97
C ALA A 167 -17.91 -6.53 -20.29
N LYS A 168 -18.53 -5.48 -20.80
CA LYS A 168 -18.47 -4.18 -20.14
C LYS A 168 -19.27 -4.16 -18.82
N ARG A 169 -20.56 -4.45 -18.89
CA ARG A 169 -21.38 -4.57 -17.65
C ARG A 169 -20.76 -5.52 -16.62
N ALA A 170 -19.95 -6.48 -17.06
CA ALA A 170 -19.36 -7.44 -16.14
C ALA A 170 -17.98 -6.99 -15.65
N GLY A 171 -17.57 -5.80 -16.06
CA GLY A 171 -16.27 -5.25 -15.68
C GLY A 171 -15.07 -6.07 -16.14
N ILE A 172 -15.10 -6.54 -17.38
CA ILE A 172 -13.90 -7.15 -18.01
C ILE A 172 -13.00 -6.00 -18.50
N GLY A 173 -13.64 -4.96 -18.98
CA GLY A 173 -12.93 -3.81 -19.47
C GLY A 173 -13.97 -2.84 -19.95
N PHE A 174 -13.50 -1.78 -20.61
CA PHE A 174 -14.37 -0.74 -21.14
C PHE A 174 -14.41 -0.81 -22.68
N ILE A 175 -15.45 -0.22 -23.27
CA ILE A 175 -15.59 -0.21 -24.69
C ILE A 175 -14.87 1.03 -25.20
N GLY A 176 -13.87 0.83 -26.05
CA GLY A 176 -13.18 1.94 -26.68
C GLY A 176 -14.00 2.67 -27.73
N LYS A 177 -13.42 3.74 -28.27
CA LYS A 177 -13.99 4.43 -29.42
C LYS A 177 -13.85 3.54 -30.68
N ASN A 178 -12.90 2.59 -30.62
CA ASN A 178 -12.72 1.61 -31.70
C ASN A 178 -13.75 0.49 -31.66
N GLY A 179 -14.64 0.50 -30.68
CA GLY A 179 -15.73 -0.47 -30.59
C GLY A 179 -15.38 -1.70 -29.78
N LEU A 180 -14.11 -1.87 -29.47
CA LEU A 180 -13.64 -3.07 -28.79
C LEU A 180 -13.59 -2.96 -27.26
N VAL A 181 -13.57 -4.12 -26.62
CA VAL A 181 -13.42 -4.19 -25.17
C VAL A 181 -11.95 -4.20 -24.82
N ILE A 182 -11.57 -3.24 -23.98
CA ILE A 182 -10.18 -2.99 -23.59
C ILE A 182 -10.00 -3.23 -22.09
N SER A 183 -9.09 -4.13 -21.74
CA SER A 183 -8.69 -4.30 -20.33
C SER A 183 -7.31 -3.69 -20.11
N LYS A 184 -7.09 -3.18 -18.89
CA LYS A 184 -5.77 -2.69 -18.45
C LYS A 184 -4.71 -3.77 -18.54
N GLU A 185 -5.10 -4.94 -18.08
CA GLU A 185 -4.20 -6.08 -17.89
C GLU A 185 -3.69 -6.65 -19.22
N TYR A 186 -4.61 -6.87 -20.18
CA TYR A 186 -4.32 -7.59 -21.42
C TYR A 186 -4.64 -6.84 -22.70
N GLY A 187 -5.00 -5.58 -22.58
CA GLY A 187 -5.32 -4.76 -23.75
C GLY A 187 -6.66 -5.14 -24.34
N SER A 188 -6.84 -4.87 -25.64
CA SER A 188 -7.99 -5.38 -26.40
C SER A 188 -7.74 -6.78 -26.94
N TYR A 189 -6.50 -7.25 -26.85
CA TYR A 189 -6.15 -8.59 -27.36
C TYR A 189 -6.69 -9.71 -26.49
N MET A 190 -8.03 -9.71 -26.38
CA MET A 190 -8.81 -10.77 -25.72
C MET A 190 -9.98 -11.30 -26.57
N TYR A 191 -10.14 -12.63 -26.55
CA TYR A 191 -11.37 -13.29 -27.03
C TYR A 191 -12.41 -13.21 -25.94
N LEU A 192 -13.68 -13.03 -26.31
CA LEU A 192 -14.76 -12.93 -25.35
C LEU A 192 -15.78 -14.06 -25.46
N GLY A 193 -16.38 -14.39 -24.33
CA GLY A 193 -17.47 -15.35 -24.23
C GLY A 193 -18.45 -15.00 -23.11
N GLU A 194 -19.56 -15.71 -23.07
CA GLU A 194 -20.60 -15.54 -22.04
C GLU A 194 -21.20 -16.87 -21.65
N LEU A 195 -21.48 -17.01 -20.36
CA LEU A 195 -22.29 -18.11 -19.87
C LEU A 195 -23.51 -17.50 -19.19
N ILE A 196 -24.63 -17.52 -19.89
CA ILE A 196 -25.90 -17.10 -19.30
C ILE A 196 -26.32 -18.19 -18.33
N THR A 197 -26.87 -17.79 -17.18
CA THR A 197 -27.12 -18.73 -16.09
C THR A 197 -28.28 -18.32 -15.16
N ASN A 198 -28.79 -19.30 -14.41
CA ASN A 198 -29.88 -19.08 -13.43
C ASN A 198 -29.39 -18.87 -11.98
N LEU A 199 -28.11 -18.56 -11.80
CA LEU A 199 -27.54 -18.30 -10.49
C LEU A 199 -27.79 -16.86 -10.02
N GLU A 200 -28.00 -16.71 -8.71
CA GLU A 200 -28.11 -15.40 -8.09
C GLU A 200 -26.71 -15.06 -7.64
N ILE A 201 -26.06 -14.11 -8.30
CA ILE A 201 -24.68 -13.75 -7.94
C ILE A 201 -24.45 -12.26 -7.96
N GLU A 202 -23.58 -11.84 -7.04
CA GLU A 202 -23.14 -10.45 -6.89
C GLU A 202 -22.52 -9.93 -8.18
N PRO A 203 -23.19 -8.94 -8.83
CA PRO A 203 -22.56 -8.33 -9.99
C PRO A 203 -21.20 -7.71 -9.63
N ASP A 204 -20.24 -7.83 -10.55
CA ASP A 204 -18.98 -7.10 -10.44
C ASP A 204 -19.23 -5.62 -10.71
N GLN A 205 -18.16 -4.82 -10.60
CA GLN A 205 -18.29 -3.38 -10.59
C GLN A 205 -18.50 -2.72 -11.96
N GLU A 206 -17.48 -2.83 -12.80
CA GLU A 206 -17.27 -2.02 -14.03
C GLU A 206 -15.89 -1.39 -13.82
N VAL A 207 -15.54 -0.39 -14.62
CA VAL A 207 -14.16 0.05 -14.70
C VAL A 207 -14.10 1.58 -14.66
N ASP A 208 -13.03 2.12 -14.06
CA ASP A 208 -12.85 3.58 -13.91
C ASP A 208 -12.25 4.15 -15.19
N TYR A 209 -11.31 3.40 -15.79
CA TYR A 209 -10.54 3.89 -16.94
C TYR A 209 -11.30 3.78 -18.26
N GLY A 210 -11.04 4.76 -19.12
CA GLY A 210 -11.70 4.88 -20.41
C GLY A 210 -10.74 5.38 -21.49
N CYS A 211 -11.29 6.10 -22.46
CA CYS A 211 -10.52 6.60 -23.59
C CYS A 211 -9.91 7.98 -23.28
N GLY A 212 -10.73 8.88 -22.75
CA GLY A 212 -10.36 10.25 -22.54
C GLY A 212 -10.65 11.00 -23.81
N ASP A 213 -9.66 11.74 -24.29
CA ASP A 213 -9.77 12.44 -25.58
C ASP A 213 -8.71 11.87 -26.52
N CYS A 214 -8.66 10.53 -26.64
CA CYS A 214 -7.53 9.85 -27.33
C CYS A 214 -7.56 9.85 -28.87
N ARG A 215 -8.64 9.39 -29.47
CA ARG A 215 -8.82 9.54 -30.93
C ARG A 215 -7.79 8.89 -31.87
N ARG A 216 -6.85 8.10 -31.37
CA ARG A 216 -5.77 7.57 -32.24
C ARG A 216 -6.32 6.61 -33.32
N CYS A 217 -7.13 5.66 -32.86
CA CYS A 217 -7.83 4.69 -33.69
C CYS A 217 -8.66 5.39 -34.77
N LEU A 218 -9.48 6.35 -34.36
CA LEU A 218 -10.27 7.11 -35.34
C LEU A 218 -9.47 7.73 -36.49
N ASP A 219 -8.22 8.09 -36.23
CA ASP A 219 -7.38 8.77 -37.23
C ASP A 219 -6.52 7.80 -37.99
N ALA A 220 -6.31 6.62 -37.41
CA ALA A 220 -5.50 5.56 -38.03
C ALA A 220 -6.32 4.64 -38.95
N CYS A 221 -7.62 4.49 -38.68
CA CYS A 221 -8.46 3.63 -39.52
C CYS A 221 -8.34 4.09 -40.97
N PRO A 222 -7.85 3.20 -41.86
CA PRO A 222 -7.53 3.58 -43.22
C PRO A 222 -8.73 3.82 -44.10
N THR A 223 -9.89 3.44 -43.63
CA THR A 223 -11.13 3.71 -44.34
C THR A 223 -11.99 4.76 -43.63
N SER A 224 -11.59 5.16 -42.42
CA SER A 224 -12.41 6.06 -41.57
C SER A 224 -13.79 5.49 -41.32
N CYS A 225 -13.88 4.18 -41.09
CA CYS A 225 -15.21 3.56 -40.84
C CYS A 225 -15.76 3.90 -39.43
N LEU A 226 -14.85 4.01 -38.46
CA LEU A 226 -15.20 4.29 -37.05
C LEU A 226 -15.86 5.66 -36.92
N ILE A 227 -17.00 5.72 -36.24
CA ILE A 227 -17.82 6.94 -36.24
C ILE A 227 -17.47 7.91 -35.11
N GLY A 228 -16.87 7.38 -34.05
CA GLY A 228 -16.39 8.19 -32.93
C GLY A 228 -16.86 7.73 -31.56
N ASP A 229 -18.07 7.19 -31.51
CA ASP A 229 -18.71 6.73 -30.27
C ASP A 229 -18.69 5.21 -30.02
N GLY A 230 -17.68 4.51 -30.55
CA GLY A 230 -17.61 3.03 -30.46
C GLY A 230 -18.47 2.32 -31.49
N THR A 231 -18.89 3.07 -32.49
CA THR A 231 -19.83 2.64 -33.50
C THR A 231 -19.18 2.83 -34.86
N MET A 232 -19.75 2.20 -35.90
CA MET A 232 -18.99 1.91 -37.12
C MET A 232 -19.85 1.82 -38.38
N ASN A 233 -19.31 2.24 -39.52
CA ASN A 233 -19.83 1.72 -40.82
C ASN A 233 -19.12 0.43 -41.24
N ALA A 234 -19.62 -0.73 -40.78
CA ALA A 234 -18.85 -1.98 -40.82
C ALA A 234 -18.58 -2.46 -42.24
N ARG A 235 -19.54 -2.18 -43.09
CA ARG A 235 -19.46 -2.20 -44.50
C ARG A 235 -18.10 -1.67 -45.03
N ARG A 236 -17.47 -0.73 -44.32
CA ARG A 236 -16.13 -0.19 -44.73
C ARG A 236 -14.98 -0.63 -43.82
N CYS A 237 -15.25 -1.52 -42.87
CA CYS A 237 -14.14 -2.12 -42.14
C CYS A 237 -13.39 -3.08 -43.08
N LEU A 238 -12.06 -2.97 -43.07
CA LEU A 238 -11.24 -3.91 -43.82
C LEU A 238 -11.35 -5.30 -43.27
N SER A 239 -11.66 -5.45 -41.98
CA SER A 239 -11.83 -6.81 -41.45
C SER A 239 -12.98 -7.50 -42.16
N PHE A 240 -14.01 -6.70 -42.46
CA PHE A 240 -15.17 -7.18 -43.18
C PHE A 240 -14.77 -7.45 -44.61
N GLN A 241 -14.07 -6.51 -45.22
CA GLN A 241 -13.77 -6.63 -46.63
C GLN A 241 -12.98 -7.90 -46.92
N THR A 242 -12.08 -8.24 -46.03
CA THR A 242 -11.32 -9.47 -46.20
C THR A 242 -12.21 -10.70 -46.09
N GLN A 243 -13.37 -10.57 -45.46
CA GLN A 243 -14.29 -11.68 -45.26
C GLN A 243 -15.50 -11.66 -46.16
N ASP A 244 -15.78 -10.52 -46.77
CA ASP A 244 -16.94 -10.42 -47.65
C ASP A 244 -16.72 -11.26 -48.92
N LYS A 245 -17.76 -11.90 -49.39
CA LYS A 245 -17.69 -12.65 -50.64
C LYS A 245 -17.81 -11.73 -51.82
N GLY A 246 -17.55 -12.25 -52.99
CA GLY A 246 -17.58 -11.45 -54.19
C GLY A 246 -16.28 -10.74 -54.50
N MET A 247 -16.43 -9.61 -55.15
CA MET A 247 -15.36 -8.86 -55.67
C MET A 247 -15.14 -7.67 -54.73
N MET A 248 -13.95 -7.60 -54.10
CA MET A 248 -13.58 -6.44 -53.26
C MET A 248 -13.51 -5.15 -54.05
N ASP A 249 -14.24 -4.11 -53.64
CA ASP A 249 -14.20 -2.83 -54.34
C ASP A 249 -12.78 -2.29 -54.42
N MET A 250 -12.50 -1.56 -55.50
CA MET A 250 -11.19 -0.97 -55.76
C MET A 250 -10.57 -0.26 -54.58
N GLU A 251 -11.37 0.48 -53.83
CA GLU A 251 -10.81 1.28 -52.76
C GLU A 251 -10.02 0.45 -51.74
N PHE A 252 -10.57 -0.71 -51.38
CA PHE A 252 -10.02 -1.48 -50.26
C PHE A 252 -8.85 -2.36 -50.62
N ARG A 253 -8.66 -2.63 -51.91
CA ARG A 253 -7.61 -3.51 -52.38
C ARG A 253 -6.23 -3.00 -51.95
N LYS A 254 -5.93 -1.76 -52.33
CA LYS A 254 -4.66 -1.14 -51.99
C LYS A 254 -4.46 -1.12 -50.45
N LYS A 255 -5.55 -0.92 -49.74
CA LYS A 255 -5.49 -0.69 -48.31
C LYS A 255 -5.29 -1.91 -47.42
N ILE A 256 -5.62 -3.10 -47.89
CA ILE A 256 -5.37 -4.29 -47.05
C ILE A 256 -3.89 -4.60 -47.06
N LYS A 257 -3.13 -3.86 -47.87
CA LYS A 257 -1.67 -4.05 -48.00
C LYS A 257 -1.41 -5.52 -48.18
N THR A 258 -0.78 -6.16 -47.20
CA THR A 258 -0.54 -7.61 -47.26
C THR A 258 -1.31 -8.38 -46.20
N VAL A 259 -2.21 -7.71 -45.51
CA VAL A 259 -3.02 -8.35 -44.48
C VAL A 259 -4.21 -9.01 -45.15
N ILE A 260 -4.15 -10.33 -45.32
CA ILE A 260 -5.13 -11.07 -46.09
C ILE A 260 -6.31 -11.59 -45.30
N TYR A 261 -6.33 -11.30 -44.01
CA TYR A 261 -7.48 -11.65 -43.15
C TYR A 261 -7.52 -10.75 -41.91
N GLY A 262 -8.62 -10.02 -41.73
CA GLY A 262 -8.76 -9.13 -40.59
C GLY A 262 -7.97 -7.85 -40.75
N CYS A 263 -8.10 -7.00 -39.74
CA CYS A 263 -7.39 -5.75 -39.62
C CYS A 263 -7.17 -5.52 -38.13
N ASP A 264 -5.99 -5.05 -37.77
CA ASP A 264 -5.64 -4.70 -36.39
C ASP A 264 -5.23 -3.25 -36.21
N ILE A 265 -5.37 -2.43 -37.24
CA ILE A 265 -4.85 -1.06 -37.21
C ILE A 265 -5.42 -0.26 -36.00
N CYS A 266 -6.70 -0.42 -35.71
CA CYS A 266 -7.39 0.35 -34.63
C CYS A 266 -7.03 -0.16 -33.24
N GLN A 267 -6.28 -1.26 -33.18
CA GLN A 267 -5.76 -1.81 -31.93
C GLN A 267 -4.25 -1.57 -31.74
N ILE A 268 -3.48 -1.74 -32.82
CA ILE A 268 -2.07 -1.39 -32.82
C ILE A 268 -1.87 0.08 -32.45
N SER A 269 -2.77 0.95 -32.90
CA SER A 269 -2.69 2.38 -32.61
C SER A 269 -3.20 2.74 -31.19
N CYS A 270 -3.65 1.75 -30.41
CA CYS A 270 -4.26 2.02 -29.10
C CYS A 270 -3.22 2.02 -27.98
N PRO A 271 -3.19 3.11 -27.18
CA PRO A 271 -2.27 3.26 -26.05
C PRO A 271 -2.30 2.07 -25.13
N TYR A 272 -3.49 1.55 -24.84
CA TYR A 272 -3.61 0.41 -23.94
C TYR A 272 -2.94 -0.85 -24.42
N ASN A 273 -2.55 -0.89 -25.69
CA ASN A 273 -1.83 -2.05 -26.24
C ASN A 273 -0.32 -1.81 -26.31
N ARG A 274 0.07 -0.57 -26.03
CA ARG A 274 1.46 -0.10 -26.01
C ARG A 274 2.46 -1.17 -25.54
N GLY A 275 2.24 -1.76 -24.37
CA GLY A 275 3.23 -2.68 -23.83
C GLY A 275 2.69 -3.93 -23.20
N ILE A 276 2.08 -4.79 -24.01
CA ILE A 276 1.70 -6.13 -23.54
C ILE A 276 2.32 -7.17 -24.44
N ASP A 277 2.76 -8.26 -23.83
CA ASP A 277 2.84 -9.54 -24.52
C ASP A 277 1.91 -10.48 -23.72
N ASN A 278 1.32 -11.46 -24.38
CA ASN A 278 0.27 -12.27 -23.77
C ASN A 278 0.61 -13.76 -23.87
N PRO A 279 -0.19 -14.64 -23.22
CA PRO A 279 0.31 -16.00 -22.98
C PRO A 279 0.37 -16.99 -24.17
N LEU A 280 -0.74 -17.63 -24.53
CA LEU A 280 -0.66 -18.87 -25.31
C LEU A 280 -0.08 -18.67 -26.71
N ASP A 283 -0.77 -22.35 -29.07
CA ASP A 283 0.42 -22.59 -29.91
C ASP A 283 0.30 -22.07 -31.38
N ILE A 284 1.35 -21.36 -31.84
CA ILE A 284 1.35 -20.67 -33.13
C ILE A 284 2.36 -21.22 -34.13
N ASP A 285 1.87 -21.72 -35.26
CA ASP A 285 2.74 -21.96 -36.42
C ASP A 285 2.91 -20.64 -37.15
N PRO A 286 4.14 -20.13 -37.22
CA PRO A 286 4.29 -18.83 -37.90
C PRO A 286 3.98 -18.87 -39.41
N ASP A 287 4.02 -20.04 -40.03
CA ASP A 287 3.70 -20.20 -41.47
C ASP A 287 2.21 -20.12 -41.77
N LEU A 288 1.40 -20.36 -40.75
CA LEU A 288 -0.05 -20.13 -40.82
C LEU A 288 -0.39 -18.72 -40.43
N ALA A 289 0.50 -18.04 -39.74
CA ALA A 289 0.26 -16.67 -39.32
C ALA A 289 0.83 -15.67 -40.29
N MET A 290 1.75 -16.12 -41.13
CA MET A 290 2.37 -15.25 -42.14
C MET A 290 2.65 -16.12 -43.35
N PRO A 291 1.57 -16.50 -44.06
CA PRO A 291 1.69 -17.50 -45.09
C PRO A 291 2.32 -17.02 -46.36
N GLU A 292 3.07 -17.92 -46.96
CA GLU A 292 3.74 -17.65 -48.21
C GLU A 292 2.64 -17.64 -49.27
N LEU A 293 2.58 -16.56 -50.04
CA LEU A 293 1.41 -16.29 -50.87
C LEU A 293 1.26 -17.22 -52.08
N LEU A 294 2.30 -17.39 -52.89
CA LEU A 294 2.17 -18.19 -54.09
C LEU A 294 1.92 -19.66 -53.75
N PRO A 295 2.56 -20.17 -52.68
CA PRO A 295 2.20 -21.54 -52.27
C PRO A 295 0.79 -21.61 -51.75
N PHE A 296 0.35 -20.56 -51.06
CA PHE A 296 -1.04 -20.45 -50.64
C PHE A 296 -2.04 -20.53 -51.81
N LEU A 297 -1.69 -19.88 -52.92
CA LEU A 297 -2.52 -19.95 -54.13
C LEU A 297 -2.51 -21.31 -54.78
N GLU A 298 -1.67 -22.23 -54.34
CA GLU A 298 -1.68 -23.60 -54.89
C GLU A 298 -2.65 -24.50 -54.13
N LEU A 299 -3.14 -24.05 -53.00
CA LEU A 299 -3.96 -24.94 -52.18
C LEU A 299 -5.30 -25.27 -52.82
N THR A 300 -5.72 -26.52 -52.62
CA THR A 300 -7.04 -27.00 -53.00
C THR A 300 -7.93 -27.00 -51.77
N ASN A 301 -9.20 -27.28 -51.93
CA ASN A 301 -10.07 -27.40 -50.76
C ASN A 301 -9.54 -28.38 -49.74
N LYS A 302 -9.03 -29.52 -50.23
CA LYS A 302 -8.48 -30.56 -49.38
C LYS A 302 -7.21 -30.07 -48.68
N SER A 303 -6.21 -29.60 -49.42
CA SER A 303 -4.94 -29.19 -48.81
C SER A 303 -5.14 -27.97 -47.91
N PHE A 304 -6.11 -27.12 -48.27
CA PHE A 304 -6.45 -25.99 -47.43
C PHE A 304 -7.03 -26.43 -46.07
N LYS A 305 -8.00 -27.35 -46.09
CA LYS A 305 -8.52 -27.98 -44.86
C LYS A 305 -7.44 -28.56 -43.97
N GLU A 306 -6.59 -29.40 -44.53
CA GLU A 306 -5.54 -30.03 -43.75
C GLU A 306 -4.64 -29.02 -43.07
N THR A 307 -4.36 -27.90 -43.73
CA THR A 307 -3.29 -27.00 -43.27
C THR A 307 -3.78 -25.76 -42.51
N PHE A 308 -4.98 -25.30 -42.85
CA PHE A 308 -5.51 -24.03 -42.37
C PHE A 308 -6.86 -24.19 -41.72
N GLY A 309 -7.40 -25.40 -41.78
CA GLY A 309 -8.79 -25.65 -41.38
C GLY A 309 -9.12 -25.42 -39.92
N MET A 310 -8.09 -25.33 -39.09
CA MET A 310 -8.21 -25.21 -37.65
C MET A 310 -8.33 -23.77 -37.19
N ILE A 311 -7.95 -22.82 -38.04
CA ILE A 311 -7.95 -21.40 -37.62
C ILE A 311 -9.33 -20.76 -37.85
N ALA A 312 -9.58 -19.69 -37.11
CA ALA A 312 -10.83 -18.96 -37.20
C ALA A 312 -11.10 -18.51 -38.64
N GLY A 313 -10.05 -17.98 -39.28
CA GLY A 313 -10.17 -17.40 -40.60
C GLY A 313 -10.53 -18.36 -41.70
N SER A 314 -10.63 -19.64 -41.39
CA SER A 314 -10.95 -20.66 -42.38
C SER A 314 -12.43 -20.88 -42.53
N TRP A 315 -13.24 -20.09 -41.84
CA TRP A 315 -14.69 -20.38 -41.72
C TRP A 315 -15.53 -20.23 -43.00
N ARG A 316 -14.96 -19.58 -44.02
CA ARG A 316 -15.64 -19.50 -45.32
C ARG A 316 -14.92 -20.24 -46.42
N GLY A 317 -13.86 -20.97 -46.08
CA GLY A 317 -13.06 -21.65 -47.08
C GLY A 317 -11.96 -20.80 -47.71
N LYS A 318 -11.27 -21.40 -48.67
CA LYS A 318 -10.05 -20.85 -49.19
C LYS A 318 -10.25 -19.63 -50.10
N ASN A 319 -11.41 -19.56 -50.76
CA ASN A 319 -11.58 -18.62 -51.86
C ASN A 319 -11.45 -17.14 -51.49
N ILE A 320 -12.05 -16.71 -50.39
CA ILE A 320 -11.86 -15.33 -49.99
C ILE A 320 -10.39 -15.02 -49.65
N LEU A 321 -9.72 -15.98 -49.05
CA LEU A 321 -8.31 -15.81 -48.73
C LEU A 321 -7.43 -15.78 -49.96
N GLN A 322 -7.68 -16.66 -50.94
CA GLN A 322 -6.88 -16.66 -52.15
C GLN A 322 -7.10 -15.38 -52.95
N ARG A 323 -8.34 -14.90 -53.01
CA ARG A 323 -8.59 -13.59 -53.59
C ARG A 323 -7.67 -12.55 -52.92
N ASN A 324 -7.70 -12.53 -51.59
CA ASN A 324 -6.93 -11.56 -50.82
C ASN A 324 -5.43 -11.69 -51.08
N ALA A 325 -4.98 -12.92 -51.24
CA ALA A 325 -3.58 -13.19 -51.48
C ALA A 325 -3.18 -12.63 -52.81
N ILE A 326 -4.05 -12.75 -53.82
CA ILE A 326 -3.78 -12.14 -55.13
C ILE A 326 -3.65 -10.64 -54.95
N ILE A 327 -4.51 -10.09 -54.10
CA ILE A 327 -4.43 -8.68 -53.84
C ILE A 327 -3.11 -8.30 -53.17
N ALA A 328 -2.68 -9.11 -52.22
CA ALA A 328 -1.43 -8.86 -51.51
C ALA A 328 -0.29 -8.85 -52.51
N LEU A 329 -0.22 -9.91 -53.31
CA LEU A 329 0.79 -9.99 -54.37
C LEU A 329 0.78 -8.75 -55.28
N ALA A 330 -0.39 -8.23 -55.61
CA ALA A 330 -0.44 -7.03 -56.39
C ALA A 330 0.11 -5.82 -55.60
N ASN A 331 -0.27 -5.71 -54.33
CA ASN A 331 0.25 -4.66 -53.46
C ASN A 331 1.76 -4.71 -53.23
N LEU A 332 2.35 -5.90 -53.30
CA LEU A 332 3.80 -6.03 -53.31
C LEU A 332 4.47 -5.87 -54.67
N HIS A 333 3.71 -5.60 -55.74
CA HIS A 333 4.27 -5.51 -57.11
C HIS A 333 5.15 -6.71 -57.51
N ASP A 334 4.77 -7.92 -57.04
CA ASP A 334 5.63 -9.10 -57.13
C ASP A 334 5.68 -9.65 -58.54
N ARG A 335 6.76 -9.35 -59.25
CA ARG A 335 6.94 -9.87 -60.61
C ARG A 335 6.93 -11.40 -60.67
N ASN A 336 7.23 -12.06 -59.55
CA ASN A 336 7.22 -13.54 -59.54
C ASN A 336 5.85 -14.17 -59.57
N ALA A 337 4.81 -13.37 -59.36
CA ALA A 337 3.46 -13.92 -59.42
C ALA A 337 2.91 -13.96 -60.85
N ILE A 338 3.55 -13.25 -61.78
CA ILE A 338 2.92 -12.99 -63.06
C ILE A 338 2.49 -14.31 -63.70
N VAL A 339 3.37 -15.29 -63.71
CA VAL A 339 3.07 -16.50 -64.46
C VAL A 339 1.90 -17.23 -63.79
N LYS A 340 1.85 -17.16 -62.47
CA LYS A 340 0.73 -17.76 -61.74
C LYS A 340 -0.61 -17.06 -62.02
N LEU A 341 -0.56 -15.75 -62.05
CA LEU A 341 -1.75 -14.98 -62.33
C LEU A 341 -2.25 -15.35 -63.74
N MET A 342 -1.32 -15.59 -64.66
CA MET A 342 -1.70 -15.88 -66.02
C MET A 342 -2.38 -17.23 -66.05
N GLU A 343 -1.93 -18.15 -65.22
CA GLU A 343 -2.51 -19.50 -65.13
C GLU A 343 -3.94 -19.45 -64.58
N ILE A 344 -4.13 -18.67 -63.53
CA ILE A 344 -5.45 -18.49 -62.95
C ILE A 344 -6.42 -17.96 -64.03
N ILE A 345 -5.98 -16.92 -64.72
CA ILE A 345 -6.81 -16.26 -65.73
C ILE A 345 -7.16 -17.18 -66.91
N ASP A 346 -6.22 -17.98 -67.37
CA ASP A 346 -6.47 -18.80 -68.56
C ASP A 346 -7.33 -20.00 -68.22
N LYS A 347 -7.11 -20.59 -67.06
CA LYS A 347 -7.92 -21.71 -66.57
C LYS A 347 -9.35 -21.27 -66.25
N ASN A 348 -9.44 -20.20 -65.49
CA ASN A 348 -10.68 -19.51 -65.21
C ASN A 348 -11.74 -20.34 -64.57
N ASN A 349 -11.31 -21.14 -63.63
CA ASN A 349 -12.20 -22.03 -62.93
C ASN A 349 -12.86 -21.28 -61.79
N ASN A 350 -12.22 -20.21 -61.34
CA ASN A 350 -12.79 -19.30 -60.34
C ASN A 350 -12.82 -17.84 -60.88
N PRO A 351 -14.00 -17.36 -61.28
CA PRO A 351 -14.08 -16.03 -61.89
C PRO A 351 -13.67 -14.88 -60.99
N ILE A 352 -14.02 -14.92 -59.72
CA ILE A 352 -13.58 -13.84 -58.81
C ILE A 352 -12.06 -13.72 -58.83
N HIS A 353 -11.38 -14.87 -58.74
CA HIS A 353 -9.93 -14.89 -58.82
C HIS A 353 -9.39 -14.39 -60.17
N THR A 354 -10.02 -14.83 -61.25
CA THR A 354 -9.64 -14.35 -62.56
C THR A 354 -9.68 -12.84 -62.64
N ALA A 355 -10.82 -12.28 -62.26
CA ALA A 355 -11.01 -10.82 -62.37
C ALA A 355 -10.02 -10.09 -61.47
N THR A 356 -9.77 -10.67 -60.32
CA THR A 356 -8.84 -10.04 -59.37
C THR A 356 -7.42 -10.10 -59.97
N ALA A 357 -7.07 -11.26 -60.54
CA ALA A 357 -5.78 -11.44 -61.19
C ALA A 357 -5.56 -10.48 -62.36
N ILE A 358 -6.58 -10.27 -63.19
CA ILE A 358 -6.47 -9.32 -64.29
C ILE A 358 -6.10 -7.93 -63.79
N TRP A 359 -6.81 -7.47 -62.75
CA TRP A 359 -6.45 -6.25 -62.08
C TRP A 359 -4.99 -6.31 -61.60
N ALA A 360 -4.64 -7.41 -60.96
CA ALA A 360 -3.33 -7.55 -60.33
C ALA A 360 -2.21 -7.37 -61.36
N LEU A 361 -2.41 -7.87 -62.57
CA LEU A 361 -1.39 -7.65 -63.61
C LEU A 361 -1.22 -6.18 -63.95
N GLY A 362 -2.30 -5.41 -63.89
CA GLY A 362 -2.22 -3.98 -64.16
C GLY A 362 -1.46 -3.22 -63.09
N GLU A 363 -1.32 -3.84 -61.94
CA GLU A 363 -0.62 -3.24 -60.83
C GLU A 363 0.88 -3.62 -60.88
N ILE A 364 1.13 -4.92 -61.07
CA ILE A 364 2.46 -5.51 -61.02
C ILE A 364 3.32 -5.09 -62.21
N VAL A 365 2.78 -5.22 -63.42
CA VAL A 365 3.55 -4.92 -64.64
C VAL A 365 3.53 -3.42 -64.92
N LYS A 366 4.50 -2.70 -64.38
CA LYS A 366 4.48 -1.24 -64.39
C LYS A 366 4.77 -0.66 -65.78
N LYS A 367 5.68 -1.28 -66.53
CA LYS A 367 5.98 -0.86 -67.90
C LYS A 367 5.81 -2.03 -68.88
N PRO A 368 4.59 -2.23 -69.35
CA PRO A 368 4.34 -3.44 -70.13
C PRO A 368 5.03 -3.43 -71.49
N ASP A 369 5.73 -4.50 -71.79
CA ASP A 369 6.26 -4.73 -73.13
C ASP A 369 5.12 -4.95 -74.14
N GLU A 370 5.46 -5.00 -75.42
CA GLU A 370 4.47 -5.24 -76.48
C GLU A 370 3.87 -6.62 -76.35
N GLY A 371 4.66 -7.59 -75.89
CA GLY A 371 4.13 -8.95 -75.72
C GLY A 371 2.97 -9.01 -74.73
N MET A 372 3.14 -8.24 -73.64
CA MET A 372 2.17 -8.21 -72.58
C MET A 372 0.94 -7.47 -73.04
N LEU A 373 1.13 -6.38 -73.77
CA LEU A 373 -0.02 -5.66 -74.34
C LEU A 373 -0.84 -6.57 -75.25
N ASP A 374 -0.17 -7.41 -76.04
CA ASP A 374 -0.88 -8.37 -76.89
C ASP A 374 -1.61 -9.44 -76.03
N TYR A 375 -0.98 -9.89 -74.94
CA TYR A 375 -1.62 -10.89 -74.05
C TYR A 375 -2.93 -10.32 -73.57
N MET A 376 -2.85 -9.11 -73.02
CA MET A 376 -4.00 -8.45 -72.36
C MET A 376 -5.05 -8.11 -73.38
N ARG A 377 -4.63 -7.49 -74.49
CA ARG A 377 -5.56 -7.17 -75.57
C ARG A 377 -6.35 -8.42 -75.97
N GLY A 378 -5.66 -9.55 -75.95
CA GLY A 378 -6.20 -10.82 -76.46
C GLY A 378 -7.05 -11.68 -75.52
N LEU A 379 -7.22 -11.26 -74.27
CA LEU A 379 -8.21 -11.88 -73.40
C LEU A 379 -9.55 -11.38 -73.87
N SER A 380 -10.59 -12.20 -73.74
CA SER A 380 -11.97 -11.69 -73.86
C SER A 380 -12.72 -12.30 -72.71
N PRO A 381 -12.84 -11.54 -71.61
CA PRO A 381 -13.41 -12.06 -70.39
C PRO A 381 -14.76 -12.71 -70.59
N LYS A 382 -14.89 -13.91 -70.07
CA LYS A 382 -16.16 -14.63 -69.98
C LYS A 382 -17.28 -13.77 -69.33
N ASP A 383 -17.08 -13.39 -68.07
CA ASP A 383 -18.11 -12.74 -67.26
C ASP A 383 -17.90 -11.23 -66.97
N GLU A 384 -18.89 -10.63 -66.34
CA GLU A 384 -18.97 -9.19 -66.17
C GLU A 384 -17.92 -8.57 -65.27
N HIS A 385 -17.55 -9.22 -64.19
CA HIS A 385 -16.53 -8.70 -63.33
C HIS A 385 -15.14 -8.71 -63.95
N SER A 386 -14.77 -9.84 -64.56
CA SER A 386 -13.55 -9.89 -65.35
C SER A 386 -13.52 -8.84 -66.47
N GLN A 387 -14.65 -8.69 -67.18
CA GLN A 387 -14.81 -7.69 -68.24
C GLN A 387 -14.54 -6.30 -67.70
N ALA A 388 -15.15 -5.99 -66.58
CA ALA A 388 -14.97 -4.69 -65.96
C ALA A 388 -13.51 -4.41 -65.61
N GLU A 389 -12.85 -5.36 -64.97
CA GLU A 389 -11.44 -5.17 -64.56
C GLU A 389 -10.55 -5.07 -65.78
N TRP A 390 -10.87 -5.87 -66.79
CA TRP A 390 -10.13 -5.87 -68.04
C TRP A 390 -10.20 -4.52 -68.74
N GLU A 391 -11.39 -3.96 -68.85
CA GLU A 391 -11.56 -2.63 -69.46
C GLU A 391 -10.66 -1.59 -68.77
N LEU A 392 -10.57 -1.67 -67.45
CA LEU A 392 -9.75 -0.72 -66.71
C LEU A 392 -8.28 -0.87 -66.99
N VAL A 393 -7.79 -2.11 -67.09
CA VAL A 393 -6.35 -2.32 -67.36
C VAL A 393 -6.06 -1.85 -68.76
N CYS A 394 -6.86 -2.32 -69.70
CA CYS A 394 -6.78 -1.82 -71.05
C CYS A 394 -6.68 -0.28 -71.07
N ALA A 395 -7.62 0.40 -70.43
CA ALA A 395 -7.61 1.86 -70.44
C ALA A 395 -6.33 2.42 -69.84
N LYS A 396 -5.88 1.82 -68.74
CA LYS A 396 -4.64 2.24 -68.09
C LYS A 396 -3.43 2.03 -69.02
N TRP A 397 -3.48 1.02 -69.87
CA TRP A 397 -2.37 0.68 -70.75
C TRP A 397 -2.60 1.21 -72.15
N GLN A 398 -3.58 2.10 -72.30
CA GLN A 398 -3.75 2.84 -73.53
C GLN A 398 -3.99 1.90 -74.70
N ILE A 399 -4.64 0.78 -74.42
CA ILE A 399 -5.09 -0.12 -75.47
C ILE A 399 -6.42 0.39 -75.95
N MET B 28 -53.98 -7.43 -0.02
CA MET B 28 -52.85 -8.34 -0.41
C MET B 28 -52.24 -7.88 -1.73
N ASN B 29 -50.90 -7.84 -1.77
CA ASN B 29 -50.11 -7.33 -2.91
C ASN B 29 -50.17 -5.81 -3.19
N ILE B 30 -50.60 -5.02 -2.21
CA ILE B 30 -50.53 -3.55 -2.32
C ILE B 30 -49.09 -3.10 -2.56
N LYS B 31 -48.15 -3.67 -1.82
CA LYS B 31 -46.76 -3.25 -1.88
C LYS B 31 -46.21 -3.42 -3.31
N LEU B 32 -46.59 -4.51 -3.96
CA LEU B 32 -46.16 -4.75 -5.34
C LEU B 32 -46.93 -3.83 -6.29
N GLU B 33 -48.18 -3.54 -5.94
CA GLU B 33 -49.04 -2.66 -6.75
C GLU B 33 -48.62 -1.19 -6.68
N ILE B 34 -48.24 -0.74 -5.48
CA ILE B 34 -47.69 0.59 -5.28
C ILE B 34 -46.42 0.75 -6.11
N GLN B 35 -45.43 -0.10 -5.85
CA GLN B 35 -44.19 -0.10 -6.63
C GLN B 35 -44.45 -0.03 -8.13
N LYS B 36 -45.48 -0.75 -8.56
CA LYS B 36 -45.88 -0.77 -9.97
C LYS B 36 -46.28 0.64 -10.46
N MET B 37 -47.12 1.33 -9.69
CA MET B 37 -47.59 2.68 -10.08
C MET B 37 -46.58 3.79 -9.74
N ALA B 38 -45.67 3.50 -8.81
CA ALA B 38 -44.58 4.40 -8.51
C ALA B 38 -43.78 4.65 -9.78
N LYS B 39 -43.14 3.61 -10.30
CA LYS B 39 -42.31 3.76 -11.50
C LYS B 39 -43.15 4.27 -12.67
N GLU B 40 -44.43 3.92 -12.67
CA GLU B 40 -45.39 4.45 -13.66
C GLU B 40 -45.41 5.98 -13.70
N ILE B 41 -45.44 6.61 -12.53
CA ILE B 41 -45.55 8.08 -12.45
C ILE B 41 -44.21 8.79 -12.19
N GLY B 42 -43.10 8.16 -12.55
CA GLY B 42 -41.80 8.84 -12.60
C GLY B 42 -41.01 8.86 -11.30
N ILE B 43 -41.40 8.05 -10.32
CA ILE B 43 -40.64 7.97 -9.08
C ILE B 43 -39.49 7.00 -9.23
N SER B 44 -38.28 7.47 -9.01
CA SER B 44 -37.06 6.72 -9.33
C SER B 44 -36.71 5.65 -8.30
N LYS B 45 -37.32 5.74 -7.13
CA LYS B 45 -37.10 4.76 -6.08
C LYS B 45 -38.18 4.92 -5.04
N ILE B 46 -38.49 3.83 -4.35
CA ILE B 46 -39.54 3.85 -3.34
C ILE B 46 -39.16 2.88 -2.24
N GLY B 47 -39.62 3.18 -1.04
CA GLY B 47 -39.21 2.46 0.14
C GLY B 47 -40.37 2.46 1.10
N PHE B 48 -40.31 1.58 2.11
CA PHE B 48 -41.36 1.46 3.10
C PHE B 48 -40.75 1.32 4.47
N THR B 49 -41.41 1.87 5.47
CA THR B 49 -40.92 1.78 6.82
C THR B 49 -42.07 2.04 7.76
N THR B 50 -41.85 1.73 9.02
CA THR B 50 -42.89 1.85 10.01
C THR B 50 -43.07 3.31 10.37
N ALA B 51 -44.22 3.60 10.95
CA ALA B 51 -44.46 4.88 11.60
C ALA B 51 -43.87 4.89 13.01
N ASP B 52 -42.87 4.05 13.26
CA ASP B 52 -42.22 4.06 14.56
C ASP B 52 -41.46 5.36 14.68
N ASP B 53 -41.44 5.90 15.89
CA ASP B 53 -40.77 7.15 16.09
C ASP B 53 -39.25 7.08 15.82
N PHE B 54 -38.58 8.22 15.92
CA PHE B 54 -37.18 8.31 15.57
C PHE B 54 -36.33 8.83 16.74
N ASP B 55 -36.65 8.46 17.98
CA ASP B 55 -35.96 9.11 19.12
C ASP B 55 -34.44 8.92 19.15
N TYR B 56 -33.87 8.05 18.32
CA TYR B 56 -32.41 8.03 18.18
C TYR B 56 -31.86 9.39 17.73
N LEU B 57 -32.68 10.17 17.03
CA LEU B 57 -32.34 11.52 16.57
C LEU B 57 -32.41 12.63 17.65
N GLU B 58 -33.41 12.56 18.53
CA GLU B 58 -33.60 13.54 19.60
C GLU B 58 -32.31 14.17 20.07
N LYS B 59 -31.46 13.33 20.65
CA LYS B 59 -30.20 13.75 21.24
C LYS B 59 -29.51 14.81 20.36
N SER B 60 -29.26 14.48 19.10
CA SER B 60 -28.44 15.32 18.20
C SER B 60 -29.22 16.50 17.57
N LEU B 61 -30.50 16.31 17.30
CA LEU B 61 -31.34 17.43 16.86
C LEU B 61 -31.30 18.54 17.89
N ARG B 62 -31.51 18.17 19.14
CA ARG B 62 -31.50 19.10 20.27
C ARG B 62 -30.13 19.72 20.49
N LEU B 63 -29.10 18.96 20.20
CA LEU B 63 -27.74 19.47 20.38
C LEU B 63 -27.39 20.49 19.29
N GLY B 64 -27.91 20.26 18.09
CA GLY B 64 -27.73 21.21 16.97
C GLY B 64 -28.28 22.58 17.34
N VAL B 65 -29.51 22.59 17.81
CA VAL B 65 -30.12 23.84 18.26
C VAL B 65 -29.36 24.49 19.42
N GLU B 66 -28.97 23.73 20.41
CA GLU B 66 -28.33 24.30 21.57
C GLU B 66 -26.92 24.83 21.21
N GLU B 67 -26.21 24.10 20.37
CA GLU B 67 -24.87 24.54 19.93
C GLU B 67 -24.88 25.60 18.80
N GLY B 68 -26.07 25.98 18.30
CA GLY B 68 -26.22 27.04 17.31
C GLY B 68 -25.80 26.67 15.91
N ARG B 69 -25.92 25.38 15.56
CA ARG B 69 -25.45 24.89 14.29
C ARG B 69 -26.60 24.77 13.29
N THR B 70 -27.77 25.21 13.74
CA THR B 70 -29.00 25.12 12.96
C THR B 70 -29.18 26.38 12.07
N THR B 71 -29.81 26.23 10.90
CA THR B 71 -29.97 27.36 9.95
C THR B 71 -31.13 28.29 10.26
N GLY B 72 -32.19 27.74 10.85
CA GLY B 72 -33.43 28.45 11.07
C GLY B 72 -34.49 27.98 10.07
N PHE B 73 -34.11 27.18 9.08
CA PHE B 73 -35.06 26.71 8.07
C PHE B 73 -35.74 25.42 8.53
N GLU B 74 -35.25 24.85 9.63
CA GLU B 74 -35.71 23.60 10.12
C GLU B 74 -37.01 23.77 10.85
N HIS B 75 -37.82 22.74 10.82
CA HIS B 75 -39.06 22.70 11.59
C HIS B 75 -38.71 22.84 13.07
N LYS B 76 -39.43 23.67 13.80
CA LYS B 76 -38.91 24.15 15.09
C LYS B 76 -39.30 23.22 16.24
N ASN B 77 -40.49 22.65 16.15
CA ASN B 77 -41.01 21.74 17.15
C ASN B 77 -40.35 20.36 17.03
N ILE B 78 -39.42 20.08 17.95
CA ILE B 78 -38.63 18.86 17.87
C ILE B 78 -39.48 17.61 18.01
N GLU B 79 -40.51 17.66 18.84
CA GLU B 79 -41.41 16.52 19.01
C GLU B 79 -42.06 16.13 17.70
N GLU B 80 -42.58 17.12 16.97
CA GLU B 80 -43.27 16.87 15.67
C GLU B 80 -42.31 16.26 14.65
N ARG B 81 -41.03 16.42 14.95
CA ARG B 81 -39.97 15.93 14.08
C ARG B 81 -39.71 14.40 14.17
N ILE B 82 -39.88 13.86 15.37
CA ILE B 82 -39.53 12.46 15.69
C ILE B 82 -40.74 11.54 15.90
N TYR B 83 -41.90 12.11 16.20
CA TYR B 83 -43.11 11.32 16.47
C TYR B 83 -44.15 11.46 15.36
N PRO B 84 -44.10 10.57 14.35
CA PRO B 84 -44.98 10.67 13.19
C PRO B 84 -46.46 10.74 13.50
N LYS B 85 -46.86 10.19 14.64
CA LYS B 85 -48.28 10.16 14.99
C LYS B 85 -48.82 11.55 15.28
N LEU B 86 -47.92 12.48 15.62
CA LEU B 86 -48.30 13.89 15.80
C LEU B 86 -48.71 14.57 14.48
N SER B 87 -48.22 14.03 13.36
CA SER B 87 -48.64 14.49 12.03
C SER B 87 -49.87 13.76 11.49
N LEU B 88 -50.16 12.56 12.00
CA LEU B 88 -51.32 11.78 11.48
C LEU B 88 -52.27 11.17 12.55
N GLU B 89 -51.75 10.36 13.48
CA GLU B 89 -52.59 9.65 14.54
C GLU B 89 -52.86 8.22 14.11
N SER B 90 -53.51 8.05 12.97
CA SER B 90 -53.72 6.72 12.38
C SER B 90 -52.49 6.15 11.67
N ALA B 91 -51.30 6.61 12.05
CA ALA B 91 -50.07 6.32 11.31
C ALA B 91 -49.59 4.92 11.60
N LYS B 92 -49.20 4.25 10.52
CA LYS B 92 -48.89 2.83 10.56
C LYS B 92 -47.64 2.54 9.75
N THR B 93 -47.59 3.01 8.51
CA THR B 93 -46.37 2.97 7.71
C THR B 93 -46.04 4.34 7.09
N ILE B 94 -44.78 4.53 6.69
CA ILE B 94 -44.34 5.71 5.95
C ILE B 94 -43.70 5.28 4.66
N ILE B 95 -44.12 5.90 3.56
CA ILE B 95 -43.58 5.58 2.24
C ILE B 95 -42.65 6.70 1.81
N SER B 96 -41.36 6.38 1.67
CA SER B 96 -40.36 7.34 1.22
C SER B 96 -40.20 7.29 -0.26
N ILE B 97 -40.32 8.43 -0.95
CA ILE B 97 -40.04 8.48 -2.39
C ILE B 97 -38.74 9.21 -2.70
N ALA B 98 -38.18 8.92 -3.86
CA ALA B 98 -36.98 9.56 -4.35
C ALA B 98 -37.15 9.78 -5.84
N VAL B 99 -36.87 11.00 -6.30
CA VAL B 99 -36.89 11.30 -7.72
C VAL B 99 -35.49 11.78 -8.05
N ALA B 100 -34.88 11.17 -9.05
CA ALA B 100 -33.52 11.52 -9.42
C ALA B 100 -33.52 12.76 -10.32
N TYR B 101 -32.41 13.52 -10.27
CA TYR B 101 -32.23 14.69 -11.10
C TYR B 101 -30.81 14.76 -11.67
N PRO B 102 -30.66 15.33 -12.88
CA PRO B 102 -29.37 15.40 -13.54
C PRO B 102 -28.49 16.37 -12.82
N HIS B 103 -27.19 16.07 -12.76
CA HIS B 103 -26.22 16.95 -12.13
C HIS B 103 -25.26 17.59 -13.16
N LYS B 104 -25.23 17.00 -14.36
CA LYS B 104 -24.48 17.53 -15.49
C LYS B 104 -25.50 18.11 -16.42
N LEU B 105 -25.10 19.11 -17.19
CA LEU B 105 -26.05 19.81 -18.03
C LEU B 105 -26.13 19.09 -19.38
N PRO B 106 -27.37 18.72 -19.80
CA PRO B 106 -27.55 18.13 -21.12
C PRO B 106 -26.84 18.95 -22.19
N GLN B 107 -27.25 20.21 -22.29
CA GLN B 107 -26.81 21.11 -23.34
C GLN B 107 -26.22 22.35 -22.68
N GLN B 108 -24.91 22.57 -22.86
CA GLN B 108 -24.26 23.81 -22.39
C GLN B 108 -24.93 25.07 -22.98
N PRO B 109 -24.89 26.20 -22.24
CA PRO B 109 -25.46 27.43 -22.77
C PRO B 109 -24.47 28.08 -23.71
N GLN B 110 -24.97 28.96 -24.58
CA GLN B 110 -24.11 29.52 -25.60
C GLN B 110 -23.31 30.71 -25.09
N LYS B 111 -21.97 30.63 -25.20
CA LYS B 111 -21.07 31.74 -24.86
C LYS B 111 -21.59 33.11 -25.36
N THR B 112 -21.52 34.12 -24.51
CA THR B 112 -21.90 35.51 -24.88
C THR B 112 -20.84 36.46 -24.38
N GLU B 113 -21.04 37.75 -24.66
CA GLU B 113 -20.27 38.83 -24.03
C GLU B 113 -20.18 38.66 -22.50
N PHE B 114 -21.30 38.23 -21.92
CA PHE B 114 -21.54 38.20 -20.46
C PHE B 114 -21.12 36.93 -19.78
N LYS B 115 -20.26 37.05 -18.78
CA LYS B 115 -19.81 35.88 -18.04
C LYS B 115 -20.97 35.36 -17.20
N ARG B 116 -20.90 34.06 -16.90
CA ARG B 116 -22.02 33.32 -16.30
C ARG B 116 -21.64 32.78 -14.95
N GLY B 117 -22.63 32.71 -14.07
CA GLY B 117 -22.46 32.01 -12.79
C GLY B 117 -23.12 30.66 -12.87
N LYS B 118 -22.87 29.82 -11.88
CA LYS B 118 -23.53 28.53 -11.76
C LYS B 118 -24.54 28.59 -10.63
N ILE B 119 -25.46 27.65 -10.65
CA ILE B 119 -26.54 27.58 -9.70
C ILE B 119 -26.90 26.11 -9.55
N THR B 120 -26.85 25.59 -8.32
CA THR B 120 -26.93 24.14 -8.05
C THR B 120 -27.95 23.39 -8.90
N PRO B 121 -27.58 22.18 -9.36
CA PRO B 121 -28.52 21.35 -10.12
C PRO B 121 -29.78 20.98 -9.34
N ASN B 122 -29.68 21.03 -8.01
CA ASN B 122 -30.85 20.89 -7.11
C ASN B 122 -31.97 21.88 -7.39
N SER B 123 -31.63 22.94 -8.12
CA SER B 123 -32.58 23.98 -8.48
C SER B 123 -32.67 24.20 -9.99
N TRP B 124 -32.33 23.16 -10.78
CA TRP B 124 -32.57 23.25 -12.25
C TRP B 124 -33.99 22.82 -12.54
N GLY B 125 -34.63 23.50 -13.47
CA GLY B 125 -36.00 23.17 -13.84
C GLY B 125 -36.98 23.37 -12.71
N LEU B 126 -38.20 22.87 -12.90
CA LEU B 126 -39.29 23.11 -11.98
C LEU B 126 -39.03 22.74 -10.52
N ASP B 127 -39.43 23.63 -9.63
CA ASP B 127 -39.21 23.51 -8.22
C ASP B 127 -39.58 22.09 -7.81
N TYR B 128 -38.60 21.35 -7.28
CA TYR B 128 -38.87 19.99 -6.80
C TYR B 128 -40.08 19.89 -5.87
N HIS B 129 -40.26 20.87 -4.99
CA HIS B 129 -41.43 20.90 -4.10
C HIS B 129 -42.71 20.70 -4.86
N TYR B 130 -42.86 21.40 -5.97
CA TYR B 130 -44.06 21.20 -6.76
C TYR B 130 -44.07 19.82 -7.45
N VAL B 131 -42.94 19.44 -8.05
CA VAL B 131 -42.87 18.17 -8.79
C VAL B 131 -43.24 16.97 -7.89
N LEU B 132 -42.64 16.90 -6.69
CA LEU B 132 -42.87 15.79 -5.78
C LEU B 132 -44.24 15.80 -5.15
N GLN B 133 -44.75 16.98 -4.77
CA GLN B 133 -46.12 17.06 -4.25
C GLN B 133 -47.12 16.57 -5.29
N ASP B 134 -46.90 16.86 -6.55
CA ASP B 134 -47.73 16.32 -7.65
C ASP B 134 -47.64 14.76 -7.70
N LYS B 135 -46.43 14.21 -7.67
CA LYS B 135 -46.20 12.75 -7.63
C LYS B 135 -46.87 12.03 -6.43
N LEU B 136 -46.67 12.56 -5.22
CA LEU B 136 -47.39 12.09 -4.03
C LEU B 136 -48.91 12.18 -4.08
N LYS B 137 -49.44 13.15 -4.83
CA LYS B 137 -50.88 13.31 -4.94
C LYS B 137 -51.41 12.17 -5.78
N ARG B 138 -50.73 11.94 -6.91
CA ARG B 138 -51.05 10.86 -7.86
C ARG B 138 -50.99 9.46 -7.20
N LEU B 139 -49.92 9.23 -6.46
CA LEU B 139 -49.75 8.01 -5.67
C LEU B 139 -50.90 7.80 -4.67
N ALA B 140 -51.26 8.84 -3.96
CA ALA B 140 -52.38 8.76 -3.04
C ALA B 140 -53.70 8.50 -3.80
N LYS B 141 -53.94 9.16 -4.93
CA LYS B 141 -55.16 8.97 -5.69
C LYS B 141 -55.26 7.55 -6.25
N GLY B 142 -54.10 7.01 -6.64
CA GLY B 142 -54.02 5.64 -7.12
C GLY B 142 -54.11 4.57 -6.05
N ILE B 143 -53.92 4.96 -4.79
CA ILE B 143 -54.12 4.07 -3.64
C ILE B 143 -55.56 4.19 -3.08
N GLU B 144 -56.17 5.36 -3.18
CA GLU B 144 -57.59 5.57 -2.80
C GLU B 144 -58.50 4.48 -3.40
N LYS B 145 -58.24 4.16 -4.67
CA LYS B 145 -59.00 3.16 -5.41
C LYS B 145 -58.84 1.74 -4.87
N LEU B 146 -57.60 1.36 -4.55
CA LEU B 146 -57.27 -0.02 -4.20
C LEU B 146 -57.37 -0.36 -2.71
N THR B 147 -58.06 0.46 -1.92
CA THR B 147 -58.35 0.16 -0.50
C THR B 147 -59.54 0.98 -0.04
N GLU B 148 -59.84 0.88 1.25
CA GLU B 148 -60.87 1.71 1.87
C GLU B 148 -60.34 2.28 3.16
N ASN B 149 -60.88 3.42 3.58
CA ASN B 149 -60.42 4.13 4.78
C ASN B 149 -58.96 4.59 4.71
N PHE B 150 -58.46 4.78 3.50
CA PHE B 150 -57.09 5.20 3.31
C PHE B 150 -56.90 6.61 3.87
N GLU B 151 -55.87 6.79 4.71
CA GLU B 151 -55.56 8.09 5.28
C GLU B 151 -54.08 8.42 5.09
N TYR B 152 -53.79 9.67 4.68
CA TYR B 152 -52.40 10.07 4.37
C TYR B 152 -52.05 11.48 4.73
N LYS B 153 -50.76 11.76 4.63
CA LYS B 153 -50.21 13.06 4.96
C LYS B 153 -48.87 13.17 4.23
N GLY B 154 -48.83 14.01 3.19
CA GLY B 154 -47.64 14.16 2.33
C GLY B 154 -46.67 15.22 2.80
N MET B 155 -45.38 14.93 2.66
CA MET B 155 -44.33 15.88 3.03
C MET B 155 -43.23 15.93 1.96
N VAL B 156 -42.69 17.13 1.70
CA VAL B 156 -41.48 17.23 0.92
C VAL B 156 -40.74 18.52 1.30
N ASP B 157 -39.62 18.34 2.02
CA ASP B 157 -38.73 19.42 2.50
C ASP B 157 -39.36 20.28 3.60
N THR B 158 -40.58 20.75 3.38
CA THR B 158 -41.21 21.74 4.25
C THR B 158 -42.00 21.12 5.38
N GLY B 159 -42.07 19.80 5.40
CA GLY B 159 -42.72 19.06 6.47
C GLY B 159 -41.83 18.89 7.69
N ALA B 160 -42.40 18.31 8.74
CA ALA B 160 -41.76 18.24 10.06
C ALA B 160 -40.73 17.12 10.18
N LEU B 161 -40.91 16.08 9.39
CA LEU B 161 -40.00 14.95 9.47
C LEU B 161 -38.62 15.26 8.91
N VAL B 162 -37.65 14.47 9.39
CA VAL B 162 -36.33 14.48 8.85
C VAL B 162 -36.35 13.63 7.59
N ASP B 163 -36.50 14.27 6.43
CA ASP B 163 -36.68 13.57 5.15
C ASP B 163 -35.57 12.58 4.87
N THR B 164 -34.43 12.84 5.47
CA THR B 164 -33.22 12.16 5.12
C THR B 164 -33.16 10.83 5.86
N ALA B 165 -33.62 10.85 7.11
CA ALA B 165 -33.62 9.67 8.00
C ALA B 165 -34.79 8.72 7.70
N VAL B 166 -35.87 9.29 7.20
CA VAL B 166 -36.98 8.49 6.72
C VAL B 166 -36.55 7.62 5.55
N ALA B 167 -35.92 8.23 4.57
CA ALA B 167 -35.47 7.51 3.39
C ALA B 167 -34.42 6.43 3.69
N LYS B 168 -33.64 6.62 4.76
CA LYS B 168 -32.72 5.57 5.21
C LYS B 168 -33.47 4.34 5.78
N ARG B 169 -34.29 4.53 6.82
CA ARG B 169 -35.13 3.43 7.32
C ARG B 169 -35.94 2.75 6.25
N ALA B 170 -36.25 3.44 5.17
CA ALA B 170 -37.05 2.82 4.10
C ALA B 170 -36.19 2.17 3.02
N GLY B 171 -34.88 2.18 3.22
CA GLY B 171 -33.95 1.62 2.28
C GLY B 171 -33.96 2.27 0.90
N ILE B 172 -34.00 3.60 0.86
CA ILE B 172 -33.76 4.33 -0.40
C ILE B 172 -32.27 4.38 -0.63
N GLY B 173 -31.52 4.49 0.47
CA GLY B 173 -30.08 4.59 0.38
C GLY B 173 -29.60 4.77 1.78
N PHE B 174 -28.30 5.06 1.91
CA PHE B 174 -27.67 5.29 3.23
C PHE B 174 -27.29 6.77 3.42
N ILE B 175 -27.13 7.18 4.67
CA ILE B 175 -26.75 8.54 4.96
C ILE B 175 -25.23 8.62 4.95
N GLY B 176 -24.69 9.46 4.07
CA GLY B 176 -23.26 9.67 4.01
C GLY B 176 -22.70 10.48 5.19
N LYS B 177 -21.38 10.62 5.21
CA LYS B 177 -20.71 11.50 6.17
C LYS B 177 -21.02 12.96 5.78
N ASN B 178 -21.40 13.18 4.52
CA ASN B 178 -21.83 14.50 4.03
C ASN B 178 -23.27 14.86 4.44
N GLY B 179 -23.96 13.95 5.13
CA GLY B 179 -25.29 14.21 5.66
C GLY B 179 -26.39 13.80 4.71
N LEU B 180 -26.04 13.51 3.46
CA LEU B 180 -27.03 13.25 2.43
C LEU B 180 -27.37 11.77 2.26
N VAL B 181 -28.53 11.52 1.65
CA VAL B 181 -28.95 10.17 1.33
C VAL B 181 -28.38 9.79 -0.02
N ILE B 182 -27.65 8.69 -0.04
CA ILE B 182 -26.92 8.19 -1.20
C ILE B 182 -27.49 6.83 -1.64
N SER B 183 -27.93 6.75 -2.90
CA SER B 183 -28.29 5.48 -3.49
C SER B 183 -27.21 5.03 -4.46
N LYS B 184 -27.04 3.71 -4.59
CA LYS B 184 -26.15 3.10 -5.59
C LYS B 184 -26.55 3.51 -7.00
N GLU B 185 -27.86 3.45 -7.22
CA GLU B 185 -28.46 3.57 -8.56
C GLU B 185 -28.33 4.99 -9.12
N TYR B 186 -28.64 5.99 -8.29
CA TYR B 186 -28.75 7.39 -8.73
C TYR B 186 -27.89 8.38 -7.96
N GLY B 187 -27.03 7.88 -7.08
CA GLY B 187 -26.13 8.73 -6.30
C GLY B 187 -26.90 9.46 -5.21
N SER B 188 -26.38 10.61 -4.80
CA SER B 188 -27.11 11.52 -3.91
C SER B 188 -28.03 12.46 -4.68
N TYR B 189 -27.89 12.49 -6.00
CA TYR B 189 -28.68 13.39 -6.85
C TYR B 189 -30.13 12.96 -6.96
N MET B 190 -30.78 12.92 -5.80
CA MET B 190 -32.21 12.63 -5.64
C MET B 190 -32.93 13.64 -4.72
N TYR B 191 -34.13 14.04 -5.16
CA TYR B 191 -35.10 14.73 -4.32
C TYR B 191 -35.82 13.71 -3.48
N LEU B 192 -36.14 14.05 -2.23
CA LEU B 192 -36.85 13.13 -1.34
C LEU B 192 -38.23 13.63 -0.95
N GLY B 193 -39.10 12.67 -0.68
CA GLY B 193 -40.44 12.93 -0.15
C GLY B 193 -40.94 11.76 0.70
N GLU B 194 -42.07 11.97 1.37
CA GLU B 194 -42.69 10.98 2.24
C GLU B 194 -44.18 11.06 2.16
N LEU B 195 -44.81 9.89 2.21
CA LEU B 195 -46.25 9.80 2.39
C LEU B 195 -46.50 9.00 3.66
N ILE B 196 -46.82 9.71 4.74
CA ILE B 196 -47.22 9.07 6.00
C ILE B 196 -48.63 8.52 5.77
N THR B 197 -48.88 7.32 6.29
CA THR B 197 -50.10 6.57 5.95
C THR B 197 -50.55 5.58 7.05
N ASN B 198 -51.82 5.20 6.98
CA ASN B 198 -52.43 4.25 7.92
C ASN B 198 -52.47 2.79 7.43
N LEU B 199 -51.67 2.49 6.41
CA LEU B 199 -51.59 1.14 5.85
C LEU B 199 -50.64 0.26 6.65
N GLU B 200 -50.98 -1.02 6.74
CA GLU B 200 -50.11 -2.01 7.35
C GLU B 200 -49.32 -2.59 6.20
N ILE B 201 -48.03 -2.30 6.12
CA ILE B 201 -47.21 -2.80 5.02
C ILE B 201 -45.83 -3.25 5.47
N GLU B 202 -45.34 -4.27 4.76
CA GLU B 202 -44.03 -4.86 4.98
C GLU B 202 -42.92 -3.84 4.82
N PRO B 203 -42.23 -3.49 5.93
CA PRO B 203 -41.07 -2.61 5.78
C PRO B 203 -40.04 -3.20 4.83
N ASP B 204 -39.42 -2.33 4.04
CA ASP B 204 -38.27 -2.71 3.22
C ASP B 204 -37.05 -2.91 4.13
N GLN B 205 -35.93 -3.29 3.53
CA GLN B 205 -34.78 -3.76 4.29
C GLN B 205 -33.91 -2.66 4.90
N GLU B 206 -33.30 -1.86 4.04
CA GLU B 206 -32.20 -0.95 4.37
C GLU B 206 -31.10 -1.38 3.42
N VAL B 207 -29.86 -0.94 3.64
CA VAL B 207 -28.83 -1.07 2.61
C VAL B 207 -27.53 -1.60 3.21
N ASP B 208 -26.76 -2.36 2.43
CA ASP B 208 -25.52 -3.00 2.89
C ASP B 208 -24.38 -2.00 2.77
N TYR B 209 -24.40 -1.22 1.70
CA TYR B 209 -23.30 -0.29 1.36
C TYR B 209 -23.34 1.01 2.15
N GLY B 210 -22.14 1.51 2.46
CA GLY B 210 -21.96 2.72 3.25
C GLY B 210 -20.77 3.55 2.75
N CYS B 211 -20.15 4.26 3.68
CA CYS B 211 -19.02 5.15 3.35
C CYS B 211 -17.69 4.40 3.39
N GLY B 212 -17.48 3.65 4.48
CA GLY B 212 -16.22 3.01 4.73
C GLY B 212 -15.33 3.97 5.49
N ASP B 213 -14.11 4.16 4.99
CA ASP B 213 -13.20 5.16 5.53
C ASP B 213 -12.93 6.18 4.44
N CYS B 214 -13.97 6.72 3.81
CA CYS B 214 -13.82 7.56 2.60
C CYS B 214 -13.37 9.02 2.82
N ARG B 215 -14.06 9.78 3.66
CA ARG B 215 -13.59 11.14 4.04
C ARG B 215 -13.39 12.18 2.93
N ARG B 216 -13.79 11.93 1.68
CA ARG B 216 -13.50 12.88 0.58
C ARG B 216 -14.23 14.22 0.76
N CYS B 217 -15.54 14.10 0.99
CA CYS B 217 -16.40 15.22 1.28
C CYS B 217 -15.88 16.03 2.45
N LEU B 218 -15.56 15.38 3.56
CA LEU B 218 -15.01 16.10 4.73
C LEU B 218 -13.78 16.97 4.43
N ASP B 219 -12.98 16.57 3.45
CA ASP B 219 -11.75 17.27 3.09
C ASP B 219 -11.95 18.26 1.96
N ALA B 220 -13.02 18.09 1.19
CA ALA B 220 -13.37 18.99 0.07
C ALA B 220 -14.28 20.15 0.49
N CYS B 221 -15.08 19.99 1.53
CA CYS B 221 -15.92 21.08 2.04
C CYS B 221 -15.05 22.28 2.31
N PRO B 222 -15.29 23.40 1.58
CA PRO B 222 -14.41 24.54 1.63
C PRO B 222 -14.50 25.34 2.90
N THR B 223 -15.51 25.08 3.70
CA THR B 223 -15.64 25.71 5.01
C THR B 223 -15.35 24.75 6.15
N SER B 224 -15.17 23.46 5.82
CA SER B 224 -15.06 22.40 6.85
C SER B 224 -16.26 22.36 7.80
N CYS B 225 -17.47 22.56 7.28
CA CYS B 225 -18.65 22.61 8.17
C CYS B 225 -19.02 21.21 8.64
N LEU B 226 -18.80 20.22 7.77
CA LEU B 226 -19.15 18.83 8.05
C LEU B 226 -18.34 18.29 9.23
N ILE B 227 -19.02 17.69 10.20
CA ILE B 227 -18.36 17.36 11.47
C ILE B 227 -17.72 15.96 11.44
N GLY B 228 -18.21 15.09 10.57
CA GLY B 228 -17.64 13.74 10.37
C GLY B 228 -18.67 12.61 10.41
N ASP B 229 -19.68 12.76 11.26
CA ASP B 229 -20.71 11.77 11.48
C ASP B 229 -22.05 12.00 10.74
N GLY B 230 -22.02 12.68 9.61
CA GLY B 230 -23.24 13.06 8.88
C GLY B 230 -23.93 14.30 9.46
N THR B 231 -23.20 15.02 10.28
CA THR B 231 -23.69 16.15 11.04
C THR B 231 -22.83 17.37 10.70
N MET B 232 -23.31 18.57 11.04
CA MET B 232 -22.85 19.80 10.36
C MET B 232 -22.96 21.07 11.21
N ASN B 233 -22.03 22.01 11.04
CA ASN B 233 -22.32 23.41 11.43
C ASN B 233 -22.96 24.16 10.24
N ALA B 234 -24.28 24.13 10.13
CA ALA B 234 -25.00 24.53 8.90
C ALA B 234 -24.90 26.02 8.61
N ARG B 235 -24.85 26.76 9.69
CA ARG B 235 -24.38 28.12 9.74
C ARG B 235 -23.17 28.37 8.83
N ARG B 236 -22.30 27.37 8.60
CA ARG B 236 -21.10 27.52 7.73
C ARG B 236 -21.22 26.78 6.43
N CYS B 237 -22.38 26.21 6.15
CA CYS B 237 -22.58 25.64 4.83
C CYS B 237 -22.73 26.78 3.84
N LEU B 238 -22.04 26.69 2.72
CA LEU B 238 -22.20 27.66 1.66
C LEU B 238 -23.60 27.61 1.07
N SER B 239 -24.26 26.46 1.14
CA SER B 239 -25.62 26.39 0.63
C SER B 239 -26.51 27.34 1.43
N PHE B 240 -26.25 27.38 2.74
CA PHE B 240 -26.96 28.29 3.62
C PHE B 240 -26.55 29.73 3.31
N GLN B 241 -25.26 29.98 3.19
CA GLN B 241 -24.78 31.33 3.04
C GLN B 241 -25.40 31.97 1.79
N THR B 242 -25.56 31.19 0.73
CA THR B 242 -26.16 31.72 -0.49
C THR B 242 -27.63 32.04 -0.26
N GLN B 243 -28.22 31.46 0.77
CA GLN B 243 -29.63 31.68 1.06
C GLN B 243 -29.88 32.58 2.24
N ASP B 244 -28.86 32.83 3.06
CA ASP B 244 -29.04 33.67 4.23
C ASP B 244 -29.25 35.12 3.79
N LYS B 245 -30.12 35.83 4.49
CA LYS B 245 -30.33 37.24 4.23
C LYS B 245 -29.25 38.06 4.87
N GLY B 246 -29.19 39.33 4.52
CA GLY B 246 -28.14 40.21 5.04
C GLY B 246 -26.85 40.16 4.25
N MET B 247 -25.79 40.41 4.96
CA MET B 247 -24.50 40.62 4.39
C MET B 247 -23.70 39.35 4.61
N MET B 248 -23.33 38.67 3.53
CA MET B 248 -22.44 37.50 3.61
C MET B 248 -21.07 37.83 4.20
N ASP B 249 -20.68 37.14 5.27
CA ASP B 249 -19.35 37.35 5.88
C ASP B 249 -18.24 37.15 4.87
N MET B 250 -17.16 37.92 5.07
CA MET B 250 -15.99 37.95 4.18
C MET B 250 -15.49 36.58 3.83
N GLU B 251 -15.47 35.68 4.80
CA GLU B 251 -14.90 34.37 4.56
C GLU B 251 -15.56 33.62 3.39
N PHE B 252 -16.89 33.68 3.32
CA PHE B 252 -17.62 32.87 2.35
C PHE B 252 -17.70 33.46 0.95
N ARG B 253 -17.41 34.76 0.80
CA ARG B 253 -17.53 35.43 -0.49
C ARG B 253 -16.64 34.81 -1.55
N LYS B 254 -15.36 34.74 -1.22
CA LYS B 254 -14.37 34.14 -2.09
C LYS B 254 -14.72 32.69 -2.40
N LYS B 255 -15.26 31.99 -1.41
CA LYS B 255 -15.48 30.56 -1.52
C LYS B 255 -16.70 30.11 -2.32
N ILE B 256 -17.72 30.96 -2.50
CA ILE B 256 -18.84 30.55 -3.36
C ILE B 256 -18.42 30.57 -4.84
N LYS B 257 -17.20 31.06 -5.11
CA LYS B 257 -16.69 31.17 -6.44
C LYS B 257 -17.77 31.80 -7.30
N THR B 258 -18.31 31.06 -8.27
CA THR B 258 -19.37 31.59 -9.14
C THR B 258 -20.69 30.90 -8.89
N VAL B 259 -20.75 30.09 -7.86
CA VAL B 259 -21.97 29.37 -7.55
C VAL B 259 -22.84 30.25 -6.71
N ILE B 260 -23.87 30.82 -7.34
CA ILE B 260 -24.71 31.85 -6.71
C ILE B 260 -25.91 31.32 -5.96
N TYR B 261 -26.08 30.01 -5.96
CA TYR B 261 -27.16 29.37 -5.18
C TYR B 261 -26.84 27.90 -4.89
N GLY B 262 -26.80 27.55 -3.61
CA GLY B 262 -26.43 26.20 -3.22
C GLY B 262 -24.94 25.90 -3.32
N CYS B 263 -24.58 24.67 -2.94
CA CYS B 263 -23.23 24.12 -3.02
C CYS B 263 -23.34 22.62 -3.23
N ASP B 264 -22.51 22.11 -4.14
CA ASP B 264 -22.52 20.70 -4.48
C ASP B 264 -21.17 20.05 -4.23
N ILE B 265 -20.24 20.77 -3.63
CA ILE B 265 -18.85 20.28 -3.49
C ILE B 265 -18.78 18.92 -2.76
N CYS B 266 -19.59 18.73 -1.73
CA CYS B 266 -19.58 17.50 -0.95
C CYS B 266 -20.24 16.30 -1.66
N GLN B 267 -20.85 16.56 -2.79
CA GLN B 267 -21.46 15.54 -3.64
C GLN B 267 -20.61 15.25 -4.90
N ILE B 268 -20.08 16.30 -5.53
CA ILE B 268 -19.16 16.15 -6.64
C ILE B 268 -17.95 15.31 -6.21
N SER B 269 -17.50 15.50 -4.97
CA SER B 269 -16.35 14.77 -4.43
C SER B 269 -16.69 13.32 -4.00
N CYS B 270 -17.95 12.91 -4.12
CA CYS B 270 -18.40 11.61 -3.60
C CYS B 270 -18.26 10.51 -4.65
N PRO B 271 -17.56 9.41 -4.28
CA PRO B 271 -17.36 8.26 -5.16
C PRO B 271 -18.66 7.76 -5.77
N TYR B 272 -19.72 7.69 -4.98
CA TYR B 272 -21.00 7.20 -5.49
C TYR B 272 -21.62 8.05 -6.60
N ASN B 273 -21.09 9.26 -6.83
CA ASN B 273 -21.56 10.11 -7.92
C ASN B 273 -20.63 10.06 -9.13
N ARG B 274 -19.49 9.40 -8.94
CA ARG B 274 -18.46 9.17 -9.98
C ARG B 274 -19.05 9.04 -11.40
N GLY B 275 -20.00 8.13 -11.59
CA GLY B 275 -20.46 7.85 -12.95
C GLY B 275 -21.95 7.68 -13.10
N ILE B 276 -22.71 8.73 -12.85
CA ILE B 276 -24.14 8.73 -13.16
C ILE B 276 -24.47 9.88 -14.08
N ASP B 277 -25.38 9.63 -15.03
CA ASP B 277 -26.22 10.68 -15.60
C ASP B 277 -27.65 10.25 -15.29
N ASN B 278 -28.56 11.20 -15.14
CA ASN B 278 -29.90 10.90 -14.62
C ASN B 278 -30.98 11.44 -15.58
N PRO B 279 -32.25 11.13 -15.33
CA PRO B 279 -33.25 11.34 -16.39
C PRO B 279 -33.70 12.77 -16.73
N LEU B 280 -34.65 13.34 -16.00
CA LEU B 280 -35.43 14.47 -16.53
C LEU B 280 -34.53 15.70 -16.79
N ASP B 283 -37.42 19.25 -17.41
CA ASP B 283 -36.80 20.04 -18.50
C ASP B 283 -35.98 21.26 -18.04
N ILE B 284 -34.78 21.44 -18.61
CA ILE B 284 -33.79 22.44 -18.15
C ILE B 284 -33.51 23.53 -19.17
N ASP B 285 -33.79 24.77 -18.81
CA ASP B 285 -33.24 25.91 -19.55
C ASP B 285 -31.83 26.16 -19.06
N PRO B 286 -30.83 25.99 -19.95
CA PRO B 286 -29.46 26.24 -19.46
C PRO B 286 -29.17 27.69 -19.01
N ASP B 287 -29.95 28.66 -19.49
CA ASP B 287 -29.80 30.08 -19.11
C ASP B 287 -30.32 30.41 -17.72
N LEU B 288 -31.20 29.55 -17.21
CA LEU B 288 -31.62 29.58 -15.81
C LEU B 288 -30.70 28.78 -14.91
N ALA B 289 -29.93 27.87 -15.49
CA ALA B 289 -29.03 27.04 -14.71
C ALA B 289 -27.64 27.64 -14.68
N MET B 290 -27.34 28.53 -15.62
CA MET B 290 -26.02 29.15 -15.68
C MET B 290 -26.26 30.56 -16.17
N PRO B 291 -26.82 31.39 -15.30
CA PRO B 291 -27.32 32.70 -15.74
C PRO B 291 -26.23 33.72 -15.94
N GLU B 292 -26.46 34.58 -16.93
CA GLU B 292 -25.54 35.61 -17.28
C GLU B 292 -25.69 36.64 -16.18
N LEU B 293 -24.57 37.01 -15.58
CA LEU B 293 -24.60 37.77 -14.33
C LEU B 293 -25.08 39.22 -14.49
N LEU B 294 -24.48 39.99 -15.41
CA LEU B 294 -24.85 41.42 -15.53
C LEU B 294 -26.31 41.60 -15.98
N PRO B 295 -26.77 40.78 -16.93
CA PRO B 295 -28.21 40.80 -17.21
C PRO B 295 -29.06 40.40 -16.02
N PHE B 296 -28.60 39.40 -15.26
CA PHE B 296 -29.29 39.02 -14.02
C PHE B 296 -29.42 40.19 -13.02
N LEU B 297 -28.36 41.01 -12.91
CA LEU B 297 -28.43 42.22 -12.09
C LEU B 297 -29.39 43.27 -12.62
N GLU B 298 -29.93 43.11 -13.82
CA GLU B 298 -30.89 44.11 -14.34
C GLU B 298 -32.33 43.72 -13.96
N LEU B 299 -32.54 42.51 -13.48
CA LEU B 299 -33.90 42.05 -13.23
C LEU B 299 -34.59 42.82 -12.13
N THR B 300 -35.87 43.06 -12.31
CA THR B 300 -36.74 43.64 -11.29
C THR B 300 -37.54 42.52 -10.61
N ASN B 301 -38.32 42.83 -9.58
CA ASN B 301 -39.15 41.81 -8.97
C ASN B 301 -40.06 41.12 -9.97
N LYS B 302 -40.61 41.91 -10.88
CA LYS B 302 -41.50 41.41 -11.91
C LYS B 302 -40.76 40.53 -12.92
N SER B 303 -39.68 41.04 -13.52
CA SER B 303 -38.96 40.28 -14.56
C SER B 303 -38.29 39.04 -13.95
N PHE B 304 -37.93 39.14 -12.66
CA PHE B 304 -37.38 38.00 -11.94
C PHE B 304 -38.40 36.89 -11.74
N LYS B 305 -39.58 37.26 -11.29
CA LYS B 305 -40.72 36.32 -11.24
C LYS B 305 -40.98 35.61 -12.57
N GLU B 306 -41.14 36.38 -13.64
CA GLU B 306 -41.48 35.80 -14.95
C GLU B 306 -40.42 34.81 -15.42
N THR B 307 -39.15 35.06 -15.11
CA THR B 307 -38.06 34.27 -15.69
C THR B 307 -37.50 33.17 -14.79
N PHE B 308 -37.54 33.39 -13.49
CA PHE B 308 -36.89 32.55 -12.51
C PHE B 308 -37.84 32.05 -11.43
N GLY B 309 -39.08 32.51 -11.47
CA GLY B 309 -40.05 32.26 -10.39
C GLY B 309 -40.46 30.81 -10.17
N MET B 310 -40.17 29.96 -11.14
CA MET B 310 -40.54 28.55 -11.12
C MET B 310 -39.52 27.65 -10.46
N ILE B 311 -38.28 28.14 -10.26
CA ILE B 311 -37.24 27.30 -9.69
C ILE B 311 -37.24 27.33 -8.16
N ALA B 312 -36.67 26.30 -7.56
CA ALA B 312 -36.60 26.18 -6.10
C ALA B 312 -35.88 27.38 -5.48
N GLY B 313 -34.77 27.79 -6.11
CA GLY B 313 -33.95 28.87 -5.62
C GLY B 313 -34.58 30.27 -5.65
N SER B 314 -35.81 30.39 -6.18
CA SER B 314 -36.50 31.69 -6.18
C SER B 314 -37.31 31.97 -4.93
N TRP B 315 -37.25 31.08 -3.95
CA TRP B 315 -38.17 31.13 -2.82
C TRP B 315 -37.99 32.33 -1.86
N ARG B 316 -36.86 33.04 -1.95
CA ARG B 316 -36.70 34.29 -1.18
C ARG B 316 -36.64 35.55 -2.03
N GLY B 317 -36.87 35.41 -3.34
CA GLY B 317 -36.81 36.56 -4.24
C GLY B 317 -35.42 36.84 -4.77
N LYS B 318 -35.33 37.92 -5.54
CA LYS B 318 -34.14 38.20 -6.32
C LYS B 318 -32.94 38.71 -5.52
N ASN B 319 -33.21 39.38 -4.41
CA ASN B 319 -32.15 40.09 -3.68
C ASN B 319 -30.97 39.26 -3.19
N ILE B 320 -31.23 38.09 -2.59
CA ILE B 320 -30.09 37.22 -2.17
C ILE B 320 -29.29 36.74 -3.39
N LEU B 321 -29.98 36.45 -4.47
CA LEU B 321 -29.30 36.04 -5.69
C LEU B 321 -28.50 37.17 -6.32
N GLN B 322 -29.03 38.38 -6.36
CA GLN B 322 -28.28 39.50 -6.97
C GLN B 322 -27.08 39.88 -6.14
N ARG B 323 -27.23 39.83 -4.81
CA ARG B 323 -26.07 39.92 -3.93
C ARG B 323 -24.98 38.89 -4.34
N ASN B 324 -25.38 37.64 -4.47
CA ASN B 324 -24.44 36.57 -4.82
C ASN B 324 -23.82 36.80 -6.17
N ALA B 325 -24.61 37.33 -7.10
CA ALA B 325 -24.12 37.56 -8.46
C ALA B 325 -23.04 38.63 -8.46
N ILE B 326 -23.22 39.66 -7.64
CA ILE B 326 -22.16 40.65 -7.43
C ILE B 326 -20.93 39.99 -6.90
N ILE B 327 -21.11 39.08 -5.97
CA ILE B 327 -19.95 38.34 -5.43
C ILE B 327 -19.27 37.51 -6.52
N ALA B 328 -20.05 36.86 -7.38
CA ALA B 328 -19.49 36.06 -8.47
C ALA B 328 -18.67 36.92 -9.38
N LEU B 329 -19.26 38.05 -9.80
CA LEU B 329 -18.53 39.02 -10.62
C LEU B 329 -17.23 39.46 -9.99
N ALA B 330 -17.23 39.65 -8.68
CA ALA B 330 -15.98 39.99 -7.98
C ALA B 330 -14.98 38.83 -8.03
N ASN B 331 -15.47 37.62 -7.81
CA ASN B 331 -14.62 36.43 -7.90
C ASN B 331 -14.05 36.16 -9.30
N LEU B 332 -14.76 36.57 -10.34
CA LEU B 332 -14.21 36.53 -11.70
C LEU B 332 -13.33 37.72 -12.08
N HIS B 333 -13.10 38.68 -11.17
CA HIS B 333 -12.35 39.90 -11.48
C HIS B 333 -12.84 40.63 -12.75
N ASP B 334 -14.15 40.63 -12.98
CA ASP B 334 -14.72 41.07 -14.25
C ASP B 334 -14.71 42.56 -14.39
N ARG B 335 -13.75 43.07 -15.16
CA ARG B 335 -13.67 44.52 -15.38
C ARG B 335 -14.94 45.07 -16.02
N ASN B 336 -15.71 44.23 -16.70
CA ASN B 336 -16.96 44.69 -17.36
C ASN B 336 -18.12 45.00 -16.43
N ALA B 337 -17.99 44.61 -15.18
CA ALA B 337 -19.00 44.93 -14.22
C ALA B 337 -18.83 46.33 -13.59
N ILE B 338 -17.65 46.93 -13.73
CA ILE B 338 -17.26 48.09 -12.91
C ILE B 338 -18.34 49.14 -13.04
N VAL B 339 -18.76 49.42 -14.26
CA VAL B 339 -19.68 50.55 -14.44
C VAL B 339 -21.04 50.21 -13.80
N LYS B 340 -21.44 48.95 -13.88
CA LYS B 340 -22.69 48.52 -13.23
C LYS B 340 -22.62 48.60 -11.70
N LEU B 341 -21.49 48.22 -11.17
CA LEU B 341 -21.30 48.29 -9.73
C LEU B 341 -21.37 49.76 -9.30
N MET B 342 -20.85 50.65 -10.13
CA MET B 342 -20.81 52.04 -9.78
C MET B 342 -22.24 52.55 -9.77
N GLU B 343 -23.06 52.06 -10.70
CA GLU B 343 -24.49 52.45 -10.77
C GLU B 343 -25.27 52.02 -9.55
N ILE B 344 -25.05 50.76 -9.15
CA ILE B 344 -25.68 50.24 -7.94
C ILE B 344 -25.32 51.12 -6.72
N ILE B 345 -24.03 51.38 -6.56
CA ILE B 345 -23.55 52.16 -5.44
C ILE B 345 -24.11 53.60 -5.39
N ASP B 346 -24.20 54.25 -6.52
CA ASP B 346 -24.66 55.62 -6.49
C ASP B 346 -26.14 55.68 -6.23
N LYS B 347 -26.90 54.83 -6.92
CA LYS B 347 -28.36 54.80 -6.81
C LYS B 347 -28.74 54.43 -5.39
N ASN B 348 -28.11 53.38 -4.90
CA ASN B 348 -28.19 52.93 -3.52
C ASN B 348 -29.59 52.66 -3.03
N ASN B 349 -30.35 52.02 -3.90
CA ASN B 349 -31.71 51.66 -3.61
C ASN B 349 -31.75 50.37 -2.80
N ASN B 350 -30.70 49.56 -2.91
CA ASN B 350 -30.51 48.37 -2.07
C ASN B 350 -29.18 48.40 -1.33
N PRO B 351 -29.20 48.70 -0.04
CA PRO B 351 -27.92 48.83 0.68
C PRO B 351 -27.06 47.57 0.71
N ILE B 352 -27.64 46.40 0.90
CA ILE B 352 -26.83 45.18 0.92
C ILE B 352 -26.03 45.12 -0.37
N HIS B 353 -26.70 45.37 -1.50
CA HIS B 353 -26.03 45.35 -2.78
C HIS B 353 -24.95 46.43 -2.88
N THR B 354 -25.24 47.62 -2.40
CA THR B 354 -24.27 48.70 -2.40
C THR B 354 -23.01 48.31 -1.66
N ALA B 355 -23.18 47.83 -0.43
CA ALA B 355 -22.02 47.41 0.38
C ALA B 355 -21.26 46.27 -0.28
N THR B 356 -21.99 45.40 -0.92
CA THR B 356 -21.34 44.26 -1.56
C THR B 356 -20.56 44.78 -2.74
N ALA B 357 -21.18 45.68 -3.51
CA ALA B 357 -20.56 46.24 -4.70
C ALA B 357 -19.29 47.01 -4.36
N ILE B 358 -19.32 47.77 -3.27
CA ILE B 358 -18.12 48.45 -2.82
C ILE B 358 -16.98 47.45 -2.65
N TRP B 359 -17.25 46.38 -1.91
CA TRP B 359 -16.26 45.33 -1.70
C TRP B 359 -15.81 44.79 -3.03
N ALA B 360 -16.77 44.53 -3.92
CA ALA B 360 -16.49 43.97 -5.25
C ALA B 360 -15.50 44.81 -6.10
N LEU B 361 -15.64 46.14 -6.02
CA LEU B 361 -14.64 46.97 -6.67
C LEU B 361 -13.22 46.76 -6.13
N GLY B 362 -13.09 46.53 -4.82
CA GLY B 362 -11.77 46.31 -4.22
C GLY B 362 -11.14 45.02 -4.67
N GLU B 363 -11.97 44.15 -5.23
CA GLU B 363 -11.51 42.85 -5.70
C GLU B 363 -11.15 42.91 -7.20
N ILE B 364 -12.05 43.52 -7.97
CA ILE B 364 -11.93 43.64 -9.43
C ILE B 364 -10.80 44.58 -9.87
N VAL B 365 -10.75 45.77 -9.32
CA VAL B 365 -9.75 46.76 -9.72
C VAL B 365 -8.44 46.49 -8.96
N LYS B 366 -7.57 45.70 -9.57
CA LYS B 366 -6.37 45.25 -8.88
C LYS B 366 -5.32 46.36 -8.72
N LYS B 367 -5.16 47.22 -9.74
CA LYS B 367 -4.20 48.34 -9.67
C LYS B 367 -4.87 49.67 -9.94
N PRO B 368 -5.44 50.26 -8.89
CA PRO B 368 -6.33 51.37 -9.13
C PRO B 368 -5.57 52.58 -9.61
N ASP B 369 -6.03 53.19 -10.70
CA ASP B 369 -5.53 54.50 -11.10
C ASP B 369 -5.92 55.58 -10.06
N GLU B 370 -5.38 56.78 -10.22
CA GLU B 370 -5.69 57.90 -9.34
C GLU B 370 -7.17 58.29 -9.46
N GLY B 371 -7.75 58.15 -10.64
CA GLY B 371 -9.18 58.48 -10.81
C GLY B 371 -10.10 57.63 -9.95
N MET B 372 -9.74 56.34 -9.88
CA MET B 372 -10.50 55.38 -9.11
C MET B 372 -10.31 55.63 -7.62
N LEU B 373 -9.08 55.93 -7.21
CA LEU B 373 -8.84 56.28 -5.82
C LEU B 373 -9.69 57.49 -5.41
N ASP B 374 -9.80 58.48 -6.31
CA ASP B 374 -10.61 59.65 -6.02
C ASP B 374 -12.13 59.24 -5.92
N TYR B 375 -12.57 58.35 -6.79
CA TYR B 375 -13.98 57.87 -6.78
C TYR B 375 -14.28 57.28 -5.44
N MET B 376 -13.43 56.35 -5.04
CA MET B 376 -13.59 55.61 -3.79
C MET B 376 -13.47 56.54 -2.56
N ARG B 377 -12.41 57.35 -2.54
CA ARG B 377 -12.19 58.31 -1.44
C ARG B 377 -13.43 59.16 -1.26
N GLY B 378 -14.10 59.46 -2.37
CA GLY B 378 -15.22 60.38 -2.40
C GLY B 378 -16.61 59.84 -2.12
N LEU B 379 -16.74 58.53 -1.94
CA LEU B 379 -18.00 57.96 -1.43
C LEU B 379 -18.09 58.31 0.03
N SER B 380 -19.30 58.51 0.53
CA SER B 380 -19.49 58.55 1.98
C SER B 380 -20.72 57.71 2.24
N PRO B 381 -20.49 56.43 2.61
CA PRO B 381 -21.56 55.49 2.77
C PRO B 381 -22.65 55.93 3.71
N LYS B 382 -23.89 55.83 3.24
CA LYS B 382 -25.10 56.09 4.03
C LYS B 382 -25.09 55.26 5.34
N ASP B 383 -25.07 53.95 5.20
CA ASP B 383 -25.27 53.03 6.33
C ASP B 383 -24.02 52.24 6.79
N GLU B 384 -24.16 51.48 7.88
CA GLU B 384 -23.04 50.86 8.60
C GLU B 384 -22.33 49.74 7.84
N HIS B 385 -23.06 48.94 7.09
CA HIS B 385 -22.42 47.88 6.33
C HIS B 385 -21.63 48.40 5.17
N SER B 386 -22.21 49.33 4.43
CA SER B 386 -21.44 50.02 3.40
C SER B 386 -20.19 50.71 3.93
N GLN B 387 -20.35 51.39 5.07
CA GLN B 387 -19.25 52.08 5.73
C GLN B 387 -18.18 51.10 6.00
N ALA B 388 -18.55 49.96 6.57
CA ALA B 388 -17.56 48.95 6.99
C ALA B 388 -16.78 48.43 5.79
N GLU B 389 -17.48 48.10 4.70
CA GLU B 389 -16.82 47.60 3.47
C GLU B 389 -15.94 48.67 2.86
N TRP B 390 -16.42 49.92 2.90
CA TRP B 390 -15.68 51.04 2.38
C TRP B 390 -14.36 51.26 3.11
N GLU B 391 -14.40 51.24 4.44
CA GLU B 391 -13.18 51.37 5.23
C GLU B 391 -12.15 50.33 4.84
N LEU B 392 -12.60 49.12 4.57
CA LEU B 392 -11.68 48.05 4.22
C LEU B 392 -11.04 48.27 2.87
N VAL B 393 -11.83 48.73 1.89
CA VAL B 393 -11.25 48.96 0.56
C VAL B 393 -10.27 50.12 0.68
N CYS B 394 -10.71 51.21 1.30
CA CYS B 394 -9.81 52.31 1.57
C CYS B 394 -8.48 51.81 2.17
N ALA B 395 -8.55 51.03 3.23
CA ALA B 395 -7.34 50.51 3.87
C ALA B 395 -6.49 49.67 2.93
N LYS B 396 -7.14 48.84 2.14
CA LYS B 396 -6.46 48.01 1.13
C LYS B 396 -5.80 48.87 0.05
N TRP B 397 -6.38 50.01 -0.26
CA TRP B 397 -5.85 50.89 -1.29
C TRP B 397 -5.04 52.04 -0.68
N GLN B 398 -4.69 51.91 0.59
CA GLN B 398 -3.74 52.84 1.20
C GLN B 398 -4.26 54.28 1.14
N ILE B 399 -5.57 54.47 1.18
CA ILE B 399 -6.17 55.79 1.27
C ILE B 399 -6.23 56.23 2.72
N LYS C 31 0.39 9.06 -2.72
CA LYS C 31 1.30 8.95 -3.90
C LYS C 31 1.81 10.32 -4.40
N LEU C 32 0.91 11.30 -4.48
CA LEU C 32 1.27 12.65 -4.90
C LEU C 32 2.04 13.32 -3.77
N GLU C 33 1.67 13.00 -2.52
CA GLU C 33 2.32 13.59 -1.35
C GLU C 33 3.73 13.06 -1.14
N ILE C 34 3.91 11.76 -1.38
CA ILE C 34 5.24 11.13 -1.33
C ILE C 34 6.14 11.78 -2.38
N GLN C 35 5.74 11.71 -3.65
CA GLN C 35 6.48 12.35 -4.74
C GLN C 35 6.88 13.78 -4.38
N LYS C 36 5.97 14.49 -3.71
CA LYS C 36 6.20 15.87 -3.27
C LYS C 36 7.39 15.97 -2.31
N MET C 37 7.42 15.10 -1.29
CA MET C 37 8.52 15.11 -0.31
C MET C 37 9.78 14.36 -0.80
N ALA C 38 9.62 13.49 -1.80
CA ALA C 38 10.76 12.84 -2.44
C ALA C 38 11.68 13.91 -3.01
N LYS C 39 11.20 14.66 -3.99
CA LYS C 39 12.03 15.68 -4.62
C LYS C 39 12.47 16.72 -3.58
N GLU C 40 11.66 16.92 -2.54
CA GLU C 40 12.01 17.79 -1.41
C GLU C 40 13.33 17.38 -0.77
N ILE C 41 13.52 16.09 -0.55
CA ILE C 41 14.72 15.58 0.15
C ILE C 41 15.79 15.01 -0.79
N GLY C 42 15.81 15.44 -2.04
CA GLY C 42 16.93 15.19 -2.94
C GLY C 42 16.89 13.89 -3.72
N ILE C 43 15.75 13.24 -3.76
CA ILE C 43 15.60 12.02 -4.56
C ILE C 43 15.30 12.38 -6.00
N SER C 44 16.13 11.92 -6.93
CA SER C 44 16.06 12.34 -8.34
C SER C 44 14.97 11.64 -9.13
N LYS C 45 14.46 10.55 -8.60
CA LYS C 45 13.38 9.80 -9.27
C LYS C 45 12.77 8.86 -8.26
N ILE C 46 11.50 8.55 -8.45
CA ILE C 46 10.78 7.67 -7.54
C ILE C 46 9.74 6.89 -8.32
N GLY C 47 9.46 5.70 -7.84
CA GLY C 47 8.66 4.73 -8.58
C GLY C 47 7.92 3.89 -7.57
N PHE C 48 6.89 3.19 -8.03
CA PHE C 48 6.05 2.40 -7.16
C PHE C 48 5.76 1.08 -7.86
N THR C 49 5.68 0.01 -7.09
CA THR C 49 5.36 -1.29 -7.66
C THR C 49 4.83 -2.15 -6.56
N THR C 50 4.26 -3.28 -6.96
CA THR C 50 3.64 -4.17 -6.00
C THR C 50 4.72 -4.91 -5.24
N ALA C 51 4.33 -5.45 -4.09
CA ALA C 51 5.14 -6.44 -3.39
C ALA C 51 4.97 -7.83 -4.01
N ASP C 52 4.57 -7.91 -5.28
CA ASP C 52 4.44 -9.19 -5.93
C ASP C 52 5.82 -9.77 -6.08
N ASP C 53 5.93 -11.08 -5.94
CA ASP C 53 7.22 -11.71 -6.05
C ASP C 53 7.85 -11.58 -7.47
N PHE C 54 9.07 -12.07 -7.64
CA PHE C 54 9.83 -11.87 -8.85
C PHE C 54 10.27 -13.20 -9.46
N ASP C 55 9.44 -14.23 -9.40
CA ASP C 55 9.92 -15.55 -9.81
C ASP C 55 10.38 -15.65 -11.26
N TYR C 56 10.13 -14.63 -12.09
CA TYR C 56 10.75 -14.61 -13.43
C TYR C 56 12.29 -14.64 -13.36
N LEU C 57 12.83 -14.12 -12.25
CA LEU C 57 14.27 -14.14 -11.98
C LEU C 57 14.84 -15.48 -11.53
N GLU C 58 14.10 -16.21 -10.69
CA GLU C 58 14.55 -17.53 -10.17
C GLU C 58 15.48 -18.29 -11.11
N LYS C 59 14.92 -18.66 -12.25
CA LYS C 59 15.62 -19.42 -13.26
C LYS C 59 17.10 -18.97 -13.37
N SER C 60 17.31 -17.67 -13.67
CA SER C 60 18.64 -17.15 -14.05
C SER C 60 19.52 -16.83 -12.84
N LEU C 61 18.92 -16.40 -11.74
CA LEU C 61 19.66 -16.26 -10.47
C LEU C 61 20.33 -17.60 -10.11
N ARG C 62 19.55 -18.66 -10.14
CA ARG C 62 20.03 -20.02 -9.84
C ARG C 62 21.05 -20.50 -10.82
N LEU C 63 20.90 -20.07 -12.07
CA LEU C 63 21.81 -20.52 -13.10
C LEU C 63 23.17 -19.84 -12.98
N GLY C 64 23.15 -18.57 -12.55
CA GLY C 64 24.38 -17.83 -12.25
C GLY C 64 25.21 -18.55 -11.19
N VAL C 65 24.58 -18.88 -10.07
CA VAL C 65 25.25 -19.63 -9.01
C VAL C 65 25.76 -21.00 -9.48
N GLU C 66 24.96 -21.74 -10.20
CA GLU C 66 25.36 -23.07 -10.63
C GLU C 66 26.50 -23.02 -11.67
N GLU C 67 26.45 -22.04 -12.56
CA GLU C 67 27.50 -21.89 -13.58
C GLU C 67 28.75 -21.15 -13.08
N GLY C 68 28.73 -20.67 -11.85
CA GLY C 68 29.88 -20.04 -11.22
C GLY C 68 30.17 -18.64 -11.70
N ARG C 69 29.12 -17.91 -12.10
CA ARG C 69 29.26 -16.57 -12.66
C ARG C 69 28.95 -15.49 -11.62
N THR C 70 28.74 -15.93 -10.39
CA THR C 70 28.43 -15.04 -9.28
C THR C 70 29.69 -14.55 -8.55
N THR C 71 29.65 -13.35 -7.96
CA THR C 71 30.84 -12.78 -7.28
C THR C 71 31.07 -13.26 -5.87
N GLY C 72 29.98 -13.55 -5.16
CA GLY C 72 30.03 -13.84 -3.76
C GLY C 72 29.50 -12.69 -2.93
N PHE C 73 29.23 -11.55 -3.56
CA PHE C 73 28.76 -10.38 -2.81
C PHE C 73 27.26 -10.39 -2.72
N GLU C 74 26.67 -11.31 -3.47
CA GLU C 74 25.23 -11.34 -3.61
C GLU C 74 24.65 -11.98 -2.38
N HIS C 75 23.45 -11.56 -2.04
CA HIS C 75 22.68 -12.21 -0.98
C HIS C 75 22.50 -13.69 -1.34
N LYS C 76 22.72 -14.59 -0.39
CA LYS C 76 22.93 -16.01 -0.75
C LYS C 76 21.63 -16.78 -0.83
N ASN C 77 20.68 -16.41 0.03
CA ASN C 77 19.38 -17.04 0.07
C ASN C 77 18.49 -16.59 -1.10
N ILE C 78 18.35 -17.45 -2.11
CA ILE C 78 17.64 -17.09 -3.32
C ILE C 78 16.16 -16.77 -3.09
N GLU C 79 15.53 -17.50 -2.17
CA GLU C 79 14.12 -17.24 -1.80
C GLU C 79 13.93 -15.82 -1.29
N GLU C 80 14.79 -15.39 -0.37
CA GLU C 80 14.70 -14.03 0.22
C GLU C 80 14.87 -12.94 -0.86
N ARG C 81 15.40 -13.37 -1.99
CA ARG C 81 15.70 -12.48 -3.09
C ARG C 81 14.50 -12.15 -3.98
N ILE C 82 13.59 -13.12 -4.12
CA ILE C 82 12.43 -13.01 -5.01
C ILE C 82 11.08 -12.83 -4.28
N TYR C 83 11.00 -13.18 -3.00
CA TYR C 83 9.74 -13.12 -2.23
C TYR C 83 9.78 -12.02 -1.18
N PRO C 84 9.33 -10.79 -1.55
CA PRO C 84 9.42 -9.64 -0.64
C PRO C 84 8.79 -9.82 0.72
N LYS C 85 7.80 -10.71 0.81
CA LYS C 85 7.10 -10.93 2.07
C LYS C 85 8.01 -11.59 3.12
N LEU C 86 9.05 -12.28 2.66
CA LEU C 86 10.07 -12.82 3.57
C LEU C 86 10.90 -11.72 4.26
N SER C 87 10.98 -10.52 3.67
CA SER C 87 11.60 -9.37 4.34
C SER C 87 10.64 -8.53 5.18
N LEU C 88 9.32 -8.63 4.94
CA LEU C 88 8.34 -7.84 5.70
C LEU C 88 7.11 -8.60 6.26
N GLU C 89 6.36 -9.29 5.40
CA GLU C 89 5.11 -10.01 5.83
C GLU C 89 3.89 -9.17 5.51
N SER C 90 3.82 -7.96 6.10
CA SER C 90 2.75 -7.00 5.77
C SER C 90 2.97 -6.23 4.44
N ALA C 91 3.73 -6.84 3.53
CA ALA C 91 4.19 -6.16 2.33
C ALA C 91 3.07 -6.04 1.31
N LYS C 92 2.98 -4.85 0.75
CA LYS C 92 1.89 -4.50 -0.13
C LYS C 92 2.40 -3.73 -1.36
N THR C 93 3.20 -2.70 -1.13
CA THR C 93 3.90 -2.03 -2.23
C THR C 93 5.40 -1.87 -1.93
N ILE C 94 6.19 -1.64 -2.98
CA ILE C 94 7.63 -1.34 -2.87
C ILE C 94 7.89 -0.02 -3.56
N ILE C 95 8.58 0.88 -2.87
CA ILE C 95 8.94 2.17 -3.42
C ILE C 95 10.40 2.18 -3.79
N SER C 96 10.70 2.27 -5.10
CA SER C 96 12.08 2.34 -5.58
C SER C 96 12.53 3.77 -5.68
N ILE C 97 13.67 4.10 -5.07
CA ILE C 97 14.26 5.43 -5.24
C ILE C 97 15.51 5.39 -6.12
N ALA C 98 15.83 6.54 -6.69
CA ALA C 98 17.04 6.71 -7.50
C ALA C 98 17.61 8.09 -7.18
N VAL C 99 18.92 8.14 -6.90
CA VAL C 99 19.61 9.41 -6.69
C VAL C 99 20.69 9.46 -7.75
N ALA C 100 20.69 10.53 -8.53
CA ALA C 100 21.67 10.65 -9.61
C ALA C 100 23.00 11.14 -9.07
N TYR C 101 24.09 10.79 -9.75
CA TYR C 101 25.44 11.25 -9.38
C TYR C 101 26.24 11.65 -10.63
N PRO C 102 27.15 12.64 -10.47
CA PRO C 102 27.97 13.09 -11.59
C PRO C 102 28.96 12.05 -12.03
N HIS C 103 29.18 11.96 -13.33
CA HIS C 103 30.15 11.02 -13.89
C HIS C 103 31.38 11.72 -14.49
N LYS C 104 31.27 13.03 -14.68
CA LYS C 104 32.41 13.88 -15.07
C LYS C 104 32.77 14.69 -13.85
N LEU C 105 34.02 15.10 -13.76
CA LEU C 105 34.46 15.78 -12.57
C LEU C 105 34.21 17.28 -12.72
N PRO C 106 33.54 17.92 -11.72
CA PRO C 106 33.36 19.38 -11.73
C PRO C 106 34.68 20.08 -11.96
N GLN C 107 35.61 19.83 -11.05
CA GLN C 107 36.90 20.52 -11.02
C GLN C 107 38.01 19.47 -11.08
N GLN C 108 38.81 19.48 -12.15
CA GLN C 108 40.00 18.62 -12.24
C GLN C 108 40.97 18.85 -11.07
N PRO C 109 41.71 17.80 -10.66
CA PRO C 109 42.71 18.00 -9.62
C PRO C 109 43.98 18.61 -10.20
N GLN C 110 44.78 19.23 -9.35
CA GLN C 110 45.95 19.94 -9.87
C GLN C 110 47.15 19.00 -10.10
N LYS C 111 47.65 18.97 -11.34
CA LYS C 111 48.86 18.23 -11.70
C LYS C 111 50.00 18.36 -10.65
N THR C 112 50.64 17.24 -10.29
CA THR C 112 51.75 17.24 -9.34
C THR C 112 52.88 16.38 -9.88
N GLU C 113 53.97 16.28 -9.12
CA GLU C 113 55.05 15.27 -9.33
C GLU C 113 54.46 13.88 -9.54
N PHE C 114 53.43 13.58 -8.74
CA PHE C 114 52.87 12.23 -8.61
C PHE C 114 51.75 11.93 -9.58
N LYS C 115 51.92 10.85 -10.36
CA LYS C 115 50.89 10.45 -11.32
C LYS C 115 49.68 9.91 -10.53
N ARG C 116 48.52 10.02 -11.16
CA ARG C 116 47.26 9.78 -10.50
C ARG C 116 46.52 8.61 -11.14
N GLY C 117 45.76 7.89 -10.33
CA GLY C 117 44.85 6.86 -10.86
C GLY C 117 43.45 7.39 -10.82
N LYS C 118 42.54 6.67 -11.47
CA LYS C 118 41.12 7.01 -11.45
C LYS C 118 40.37 5.99 -10.60
N ILE C 119 39.19 6.38 -10.17
CA ILE C 119 38.41 5.58 -9.24
C ILE C 119 36.96 5.92 -9.51
N THR C 120 36.16 4.89 -9.83
CA THR C 120 34.79 5.07 -10.40
C THR C 120 33.97 6.19 -9.75
N PRO C 121 33.21 6.95 -10.59
CA PRO C 121 32.37 8.02 -10.05
C PRO C 121 31.29 7.51 -9.09
N ASN C 122 30.96 6.23 -9.24
CA ASN C 122 30.10 5.51 -8.28
C ASN C 122 30.58 5.60 -6.83
N SER C 123 31.85 5.93 -6.66
CA SER C 123 32.45 6.05 -5.34
C SER C 123 33.02 7.44 -5.07
N TRP C 124 32.53 8.48 -5.76
CA TRP C 124 32.95 9.84 -5.46
C TRP C 124 32.11 10.38 -4.34
N GLY C 125 32.72 11.10 -3.42
CA GLY C 125 31.99 11.70 -2.31
C GLY C 125 31.38 10.65 -1.42
N LEU C 126 30.51 11.10 -0.52
CA LEU C 126 30.00 10.25 0.55
C LEU C 126 29.36 8.94 0.09
N ASP C 127 29.70 7.86 0.81
CA ASP C 127 29.26 6.51 0.49
C ASP C 127 27.78 6.53 0.24
N TYR C 128 27.38 6.17 -0.97
CA TYR C 128 25.96 6.14 -1.34
C TYR C 128 25.10 5.37 -0.33
N HIS C 129 25.61 4.26 0.18
CA HIS C 129 24.89 3.50 1.23
C HIS C 129 24.44 4.42 2.35
N TYR C 130 25.30 5.31 2.83
CA TYR C 130 24.89 6.20 3.90
C TYR C 130 23.91 7.26 3.37
N VAL C 131 24.21 7.84 2.21
CA VAL C 131 23.38 8.92 1.65
C VAL C 131 21.94 8.45 1.45
N LEU C 132 21.78 7.29 0.81
CA LEU C 132 20.44 6.75 0.53
C LEU C 132 19.69 6.26 1.77
N GLN C 133 20.39 5.61 2.70
CA GLN C 133 19.73 5.19 3.95
C GLN C 133 19.21 6.40 4.71
N ASP C 134 19.94 7.51 4.67
CA ASP C 134 19.48 8.78 5.27
C ASP C 134 18.21 9.28 4.57
N LYS C 135 18.22 9.32 3.23
CA LYS C 135 17.03 9.68 2.44
C LYS C 135 15.79 8.80 2.72
N LEU C 136 15.96 7.47 2.69
CA LEU C 136 14.89 6.52 3.08
C LEU C 136 14.38 6.65 4.51
N LYS C 137 15.22 7.11 5.43
CA LYS C 137 14.82 7.33 6.83
C LYS C 137 13.88 8.52 6.89
N ARG C 138 14.29 9.60 6.23
CA ARG C 138 13.49 10.83 6.10
C ARG C 138 12.12 10.61 5.43
N LEU C 139 12.14 9.89 4.30
CA LEU C 139 10.91 9.48 3.60
C LEU C 139 9.97 8.67 4.50
N ALA C 140 10.52 7.70 5.24
CA ALA C 140 9.72 6.95 6.20
C ALA C 140 9.18 7.83 7.33
N LYS C 141 10.00 8.74 7.87
CA LYS C 141 9.55 9.62 8.95
C LYS C 141 8.46 10.59 8.48
N GLY C 142 8.57 11.03 7.23
CA GLY C 142 7.56 11.90 6.62
C GLY C 142 6.28 11.21 6.21
N ILE C 143 6.31 9.87 6.13
CA ILE C 143 5.12 9.06 5.89
C ILE C 143 4.47 8.61 7.21
N GLU C 144 5.26 8.40 8.25
CA GLU C 144 4.75 8.08 9.60
C GLU C 144 3.62 9.03 10.01
N LYS C 145 3.83 10.31 9.71
CA LYS C 145 2.88 11.37 10.04
C LYS C 145 1.56 11.28 9.29
N LEU C 146 1.64 11.00 7.98
CA LEU C 146 0.48 11.06 7.10
C LEU C 146 -0.31 9.75 6.98
N THR C 147 -0.12 8.79 7.88
CA THR C 147 -0.92 7.56 7.91
C THR C 147 -0.85 6.95 9.30
N GLU C 148 -1.47 5.77 9.45
CA GLU C 148 -1.41 5.02 10.70
C GLU C 148 -1.07 3.58 10.39
N ASN C 149 -0.45 2.89 11.35
CA ASN C 149 0.02 1.52 11.16
C ASN C 149 1.05 1.34 10.04
N PHE C 150 1.79 2.39 9.74
CA PHE C 150 2.79 2.34 8.68
C PHE C 150 3.91 1.37 9.05
N GLU C 151 4.23 0.46 8.13
CA GLU C 151 5.32 -0.50 8.37
C GLU C 151 6.26 -0.53 7.17
N TYR C 152 7.56 -0.52 7.44
CA TYR C 152 8.56 -0.46 6.36
C TYR C 152 9.84 -1.24 6.61
N LYS C 153 10.64 -1.33 5.56
CA LYS C 153 11.87 -2.07 5.55
C LYS C 153 12.73 -1.51 4.42
N GLY C 154 13.79 -0.79 4.79
CA GLY C 154 14.66 -0.12 3.81
C GLY C 154 15.83 -0.96 3.32
N MET C 155 16.15 -0.86 2.04
CA MET C 155 17.29 -1.58 1.45
C MET C 155 18.08 -0.67 0.52
N VAL C 156 19.39 -0.81 0.53
CA VAL C 156 20.24 -0.18 -0.49
C VAL C 156 21.53 -0.97 -0.67
N ASP C 157 21.60 -1.71 -1.79
CA ASP C 157 22.76 -2.55 -2.18
C ASP C 157 22.91 -3.80 -1.31
N THR C 158 22.88 -3.62 0.01
CA THR C 158 23.21 -4.69 0.97
C THR C 158 22.02 -5.53 1.36
N GLY C 159 20.85 -5.15 0.86
CA GLY C 159 19.63 -5.92 1.12
C GLY C 159 19.50 -7.12 0.19
N ALA C 160 18.44 -7.92 0.42
CA ALA C 160 18.21 -9.18 -0.28
C ALA C 160 17.62 -9.04 -1.66
N LEU C 161 16.87 -7.97 -1.88
CA LEU C 161 16.25 -7.79 -3.19
C LEU C 161 17.25 -7.47 -4.30
N VAL C 162 16.83 -7.78 -5.52
CA VAL C 162 17.57 -7.39 -6.71
C VAL C 162 17.21 -5.92 -6.98
N ASP C 163 18.05 -5.00 -6.51
CA ASP C 163 17.75 -3.56 -6.56
C ASP C 163 17.44 -3.08 -7.97
N THR C 164 17.95 -3.82 -8.95
CA THR C 164 17.95 -3.39 -10.29
C THR C 164 16.57 -3.69 -10.92
N ALA C 165 16.01 -4.83 -10.55
CA ALA C 165 14.75 -5.34 -11.11
C ALA C 165 13.56 -4.69 -10.43
N VAL C 166 13.78 -4.26 -9.19
CA VAL C 166 12.78 -3.51 -8.47
C VAL C 166 12.56 -2.17 -9.15
N ALA C 167 13.64 -1.46 -9.42
CA ALA C 167 13.57 -0.16 -10.08
C ALA C 167 12.98 -0.23 -11.50
N LYS C 168 13.11 -1.37 -12.18
CA LYS C 168 12.45 -1.55 -13.46
C LYS C 168 10.92 -1.66 -13.31
N ARG C 169 10.43 -2.62 -12.53
CA ARG C 169 8.98 -2.72 -12.26
C ARG C 169 8.38 -1.42 -11.75
N ALA C 170 9.17 -0.56 -11.14
CA ALA C 170 8.66 0.69 -10.59
C ALA C 170 8.79 1.84 -11.59
N GLY C 171 9.27 1.51 -12.79
CA GLY C 171 9.44 2.51 -13.85
C GLY C 171 10.42 3.62 -13.53
N ILE C 172 11.56 3.26 -12.92
CA ILE C 172 12.68 4.22 -12.77
C ILE C 172 13.42 4.29 -14.10
N GLY C 173 13.49 3.15 -14.77
CA GLY C 173 14.17 3.08 -16.04
C GLY C 173 14.07 1.65 -16.48
N PHE C 174 14.81 1.31 -17.52
CA PHE C 174 14.87 -0.04 -18.06
C PHE C 174 16.25 -0.68 -17.79
N ILE C 175 16.29 -2.01 -17.86
CA ILE C 175 17.53 -2.74 -17.67
C ILE C 175 18.21 -2.89 -19.02
N GLY C 176 19.43 -2.35 -19.12
CA GLY C 176 20.23 -2.49 -20.34
C GLY C 176 20.78 -3.88 -20.59
N LYS C 177 21.43 -4.06 -21.73
CA LYS C 177 22.21 -5.29 -22.01
C LYS C 177 23.47 -5.34 -21.12
N ASN C 178 23.87 -4.17 -20.62
CA ASN C 178 24.96 -4.08 -19.66
C ASN C 178 24.55 -4.46 -18.23
N GLY C 179 23.27 -4.78 -18.01
CA GLY C 179 22.78 -5.24 -16.71
C GLY C 179 22.28 -4.11 -15.83
N LEU C 180 22.56 -2.87 -16.21
CA LEU C 180 22.23 -1.71 -15.36
C LEU C 180 20.86 -1.10 -15.63
N VAL C 181 20.36 -0.35 -14.65
CA VAL C 181 19.14 0.41 -14.80
C VAL C 181 19.47 1.75 -15.44
N ILE C 182 18.81 2.03 -16.55
CA ILE C 182 19.03 3.22 -17.36
C ILE C 182 17.76 4.10 -17.36
N SER C 183 17.89 5.35 -16.93
CA SER C 183 16.82 6.33 -17.11
C SER C 183 17.16 7.29 -18.27
N LYS C 184 16.13 7.78 -18.97
CA LYS C 184 16.27 8.85 -19.97
C LYS C 184 16.87 10.12 -19.36
N GLU C 185 16.35 10.46 -18.19
CA GLU C 185 16.64 11.73 -17.52
C GLU C 185 18.09 11.83 -17.03
N TYR C 186 18.57 10.77 -16.38
CA TYR C 186 19.86 10.79 -15.69
C TYR C 186 20.84 9.70 -16.09
N GLY C 187 20.48 8.93 -17.13
CA GLY C 187 21.34 7.86 -17.62
C GLY C 187 21.33 6.65 -16.68
N SER C 188 22.40 5.87 -16.70
CA SER C 188 22.63 4.84 -15.68
C SER C 188 23.32 5.39 -14.44
N TYR C 189 23.81 6.63 -14.50
CA TYR C 189 24.50 7.24 -13.37
C TYR C 189 23.56 7.61 -12.22
N MET C 190 22.89 6.56 -11.71
CA MET C 190 22.02 6.63 -10.51
C MET C 190 22.35 5.55 -9.47
N TYR C 191 22.35 5.94 -8.20
CA TYR C 191 22.27 5.02 -7.07
C TYR C 191 20.83 4.57 -6.88
N LEU C 192 20.62 3.30 -6.50
CA LEU C 192 19.26 2.76 -6.28
C LEU C 192 19.01 2.38 -4.84
N GLY C 193 17.75 2.48 -4.45
CA GLY C 193 17.26 2.02 -3.14
C GLY C 193 15.80 1.58 -3.20
N GLU C 194 15.33 0.97 -2.12
CA GLU C 194 13.96 0.48 -2.01
C GLU C 194 13.45 0.68 -0.61
N LEU C 195 12.17 1.03 -0.52
CA LEU C 195 11.46 1.00 0.73
C LEU C 195 10.28 0.04 0.56
N ILE C 196 10.43 -1.18 1.10
CA ILE C 196 9.33 -2.14 1.14
C ILE C 196 8.36 -1.64 2.19
N THR C 197 7.06 -1.77 1.91
CA THR C 197 6.03 -1.13 2.74
C THR C 197 4.66 -1.85 2.68
N ASN C 198 3.82 -1.56 3.68
CA ASN C 198 2.46 -2.14 3.79
C ASN C 198 1.35 -1.26 3.23
N LEU C 199 1.73 -0.26 2.44
CA LEU C 199 0.76 0.68 1.84
C LEU C 199 0.14 0.10 0.58
N GLU C 200 -1.14 0.42 0.37
CA GLU C 200 -1.82 0.08 -0.87
C GLU C 200 -1.66 1.28 -1.77
N ILE C 201 -0.86 1.16 -2.82
CA ILE C 201 -0.62 2.30 -3.72
C ILE C 201 -0.61 1.89 -5.17
N GLU C 202 -1.07 2.82 -5.99
CA GLU C 202 -1.10 2.69 -7.44
C GLU C 202 0.29 2.44 -7.98
N PRO C 203 0.53 1.23 -8.52
CA PRO C 203 1.80 1.04 -9.24
C PRO C 203 2.02 2.05 -10.38
N ASP C 204 3.26 2.50 -10.54
CA ASP C 204 3.65 3.28 -11.71
C ASP C 204 3.71 2.38 -12.93
N GLN C 205 4.03 2.97 -14.09
CA GLN C 205 3.85 2.28 -15.36
C GLN C 205 4.95 1.28 -15.71
N GLU C 206 6.15 1.81 -15.90
CA GLU C 206 7.30 1.13 -16.58
C GLU C 206 7.66 2.08 -17.71
N VAL C 207 8.46 1.63 -18.68
CA VAL C 207 9.09 2.55 -19.63
C VAL C 207 8.98 1.99 -21.07
N ASP C 208 8.87 2.89 -22.05
CA ASP C 208 8.71 2.52 -23.46
C ASP C 208 10.07 2.24 -24.08
N TYR C 209 11.08 3.03 -23.67
CA TYR C 209 12.40 2.97 -24.29
C TYR C 209 13.26 1.84 -23.76
N GLY C 210 14.09 1.29 -24.66
CA GLY C 210 14.98 0.19 -24.36
C GLY C 210 16.33 0.32 -25.08
N CYS C 211 16.91 -0.83 -25.41
CA CYS C 211 18.22 -0.88 -26.04
C CYS C 211 18.08 -0.80 -27.57
N GLY C 212 17.20 -1.65 -28.11
CA GLY C 212 17.13 -1.86 -29.55
C GLY C 212 18.09 -2.95 -30.00
N ASP C 213 18.89 -2.65 -31.02
CA ASP C 213 19.97 -3.54 -31.47
C ASP C 213 21.30 -2.81 -31.22
N CYS C 214 21.51 -2.27 -30.00
CA CYS C 214 22.67 -1.36 -29.72
C CYS C 214 24.05 -2.01 -29.54
N ARG C 215 24.18 -2.97 -28.63
CA ARG C 215 25.42 -3.76 -28.54
C ARG C 215 26.75 -3.02 -28.25
N ARG C 216 26.73 -1.74 -27.91
CA ARG C 216 28.01 -1.00 -27.73
C ARG C 216 28.82 -1.48 -26.50
N CYS C 217 28.13 -1.57 -25.37
CA CYS C 217 28.65 -2.13 -24.12
C CYS C 217 29.22 -3.54 -24.32
N LEU C 218 28.46 -4.40 -24.96
CA LEU C 218 28.95 -5.76 -25.22
C LEU C 218 30.28 -5.84 -25.97
N ASP C 219 30.54 -4.85 -26.82
CA ASP C 219 31.76 -4.85 -27.65
C ASP C 219 32.89 -4.03 -27.01
N ALA C 220 32.54 -3.15 -26.07
CA ALA C 220 33.51 -2.34 -25.33
C ALA C 220 34.05 -3.03 -24.06
N CYS C 221 33.26 -3.91 -23.43
CA CYS C 221 33.70 -4.62 -22.21
C CYS C 221 35.02 -5.31 -22.48
N PRO C 222 36.10 -4.92 -21.78
CA PRO C 222 37.46 -5.35 -22.10
C PRO C 222 37.73 -6.81 -21.78
N THR C 223 36.84 -7.42 -21.02
CA THR C 223 36.93 -8.85 -20.70
C THR C 223 35.86 -9.67 -21.39
N SER C 224 34.90 -8.98 -22.04
CA SER C 224 33.71 -9.64 -22.66
C SER C 224 32.88 -10.42 -21.65
N CYS C 225 32.71 -9.89 -20.45
CA CYS C 225 32.03 -10.65 -19.40
C CYS C 225 30.52 -10.65 -19.63
N LEU C 226 30.03 -9.54 -20.22
CA LEU C 226 28.60 -9.37 -20.52
C LEU C 226 28.12 -10.41 -21.53
N ILE C 227 27.02 -11.08 -21.23
CA ILE C 227 26.61 -12.23 -22.03
C ILE C 227 25.72 -11.85 -23.21
N GLY C 228 25.01 -10.72 -23.07
CA GLY C 228 24.12 -10.21 -24.13
C GLY C 228 22.72 -9.84 -23.66
N ASP C 229 22.20 -10.60 -22.71
CA ASP C 229 20.82 -10.45 -22.21
C ASP C 229 20.68 -9.70 -20.86
N GLY C 230 21.62 -8.80 -20.54
CA GLY C 230 21.64 -8.12 -19.22
C GLY C 230 22.24 -8.99 -18.11
N THR C 231 22.94 -10.03 -18.53
CA THR C 231 23.50 -11.04 -17.65
C THR C 231 25.01 -11.14 -17.91
N MET C 232 25.74 -11.78 -17.01
CA MET C 232 27.20 -11.55 -16.89
C MET C 232 27.97 -12.72 -16.31
N ASN C 233 29.21 -12.92 -16.75
CA ASN C 233 30.18 -13.68 -15.94
C ASN C 233 30.92 -12.70 -15.00
N ALA C 234 30.38 -12.48 -13.80
CA ALA C 234 30.81 -11.38 -12.92
C ALA C 234 32.25 -11.58 -12.39
N ARG C 235 32.57 -12.83 -12.19
CA ARG C 235 33.89 -13.33 -12.04
C ARG C 235 34.91 -12.64 -12.98
N ARG C 236 34.48 -12.21 -14.17
CA ARG C 236 35.40 -11.51 -15.15
C ARG C 236 35.11 -10.04 -15.28
N CYS C 237 34.20 -9.52 -14.48
CA CYS C 237 34.04 -8.06 -14.43
C CYS C 237 35.27 -7.45 -13.78
N LEU C 238 35.83 -6.42 -14.38
CA LEU C 238 36.89 -5.65 -13.74
C LEU C 238 36.42 -4.94 -12.48
N SER C 239 35.14 -4.61 -12.38
CA SER C 239 34.66 -3.97 -11.14
C SER C 239 34.84 -4.94 -9.97
N PHE C 240 34.58 -6.21 -10.27
CA PHE C 240 34.79 -7.28 -9.30
C PHE C 240 36.27 -7.48 -9.03
N GLN C 241 37.07 -7.57 -10.08
CA GLN C 241 38.48 -7.80 -9.92
C GLN C 241 39.13 -6.75 -9.00
N THR C 242 38.72 -5.50 -9.12
CA THR C 242 39.29 -4.46 -8.29
C THR C 242 38.91 -4.67 -6.86
N GLN C 243 37.83 -5.39 -6.63
CA GLN C 243 37.33 -5.60 -5.29
C GLN C 243 37.63 -6.97 -4.72
N ASP C 244 38.01 -7.92 -5.58
CA ASP C 244 38.30 -9.25 -5.11
C ASP C 244 39.59 -9.25 -4.26
N LYS C 245 39.61 -10.03 -3.20
CA LYS C 245 40.79 -10.17 -2.39
C LYS C 245 41.75 -11.15 -3.06
N GLY C 246 42.96 -11.18 -2.58
CA GLY C 246 43.96 -12.05 -3.15
C GLY C 246 44.73 -11.39 -4.27
N MET C 247 45.20 -12.24 -5.15
CA MET C 247 46.10 -11.86 -6.19
C MET C 247 45.27 -11.76 -7.46
N MET C 248 45.20 -10.58 -8.07
CA MET C 248 44.56 -10.38 -9.39
C MET C 248 45.25 -11.17 -10.49
N ASP C 249 44.51 -12.04 -11.20
CA ASP C 249 45.08 -12.79 -12.32
C ASP C 249 45.73 -11.85 -13.35
N MET C 250 46.78 -12.35 -13.99
CA MET C 250 47.55 -11.63 -15.01
C MET C 250 46.69 -10.91 -16.05
N GLU C 251 45.62 -11.56 -16.50
CA GLU C 251 44.83 -10.99 -17.59
C GLU C 251 44.30 -9.62 -17.24
N PHE C 252 43.82 -9.45 -16.02
CA PHE C 252 43.08 -8.24 -15.65
C PHE C 252 43.96 -7.08 -15.24
N ARG C 253 45.21 -7.34 -14.92
CA ARG C 253 46.12 -6.30 -14.45
C ARG C 253 46.26 -5.19 -15.48
N LYS C 254 46.66 -5.60 -16.69
CA LYS C 254 46.87 -4.67 -17.79
C LYS C 254 45.57 -3.90 -18.05
N LYS C 255 44.43 -4.59 -17.92
CA LYS C 255 43.14 -4.05 -18.33
C LYS C 255 42.49 -3.06 -17.40
N ILE C 256 42.86 -3.01 -16.14
CA ILE C 256 42.27 -1.98 -15.26
C ILE C 256 42.91 -0.63 -15.55
N LYS C 257 43.93 -0.63 -16.42
CA LYS C 257 44.69 0.58 -16.75
C LYS C 257 45.06 1.31 -15.46
N THR C 258 44.50 2.49 -15.25
CA THR C 258 44.75 3.23 -14.02
C THR C 258 43.50 3.32 -13.15
N VAL C 259 42.44 2.59 -13.51
CA VAL C 259 41.21 2.63 -12.73
C VAL C 259 41.32 1.63 -11.59
N ILE C 260 41.60 2.14 -10.39
CA ILE C 260 41.94 1.31 -9.24
C ILE C 260 40.73 0.86 -8.43
N TYR C 261 39.55 1.27 -8.84
CA TYR C 261 38.33 0.83 -8.18
C TYR C 261 37.13 0.95 -9.15
N GLY C 262 36.46 -0.17 -9.41
CA GLY C 262 35.33 -0.18 -10.30
C GLY C 262 35.75 -0.15 -11.76
N CYS C 263 34.73 -0.20 -12.61
CA CYS C 263 34.86 -0.06 -14.05
C CYS C 263 33.57 0.61 -14.59
N ASP C 264 33.73 1.57 -15.50
CA ASP C 264 32.61 2.31 -16.07
C ASP C 264 32.52 2.14 -17.58
N ILE C 265 33.35 1.26 -18.15
CA ILE C 265 33.46 1.14 -19.61
C ILE C 265 32.10 0.84 -20.26
N CYS C 266 31.29 -0.02 -19.63
CA CYS C 266 29.95 -0.41 -20.18
C CYS C 266 28.87 0.66 -20.01
N GLN C 267 29.18 1.73 -19.28
CA GLN C 267 28.32 2.90 -19.14
C GLN C 267 28.80 4.12 -19.99
N ILE C 268 30.11 4.35 -20.02
CA ILE C 268 30.71 5.36 -20.91
C ILE C 268 30.35 5.09 -22.38
N SER C 269 30.31 3.81 -22.75
CA SER C 269 29.98 3.43 -24.12
C SER C 269 28.47 3.44 -24.42
N CYS C 270 27.65 3.81 -23.44
CA CYS C 270 26.17 3.76 -23.60
C CYS C 270 25.59 5.07 -24.13
N PRO C 271 24.79 4.97 -25.23
CA PRO C 271 24.15 6.12 -25.85
C PRO C 271 23.40 6.97 -24.85
N TYR C 272 22.69 6.33 -23.95
CA TYR C 272 21.89 7.08 -22.97
C TYR C 272 22.70 7.95 -22.01
N ASN C 273 24.02 7.74 -21.97
CA ASN C 273 24.89 8.58 -21.15
C ASN C 273 25.57 9.68 -21.95
N ARG C 274 25.40 9.61 -23.29
CA ARG C 274 25.93 10.57 -24.26
C ARG C 274 26.03 12.00 -23.74
N GLY C 275 24.93 12.55 -23.24
CA GLY C 275 24.94 13.97 -22.84
C GLY C 275 24.24 14.31 -21.54
N ILE C 276 24.75 13.82 -20.42
CA ILE C 276 24.24 14.23 -19.11
C ILE C 276 25.37 14.78 -18.27
N ASP C 277 25.07 15.83 -17.51
CA ASP C 277 25.80 16.14 -16.31
C ASP C 277 24.74 16.09 -15.20
N ASN C 278 25.14 15.75 -13.98
CA ASN C 278 24.18 15.46 -12.91
C ASN C 278 24.52 16.30 -11.66
N PRO C 279 23.66 16.27 -10.63
CA PRO C 279 23.74 17.32 -9.60
C PRO C 279 24.89 17.27 -8.58
N LEU C 280 24.76 16.48 -7.51
CA LEU C 280 25.58 16.71 -6.30
C LEU C 280 27.08 16.53 -6.52
N ASP C 283 29.12 16.41 -2.53
CA ASP C 283 30.39 17.14 -2.69
C ASP C 283 31.61 16.26 -2.95
N ILE C 284 32.42 16.64 -3.94
CA ILE C 284 33.55 15.83 -4.43
C ILE C 284 34.92 16.47 -4.15
N ASP C 285 35.76 15.79 -3.38
CA ASP C 285 37.17 16.11 -3.37
C ASP C 285 37.83 15.44 -4.57
N PRO C 286 38.42 16.21 -5.50
CA PRO C 286 39.02 15.55 -6.67
C PRO C 286 40.24 14.68 -6.35
N ASP C 287 40.89 14.93 -5.19
CA ASP C 287 42.05 14.12 -4.75
C ASP C 287 41.68 12.74 -4.20
N LEU C 288 40.43 12.59 -3.79
CA LEU C 288 39.85 11.29 -3.47
C LEU C 288 39.28 10.60 -4.70
N ALA C 289 39.00 11.35 -5.74
CA ALA C 289 38.44 10.76 -6.94
C ALA C 289 39.50 10.43 -7.96
N MET C 290 40.67 11.03 -7.81
CA MET C 290 41.78 10.77 -8.73
C MET C 290 43.05 10.84 -7.90
N PRO C 291 43.24 9.83 -7.05
CA PRO C 291 44.27 9.90 -6.03
C PRO C 291 45.67 9.72 -6.59
N GLU C 292 46.60 10.42 -5.95
CA GLU C 292 47.99 10.34 -6.30
C GLU C 292 48.45 8.99 -5.78
N LEU C 293 49.06 8.21 -6.65
CA LEU C 293 49.32 6.81 -6.36
C LEU C 293 50.38 6.58 -5.29
N LEU C 294 51.56 7.16 -5.44
CA LEU C 294 52.64 6.88 -4.49
C LEU C 294 52.30 7.38 -3.09
N PRO C 295 51.69 8.57 -2.98
CA PRO C 295 51.23 8.97 -1.66
C PRO C 295 50.17 8.02 -1.13
N PHE C 296 49.32 7.51 -2.01
CA PHE C 296 48.32 6.53 -1.61
C PHE C 296 48.95 5.29 -1.02
N LEU C 297 50.06 4.84 -1.61
CA LEU C 297 50.78 3.70 -1.10
C LEU C 297 51.45 3.98 0.23
N GLU C 298 51.44 5.23 0.71
CA GLU C 298 52.03 5.54 2.04
C GLU C 298 51.01 5.38 3.13
N LEU C 299 49.75 5.23 2.77
CA LEU C 299 48.69 5.25 3.78
C LEU C 299 48.70 4.03 4.66
N THR C 300 48.44 4.26 5.94
CA THR C 300 48.27 3.20 6.93
C THR C 300 46.78 2.98 7.15
N ASN C 301 46.40 1.99 7.94
CA ASN C 301 44.98 1.78 8.22
C ASN C 301 44.34 3.03 8.81
N LYS C 302 45.07 3.70 9.71
CA LYS C 302 44.61 4.93 10.35
C LYS C 302 44.50 6.08 9.37
N SER C 303 45.58 6.40 8.65
CA SER C 303 45.52 7.52 7.69
C SER C 303 44.54 7.26 6.54
N PHE C 304 44.38 5.99 6.17
CA PHE C 304 43.42 5.60 5.14
C PHE C 304 41.99 5.84 5.59
N LYS C 305 41.65 5.42 6.81
CA LYS C 305 40.37 5.77 7.45
C LYS C 305 40.06 7.27 7.46
N GLU C 306 40.99 8.06 7.98
CA GLU C 306 40.79 9.51 8.07
C GLU C 306 40.53 10.15 6.71
N THR C 307 41.16 9.68 5.65
CA THR C 307 41.13 10.36 4.37
C THR C 307 40.17 9.78 3.35
N PHE C 308 39.93 8.47 3.42
CA PHE C 308 39.18 7.73 2.40
C PHE C 308 38.02 6.95 2.98
N GLY C 309 37.90 6.97 4.30
CA GLY C 309 36.97 6.09 5.02
C GLY C 309 35.50 6.35 4.75
N MET C 310 35.20 7.50 4.18
CA MET C 310 33.84 7.95 3.95
C MET C 310 33.32 7.48 2.60
N ILE C 311 34.18 7.04 1.68
CA ILE C 311 33.73 6.65 0.34
C ILE C 311 33.33 5.17 0.27
N ALA C 312 32.51 4.85 -0.72
CA ALA C 312 31.99 3.51 -0.88
C ALA C 312 33.11 2.50 -1.03
N GLY C 313 34.12 2.88 -1.82
CA GLY C 313 35.21 1.98 -2.17
C GLY C 313 36.11 1.62 -1.01
N SER C 314 35.86 2.20 0.17
CA SER C 314 36.63 1.90 1.36
C SER C 314 36.14 0.71 2.15
N TRP C 315 35.12 0.01 1.64
CA TRP C 315 34.41 -1.02 2.41
C TRP C 315 35.21 -2.29 2.71
N ARG C 316 36.32 -2.50 2.01
CA ARG C 316 37.21 -3.62 2.38
C ARG C 316 38.59 -3.19 2.93
N GLY C 317 38.77 -1.90 3.18
CA GLY C 317 40.05 -1.38 3.63
C GLY C 317 41.03 -1.07 2.50
N LYS C 318 42.22 -0.67 2.90
CA LYS C 318 43.19 -0.10 1.99
C LYS C 318 43.86 -1.13 1.08
N ASN C 319 43.94 -2.39 1.52
CA ASN C 319 44.80 -3.35 0.86
C ASN C 319 44.45 -3.65 -0.58
N ILE C 320 43.18 -3.85 -0.87
CA ILE C 320 42.84 -4.10 -2.27
C ILE C 320 43.14 -2.87 -3.15
N LEU C 321 42.93 -1.70 -2.59
CA LEU C 321 43.23 -0.49 -3.31
C LEU C 321 44.73 -0.30 -3.54
N GLN C 322 45.56 -0.56 -2.54
CA GLN C 322 46.99 -0.36 -2.68
C GLN C 322 47.56 -1.40 -3.66
N ARG C 323 47.04 -2.63 -3.62
CA ARG C 323 47.36 -3.59 -4.67
C ARG C 323 47.08 -2.98 -6.05
N ASN C 324 45.88 -2.44 -6.22
CA ASN C 324 45.45 -1.88 -7.52
C ASN C 324 46.32 -0.70 -7.93
N ALA C 325 46.71 0.10 -6.94
CA ALA C 325 47.55 1.24 -7.20
C ALA C 325 48.91 0.81 -7.72
N ILE C 326 49.45 -0.27 -7.14
CA ILE C 326 50.71 -0.84 -7.66
C ILE C 326 50.50 -1.24 -9.10
N ILE C 327 49.35 -1.83 -9.38
CA ILE C 327 49.06 -2.24 -10.76
C ILE C 327 48.96 -1.03 -11.70
N ALA C 328 48.33 0.04 -11.23
CA ALA C 328 48.25 1.27 -12.02
C ALA C 328 49.65 1.80 -12.33
N LEU C 329 50.47 1.94 -11.29
CA LEU C 329 51.85 2.36 -11.46
C LEU C 329 52.61 1.52 -12.47
N ALA C 330 52.38 0.22 -12.46
CA ALA C 330 53.00 -0.63 -13.46
C ALA C 330 52.44 -0.32 -14.85
N ASN C 331 51.12 -0.12 -14.95
CA ASN C 331 50.50 0.19 -16.23
C ASN C 331 50.95 1.55 -16.81
N LEU C 332 51.33 2.48 -15.94
CA LEU C 332 51.95 3.74 -16.37
C LEU C 332 53.48 3.67 -16.58
N HIS C 333 54.10 2.51 -16.40
CA HIS C 333 55.55 2.38 -16.54
C HIS C 333 56.35 3.43 -15.74
N ASP C 334 55.84 3.77 -14.55
CA ASP C 334 56.34 4.90 -13.77
C ASP C 334 57.67 4.60 -13.08
N ARG C 335 58.77 5.09 -13.66
CA ARG C 335 60.10 4.85 -13.12
C ARG C 335 60.21 5.41 -11.72
N ASN C 336 59.34 6.35 -11.36
CA ASN C 336 59.44 6.94 -10.04
C ASN C 336 58.95 6.05 -8.90
N ALA C 337 58.26 4.98 -9.26
CA ALA C 337 57.74 4.05 -8.27
C ALA C 337 58.78 2.98 -7.88
N ILE C 338 59.83 2.86 -8.68
CA ILE C 338 60.76 1.76 -8.48
C ILE C 338 61.21 1.67 -7.01
N VAL C 339 61.65 2.77 -6.42
CA VAL C 339 62.28 2.70 -5.09
C VAL C 339 61.23 2.32 -4.05
N LYS C 340 60.02 2.78 -4.26
CA LYS C 340 58.92 2.38 -3.38
C LYS C 340 58.54 0.89 -3.51
N LEU C 341 58.53 0.38 -4.74
CA LEU C 341 58.24 -1.01 -4.95
C LEU C 341 59.31 -1.84 -4.27
N MET C 342 60.54 -1.34 -4.27
CA MET C 342 61.65 -2.09 -3.69
C MET C 342 61.46 -2.14 -2.18
N GLU C 343 60.95 -1.05 -1.62
CA GLU C 343 60.69 -0.97 -0.17
C GLU C 343 59.60 -1.95 0.25
N ILE C 344 58.52 -1.98 -0.51
CA ILE C 344 57.44 -2.91 -0.27
C ILE C 344 57.96 -4.35 -0.27
N ILE C 345 58.69 -4.70 -1.32
CA ILE C 345 59.25 -6.05 -1.46
C ILE C 345 60.21 -6.47 -0.35
N ASP C 346 61.07 -5.58 0.10
CA ASP C 346 62.06 -5.96 1.09
C ASP C 346 61.42 -6.06 2.48
N LYS C 347 60.50 -5.16 2.79
CA LYS C 347 59.78 -5.17 4.08
C LYS C 347 58.86 -6.38 4.18
N ASN C 348 58.06 -6.54 3.13
CA ASN C 348 57.24 -7.72 2.92
C ASN C 348 56.22 -8.01 3.96
N ASN C 349 55.66 -6.96 4.46
CA ASN C 349 54.70 -7.05 5.55
C ASN C 349 53.34 -7.41 4.98
N ASN C 350 53.15 -7.12 3.69
CA ASN C 350 51.99 -7.54 2.97
C ASN C 350 52.39 -8.37 1.74
N PRO C 351 52.21 -9.68 1.80
CA PRO C 351 52.65 -10.53 0.66
C PRO C 351 51.95 -10.31 -0.68
N ILE C 352 50.65 -10.05 -0.67
CA ILE C 352 49.98 -9.72 -1.94
C ILE C 352 50.67 -8.56 -2.60
N HIS C 353 50.94 -7.52 -1.83
CA HIS C 353 51.63 -6.32 -2.37
C HIS C 353 53.02 -6.63 -2.87
N THR C 354 53.76 -7.43 -2.10
CA THR C 354 55.08 -7.87 -2.52
C THR C 354 55.09 -8.56 -3.87
N ALA C 355 54.24 -9.55 -3.99
CA ALA C 355 54.13 -10.30 -5.25
C ALA C 355 53.67 -9.41 -6.40
N THR C 356 52.77 -8.50 -6.09
CA THR C 356 52.30 -7.60 -7.12
C THR C 356 53.45 -6.67 -7.53
N ALA C 357 54.14 -6.12 -6.54
CA ALA C 357 55.29 -5.24 -6.79
C ALA C 357 56.40 -5.93 -7.62
N ILE C 358 56.70 -7.18 -7.32
CA ILE C 358 57.70 -7.90 -8.08
C ILE C 358 57.30 -7.90 -9.56
N TRP C 359 56.05 -8.24 -9.83
CA TRP C 359 55.51 -8.19 -11.20
C TRP C 359 55.67 -6.78 -11.76
N ALA C 360 55.27 -5.80 -10.98
CA ALA C 360 55.32 -4.40 -11.40
C ALA C 360 56.74 -3.95 -11.87
N LEU C 361 57.79 -4.41 -11.20
CA LEU C 361 59.14 -4.10 -11.65
C LEU C 361 59.44 -4.69 -13.02
N GLY C 362 58.91 -5.86 -13.31
CA GLY C 362 59.10 -6.46 -14.63
C GLY C 362 58.40 -5.68 -15.75
N GLU C 363 57.47 -4.82 -15.37
CA GLU C 363 56.68 -4.05 -16.33
C GLU C 363 57.32 -2.68 -16.53
N ILE C 364 57.70 -2.05 -15.40
CA ILE C 364 58.30 -0.70 -15.37
C ILE C 364 59.72 -0.64 -15.93
N VAL C 365 60.59 -1.53 -15.49
CA VAL C 365 61.99 -1.53 -15.90
C VAL C 365 62.15 -2.28 -17.23
N LYS C 366 62.05 -1.53 -18.32
CA LYS C 366 62.00 -2.13 -19.66
C LYS C 366 63.36 -2.68 -20.11
N LYS C 367 64.44 -1.98 -19.79
CA LYS C 367 65.81 -2.45 -20.12
C LYS C 367 66.69 -2.54 -18.86
N PRO C 368 66.61 -3.66 -18.15
CA PRO C 368 67.26 -3.71 -16.85
C PRO C 368 68.76 -3.69 -16.95
N ASP C 369 69.39 -2.79 -16.20
CA ASP C 369 70.83 -2.81 -16.00
C ASP C 369 71.27 -4.06 -15.22
N GLU C 370 72.57 -4.27 -15.13
CA GLU C 370 73.12 -5.43 -14.45
C GLU C 370 72.81 -5.34 -12.95
N GLY C 371 72.77 -4.12 -12.42
CA GLY C 371 72.46 -3.95 -10.99
C GLY C 371 71.07 -4.44 -10.61
N MET C 372 70.12 -4.13 -11.50
CA MET C 372 68.75 -4.59 -11.32
C MET C 372 68.63 -6.10 -11.49
N LEU C 373 69.31 -6.68 -12.48
CA LEU C 373 69.29 -8.12 -12.65
C LEU C 373 69.81 -8.80 -11.36
N ASP C 374 70.84 -8.25 -10.75
CA ASP C 374 71.38 -8.82 -9.52
C ASP C 374 70.35 -8.67 -8.40
N TYR C 375 69.66 -7.54 -8.35
CA TYR C 375 68.65 -7.31 -7.30
C TYR C 375 67.61 -8.40 -7.38
N MET C 376 67.08 -8.56 -8.58
CA MET C 376 65.99 -9.51 -8.85
C MET C 376 66.45 -10.94 -8.64
N ARG C 377 67.58 -11.29 -9.24
CA ARG C 377 68.17 -12.64 -9.05
C ARG C 377 68.26 -12.97 -7.57
N GLY C 378 68.57 -11.94 -6.78
CA GLY C 378 68.88 -12.10 -5.35
C GLY C 378 67.73 -12.13 -4.37
N LEU C 379 66.51 -11.91 -4.84
CA LEU C 379 65.33 -12.09 -3.99
C LEU C 379 65.13 -13.56 -3.89
N SER C 380 64.63 -13.99 -2.75
CA SER C 380 64.13 -15.36 -2.64
C SER C 380 62.80 -15.22 -1.94
N PRO C 381 61.72 -15.19 -2.73
CA PRO C 381 60.42 -15.01 -2.19
C PRO C 381 60.07 -15.94 -1.06
N LYS C 382 59.59 -15.37 0.02
CA LYS C 382 59.02 -16.11 1.14
C LYS C 382 57.93 -17.11 0.67
N ASP C 383 56.84 -16.59 0.10
CA ASP C 383 55.65 -17.37 -0.19
C ASP C 383 55.38 -17.67 -1.65
N GLU C 384 54.33 -18.46 -1.90
CA GLU C 384 54.08 -19.05 -3.22
C GLU C 384 53.66 -18.07 -4.33
N HIS C 385 52.87 -17.07 -4.00
CA HIS C 385 52.49 -16.08 -5.00
C HIS C 385 53.65 -15.20 -5.42
N SER C 386 54.42 -14.71 -4.45
CA SER C 386 55.64 -14.00 -4.76
C SER C 386 56.59 -14.86 -5.65
N GLN C 387 56.72 -16.14 -5.29
CA GLN C 387 57.61 -17.05 -5.97
C GLN C 387 57.19 -17.12 -7.40
N ALA C 388 55.89 -17.29 -7.60
CA ALA C 388 55.33 -17.41 -8.93
C ALA C 388 55.61 -16.18 -9.79
N GLU C 389 55.38 -15.00 -9.22
CA GLU C 389 55.61 -13.74 -9.96
C GLU C 389 57.08 -13.55 -10.24
N TRP C 390 57.89 -13.92 -9.27
CA TRP C 390 59.35 -13.83 -9.41
C TRP C 390 59.90 -14.70 -10.54
N GLU C 391 59.44 -15.94 -10.60
CA GLU C 391 59.83 -16.84 -11.68
C GLU C 391 59.55 -16.24 -13.02
N LEU C 392 58.42 -15.57 -13.15
CA LEU C 392 58.02 -14.98 -14.42
C LEU C 392 58.92 -13.82 -14.82
N VAL C 393 59.26 -12.96 -13.87
CA VAL C 393 60.12 -11.84 -14.18
C VAL C 393 61.50 -12.37 -14.54
N CYS C 394 62.04 -13.20 -13.68
CA CYS C 394 63.27 -13.89 -14.02
C CYS C 394 63.26 -14.43 -15.46
N ALA C 395 62.25 -15.22 -15.81
CA ALA C 395 62.18 -15.78 -17.16
C ALA C 395 62.13 -14.70 -18.25
N LYS C 396 61.37 -13.66 -18.01
CA LYS C 396 61.29 -12.54 -18.92
C LYS C 396 62.64 -11.83 -19.08
N TRP C 397 63.44 -11.80 -18.02
CA TRP C 397 64.73 -11.11 -18.02
C TRP C 397 65.87 -12.09 -18.24
N GLN C 398 65.54 -13.31 -18.67
CA GLN C 398 66.54 -14.25 -19.11
C GLN C 398 67.56 -14.56 -17.99
N ILE C 399 67.10 -14.56 -16.75
CA ILE C 399 67.94 -14.89 -15.59
C ILE C 399 68.12 -16.40 -15.44
N MET D 28 -61.14 -13.08 29.27
CA MET D 28 -61.29 -12.62 27.85
C MET D 28 -60.25 -11.52 27.54
N ASN D 29 -59.59 -11.65 26.40
CA ASN D 29 -58.48 -10.78 25.96
C ASN D 29 -57.14 -10.85 26.73
N ILE D 30 -56.94 -11.93 27.48
CA ILE D 30 -55.62 -12.20 28.10
C ILE D 30 -54.53 -12.28 27.03
N LYS D 31 -54.81 -12.98 25.94
CA LYS D 31 -53.83 -13.20 24.89
C LYS D 31 -53.32 -11.85 24.33
N LEU D 32 -54.24 -10.90 24.16
CA LEU D 32 -53.87 -9.57 23.66
C LEU D 32 -53.16 -8.80 24.77
N GLU D 33 -53.57 -9.03 26.02
CA GLU D 33 -52.97 -8.35 27.17
C GLU D 33 -51.55 -8.82 27.46
N ILE D 34 -51.34 -10.14 27.34
CA ILE D 34 -50.02 -10.74 27.49
C ILE D 34 -49.08 -10.14 26.43
N GLN D 35 -49.43 -10.32 25.16
CA GLN D 35 -48.67 -9.73 24.04
C GLN D 35 -48.32 -8.27 24.31
N LYS D 36 -49.26 -7.54 24.89
CA LYS D 36 -49.08 -6.13 25.23
C LYS D 36 -47.93 -5.94 26.24
N MET D 37 -47.93 -6.73 27.32
CA MET D 37 -46.86 -6.64 28.36
C MET D 37 -45.58 -7.38 27.98
N ALA D 38 -45.68 -8.32 27.04
CA ALA D 38 -44.50 -8.97 26.49
C ALA D 38 -43.58 -7.90 25.89
N LYS D 39 -44.04 -7.23 24.83
CA LYS D 39 -43.20 -6.23 24.16
C LYS D 39 -42.83 -5.11 25.13
N GLU D 40 -43.69 -4.87 26.10
CA GLU D 40 -43.40 -3.92 27.18
C GLU D 40 -42.08 -4.26 27.90
N ILE D 41 -41.88 -5.53 28.24
CA ILE D 41 -40.71 -5.95 29.02
C ILE D 41 -39.56 -6.54 28.19
N GLY D 42 -39.50 -6.18 26.90
CA GLY D 42 -38.33 -6.47 26.08
C GLY D 42 -38.31 -7.83 25.39
N ILE D 43 -39.46 -8.52 25.36
CA ILE D 43 -39.54 -9.78 24.65
C ILE D 43 -39.78 -9.50 23.17
N SER D 44 -38.90 -9.99 22.32
CA SER D 44 -38.95 -9.69 20.89
C SER D 44 -40.01 -10.47 20.09
N LYS D 45 -40.53 -11.55 20.67
CA LYS D 45 -41.55 -12.36 20.02
C LYS D 45 -42.17 -13.25 21.05
N ILE D 46 -43.43 -13.60 20.83
CA ILE D 46 -44.15 -14.46 21.76
C ILE D 46 -45.15 -15.33 21.00
N GLY D 47 -45.44 -16.49 21.56
CA GLY D 47 -46.18 -17.52 20.85
C GLY D 47 -46.94 -18.30 21.88
N PHE D 48 -47.93 -19.05 21.43
CA PHE D 48 -48.78 -19.83 22.32
C PHE D 48 -49.02 -21.20 21.70
N THR D 49 -49.12 -22.22 22.55
CA THR D 49 -49.35 -23.55 22.08
C THR D 49 -49.90 -24.37 23.20
N THR D 50 -50.41 -25.54 22.87
CA THR D 50 -51.05 -26.37 23.85
C THR D 50 -49.97 -27.04 24.70
N ALA D 51 -50.40 -27.51 25.86
CA ALA D 51 -49.61 -28.43 26.66
C ALA D 51 -49.74 -29.87 26.14
N ASP D 52 -50.07 -30.04 24.87
CA ASP D 52 -50.14 -31.39 24.29
C ASP D 52 -48.74 -31.92 24.21
N ASP D 53 -48.61 -33.22 24.44
CA ASP D 53 -47.29 -33.82 24.44
C ASP D 53 -46.62 -33.76 23.06
N PHE D 54 -45.37 -34.22 22.99
CA PHE D 54 -44.58 -34.07 21.78
C PHE D 54 -44.08 -35.42 21.27
N ASP D 55 -44.89 -36.47 21.37
CA ASP D 55 -44.36 -37.83 21.07
C ASP D 55 -43.83 -38.01 19.65
N TYR D 56 -44.07 -37.05 18.75
CA TYR D 56 -43.42 -37.11 17.45
C TYR D 56 -41.89 -37.09 17.58
N LEU D 57 -41.40 -36.49 18.66
CA LEU D 57 -39.97 -36.43 18.98
C LEU D 57 -39.37 -37.73 19.54
N GLU D 58 -40.12 -38.43 20.40
CA GLU D 58 -39.66 -39.70 21.03
C GLU D 58 -38.69 -40.48 20.18
N LYS D 59 -39.20 -40.93 19.04
CA LYS D 59 -38.43 -41.74 18.10
C LYS D 59 -36.98 -41.27 17.99
N SER D 60 -36.80 -40.00 17.60
CA SER D 60 -35.47 -39.45 17.26
C SER D 60 -34.63 -39.04 18.48
N LEU D 61 -35.29 -38.54 19.54
CA LEU D 61 -34.60 -38.30 20.81
C LEU D 61 -33.91 -39.58 21.31
N ARG D 62 -34.66 -40.67 21.33
CA ARG D 62 -34.16 -41.99 21.72
C ARG D 62 -33.09 -42.52 20.79
N LEU D 63 -33.21 -42.20 19.50
CA LEU D 63 -32.23 -42.66 18.53
C LEU D 63 -30.90 -41.90 18.67
N GLY D 64 -30.97 -40.63 19.01
CA GLY D 64 -29.78 -39.81 19.31
C GLY D 64 -28.96 -40.45 20.42
N VAL D 65 -29.63 -40.77 21.53
CA VAL D 65 -28.97 -41.42 22.65
C VAL D 65 -28.39 -42.78 22.28
N GLU D 66 -29.15 -43.59 21.58
CA GLU D 66 -28.71 -44.93 21.29
C GLU D 66 -27.54 -44.90 20.28
N GLU D 67 -27.57 -43.97 19.32
CA GLU D 67 -26.51 -43.84 18.33
C GLU D 67 -25.30 -43.04 18.81
N GLY D 68 -25.38 -42.50 20.02
CA GLY D 68 -24.26 -41.79 20.64
C GLY D 68 -23.99 -40.41 20.07
N ARG D 69 -25.04 -39.75 19.58
CA ARG D 69 -24.91 -38.43 18.96
C ARG D 69 -25.25 -37.31 19.93
N THR D 70 -25.52 -37.69 21.18
CA THR D 70 -25.90 -36.76 22.25
C THR D 70 -24.67 -36.21 22.99
N THR D 71 -24.74 -34.96 23.47
CA THR D 71 -23.59 -34.34 24.13
C THR D 71 -23.39 -34.70 25.59
N GLY D 72 -24.49 -35.00 26.28
CA GLY D 72 -24.50 -35.19 27.72
C GLY D 72 -25.09 -33.98 28.43
N PHE D 73 -25.36 -32.88 27.73
CA PHE D 73 -25.91 -31.67 28.35
C PHE D 73 -27.42 -31.71 28.35
N GLU D 74 -27.97 -32.68 27.66
CA GLU D 74 -29.40 -32.78 27.48
C GLU D 74 -30.02 -33.36 28.73
N HIS D 75 -31.27 -32.97 29.00
CA HIS D 75 -32.03 -33.55 30.08
C HIS D 75 -32.15 -35.04 29.83
N LYS D 76 -31.96 -35.87 30.85
CA LYS D 76 -31.71 -37.29 30.61
C LYS D 76 -32.99 -38.10 30.53
N ASN D 77 -33.97 -37.71 31.32
CA ASN D 77 -35.26 -38.39 31.37
C ASN D 77 -36.13 -38.04 30.16
N ILE D 78 -36.21 -38.98 29.20
CA ILE D 78 -36.86 -38.71 27.93
C ILE D 78 -38.36 -38.42 28.09
N GLU D 79 -39.01 -39.12 29.02
CA GLU D 79 -40.44 -38.85 29.34
C GLU D 79 -40.68 -37.40 29.74
N GLU D 80 -39.87 -36.88 30.67
CA GLU D 80 -40.02 -35.48 31.14
C GLU D 80 -39.84 -34.47 29.99
N ARG D 81 -39.23 -34.95 28.93
CA ARG D 81 -38.91 -34.14 27.76
C ARG D 81 -40.09 -33.89 26.80
N ILE D 82 -40.96 -34.90 26.70
CA ILE D 82 -42.09 -34.89 25.76
C ILE D 82 -43.47 -34.69 26.44
N TYR D 83 -43.59 -34.96 27.74
CA TYR D 83 -44.88 -34.88 28.45
C TYR D 83 -44.91 -33.71 29.43
N PRO D 84 -45.36 -32.53 28.96
CA PRO D 84 -45.34 -31.32 29.78
C PRO D 84 -46.04 -31.43 31.14
N LYS D 85 -47.01 -32.32 31.24
CA LYS D 85 -47.75 -32.47 32.50
C LYS D 85 -46.87 -33.03 33.62
N LEU D 86 -45.79 -33.72 33.26
CA LEU D 86 -44.80 -34.17 34.25
C LEU D 86 -44.05 -33.02 34.91
N SER D 87 -43.97 -31.87 34.23
CA SER D 87 -43.38 -30.66 34.82
C SER D 87 -44.40 -29.79 35.56
N LEU D 88 -45.70 -29.94 35.26
CA LEU D 88 -46.74 -29.12 35.92
C LEU D 88 -47.99 -29.88 36.50
N GLU D 89 -48.70 -30.65 35.68
CA GLU D 89 -49.95 -31.37 36.08
C GLU D 89 -51.16 -30.57 35.66
N SER D 90 -51.26 -29.33 36.15
CA SER D 90 -52.35 -28.40 35.73
C SER D 90 -52.07 -27.72 34.38
N ALA D 91 -51.26 -28.35 33.55
CA ALA D 91 -50.78 -27.77 32.30
C ALA D 91 -51.86 -27.75 31.24
N LYS D 92 -51.97 -26.60 30.59
CA LYS D 92 -53.03 -26.34 29.65
C LYS D 92 -52.49 -25.64 28.40
N THR D 93 -51.73 -24.58 28.58
CA THR D 93 -51.01 -23.98 27.47
C THR D 93 -49.52 -23.76 27.80
N ILE D 94 -48.69 -23.59 26.76
CA ILE D 94 -47.27 -23.23 26.92
C ILE D 94 -47.00 -21.96 26.13
N ILE D 95 -46.34 -21.00 26.78
CA ILE D 95 -46.03 -19.73 26.16
C ILE D 95 -44.54 -19.70 25.85
N SER D 96 -44.20 -19.66 24.56
CA SER D 96 -42.82 -19.60 24.13
C SER D 96 -42.38 -18.17 23.94
N ILE D 97 -41.27 -17.78 24.58
CA ILE D 97 -40.72 -16.44 24.34
C ILE D 97 -39.44 -16.50 23.52
N ALA D 98 -39.11 -15.38 22.90
CA ALA D 98 -37.89 -15.22 22.14
C ALA D 98 -37.36 -13.83 22.38
N VAL D 99 -36.07 -13.73 22.71
CA VAL D 99 -35.41 -12.44 22.86
C VAL D 99 -34.30 -12.42 21.84
N ALA D 100 -34.28 -11.40 21.00
CA ALA D 100 -33.27 -11.30 19.96
C ALA D 100 -31.97 -10.76 20.52
N TYR D 101 -30.86 -11.15 19.90
CA TYR D 101 -29.54 -10.63 20.29
C TYR D 101 -28.71 -10.25 19.05
N PRO D 102 -27.85 -9.22 19.20
CA PRO D 102 -26.99 -8.82 18.08
C PRO D 102 -25.94 -9.87 17.75
N HIS D 103 -25.67 -10.03 16.47
CA HIS D 103 -24.66 -10.97 16.01
C HIS D 103 -23.42 -10.26 15.44
N LYS D 104 -23.56 -8.97 15.14
CA LYS D 104 -22.45 -8.10 14.75
C LYS D 104 -22.15 -7.24 15.95
N LEU D 105 -20.92 -6.79 16.04
CA LEU D 105 -20.52 -6.02 17.21
C LEU D 105 -20.80 -4.52 16.95
N PRO D 106 -21.53 -3.87 17.88
CA PRO D 106 -21.77 -2.43 17.75
C PRO D 106 -20.46 -1.70 17.51
N GLN D 107 -19.55 -1.85 18.46
CA GLN D 107 -18.29 -1.14 18.48
C GLN D 107 -17.16 -2.15 18.54
N GLN D 108 -16.33 -2.19 17.48
CA GLN D 108 -15.11 -3.02 17.49
C GLN D 108 -14.19 -2.68 18.65
N PRO D 109 -13.44 -3.68 19.16
CA PRO D 109 -12.48 -3.39 20.22
C PRO D 109 -11.20 -2.78 19.65
N GLN D 110 -10.44 -2.10 20.48
CA GLN D 110 -9.30 -1.35 19.99
C GLN D 110 -8.07 -2.25 19.85
N LYS D 111 -7.51 -2.31 18.64
CA LYS D 111 -6.25 -3.02 18.38
C LYS D 111 -5.19 -2.79 19.48
N THR D 112 -4.53 -3.87 19.90
CA THR D 112 -3.46 -3.78 20.89
C THR D 112 -2.30 -4.61 20.42
N GLU D 113 -1.23 -4.64 21.22
CA GLU D 113 -0.13 -5.62 21.07
C GLU D 113 -0.66 -7.04 20.90
N PHE D 114 -1.72 -7.35 21.67
CA PHE D 114 -2.22 -8.69 21.86
C PHE D 114 -3.29 -9.11 20.88
N LYS D 115 -3.08 -10.23 20.18
CA LYS D 115 -4.08 -10.71 19.22
C LYS D 115 -5.27 -11.27 19.98
N ARG D 116 -6.42 -11.26 19.32
CA ARG D 116 -7.69 -11.49 19.95
C ARG D 116 -8.36 -12.72 19.38
N GLY D 117 -9.12 -13.41 20.21
CA GLY D 117 -10.00 -14.48 19.73
C GLY D 117 -11.42 -13.97 19.67
N LYS D 118 -12.31 -14.75 19.05
CA LYS D 118 -13.73 -14.47 19.03
C LYS D 118 -14.46 -15.46 19.93
N ILE D 119 -15.67 -15.10 20.30
CA ILE D 119 -16.46 -15.86 21.26
C ILE D 119 -17.92 -15.58 20.92
N THR D 120 -18.68 -16.64 20.64
CA THR D 120 -19.99 -16.53 20.03
C THR D 120 -20.84 -15.40 20.58
N PRO D 121 -21.57 -14.70 19.69
CA PRO D 121 -22.50 -13.65 20.13
C PRO D 121 -23.59 -14.16 21.06
N ASN D 122 -23.89 -15.46 20.98
CA ASN D 122 -24.78 -16.14 21.95
C ASN D 122 -24.34 -15.98 23.41
N SER D 123 -23.09 -15.57 23.61
CA SER D 123 -22.56 -15.35 24.94
C SER D 123 -22.01 -13.95 25.12
N TRP D 124 -22.49 -12.99 24.34
CA TRP D 124 -22.12 -11.56 24.59
C TRP D 124 -23.02 -10.99 25.64
N GLY D 125 -22.44 -10.20 26.55
CA GLY D 125 -23.23 -9.58 27.59
C GLY D 125 -23.85 -10.59 28.51
N LEU D 126 -24.78 -10.13 29.35
CA LEU D 126 -25.30 -10.92 30.46
C LEU D 126 -25.90 -12.24 30.09
N ASP D 127 -25.58 -13.27 30.87
CA ASP D 127 -25.97 -14.65 30.62
C ASP D 127 -27.44 -14.66 30.29
N TYR D 128 -27.77 -15.10 29.08
CA TYR D 128 -29.18 -15.18 28.67
C TYR D 128 -30.06 -15.91 29.69
N HIS D 129 -29.55 -16.96 30.31
CA HIS D 129 -30.29 -17.67 31.36
C HIS D 129 -30.83 -16.70 32.39
N TYR D 130 -30.00 -15.77 32.84
CA TYR D 130 -30.49 -14.83 33.82
C TYR D 130 -31.47 -13.83 33.19
N VAL D 131 -31.13 -13.31 32.02
CA VAL D 131 -31.96 -12.29 31.36
C VAL D 131 -33.38 -12.82 31.14
N LEU D 132 -33.49 -14.02 30.59
CA LEU D 132 -34.80 -14.59 30.27
C LEU D 132 -35.58 -15.01 31.50
N GLN D 133 -34.92 -15.58 32.50
CA GLN D 133 -35.60 -15.94 33.73
C GLN D 133 -36.20 -14.70 34.37
N ASP D 134 -35.48 -13.57 34.29
CA ASP D 134 -35.99 -12.28 34.77
C ASP D 134 -37.25 -11.85 33.99
N LYS D 135 -37.20 -11.90 32.66
CA LYS D 135 -38.35 -11.63 31.81
C LYS D 135 -39.58 -12.54 32.09
N LEU D 136 -39.38 -13.85 32.17
CA LEU D 136 -40.44 -14.80 32.56
C LEU D 136 -41.02 -14.57 33.95
N LYS D 137 -40.23 -14.02 34.87
CA LYS D 137 -40.68 -13.73 36.23
C LYS D 137 -41.67 -12.58 36.15
N ARG D 138 -41.26 -11.52 35.44
CA ARG D 138 -42.06 -10.32 35.20
C ARG D 138 -43.38 -10.61 34.49
N LEU D 139 -43.32 -11.41 33.43
CA LEU D 139 -44.50 -11.91 32.72
C LEU D 139 -45.46 -12.67 33.64
N ALA D 140 -44.93 -13.57 34.46
CA ALA D 140 -45.74 -14.27 35.43
C ALA D 140 -46.34 -13.32 36.48
N LYS D 141 -45.58 -12.34 36.97
CA LYS D 141 -46.09 -11.41 38.00
C LYS D 141 -47.18 -10.51 37.41
N GLY D 142 -47.03 -10.16 36.14
CA GLY D 142 -48.02 -9.35 35.42
C GLY D 142 -49.26 -10.12 35.00
N ILE D 143 -49.19 -11.46 35.02
CA ILE D 143 -50.36 -12.34 34.79
C ILE D 143 -51.06 -12.70 36.12
N GLU D 144 -50.29 -12.81 37.21
CA GLU D 144 -50.85 -13.04 38.56
C GLU D 144 -52.02 -12.10 38.84
N LYS D 145 -51.83 -10.83 38.46
CA LYS D 145 -52.82 -9.77 38.69
C LYS D 145 -54.10 -9.97 37.90
N LEU D 146 -53.96 -10.34 36.63
CA LEU D 146 -55.10 -10.38 35.69
C LEU D 146 -55.86 -11.72 35.64
N THR D 147 -55.67 -12.60 36.63
CA THR D 147 -56.44 -13.85 36.74
C THR D 147 -56.39 -14.34 38.17
N GLU D 148 -56.96 -15.53 38.39
CA GLU D 148 -56.91 -16.18 39.71
C GLU D 148 -56.53 -17.63 39.51
N ASN D 149 -55.92 -18.22 40.53
CA ASN D 149 -55.42 -19.60 40.46
C ASN D 149 -54.36 -19.82 39.38
N PHE D 150 -53.64 -18.78 39.01
CA PHE D 150 -52.62 -18.89 37.98
C PHE D 150 -51.49 -19.80 38.46
N GLU D 151 -51.12 -20.77 37.64
CA GLU D 151 -50.02 -21.67 37.97
C GLU D 151 -49.04 -21.75 36.81
N TYR D 152 -47.74 -21.70 37.13
CA TYR D 152 -46.71 -21.70 36.08
C TYR D 152 -45.43 -22.45 36.43
N LYS D 153 -44.60 -22.61 35.41
CA LYS D 153 -43.33 -23.32 35.51
C LYS D 153 -42.44 -22.82 34.36
N GLY D 154 -41.43 -22.04 34.70
CA GLY D 154 -40.56 -21.40 33.72
C GLY D 154 -39.35 -22.26 33.36
N MET D 155 -38.98 -22.23 32.08
CA MET D 155 -37.79 -22.94 31.60
C MET D 155 -36.98 -22.07 30.66
N VAL D 156 -35.67 -22.18 30.75
CA VAL D 156 -34.82 -21.60 29.72
C VAL D 156 -33.50 -22.39 29.66
N ASP D 157 -33.35 -23.17 28.58
CA ASP D 157 -32.15 -23.97 28.28
C ASP D 157 -31.99 -25.17 29.21
N THR D 158 -32.07 -24.92 30.51
CA THR D 158 -31.74 -25.92 31.52
C THR D 158 -32.92 -26.79 31.89
N GLY D 159 -34.09 -26.48 31.35
CA GLY D 159 -35.30 -27.25 31.63
C GLY D 159 -35.38 -28.51 30.78
N ALA D 160 -36.41 -29.30 31.04
CA ALA D 160 -36.59 -30.62 30.42
C ALA D 160 -37.14 -30.58 29.00
N LEU D 161 -37.89 -29.55 28.67
CA LEU D 161 -38.48 -29.47 27.34
C LEU D 161 -37.46 -29.18 26.26
N VAL D 162 -37.83 -29.57 25.04
CA VAL D 162 -37.06 -29.23 23.88
C VAL D 162 -37.45 -27.81 23.51
N ASP D 163 -36.65 -26.83 23.93
CA ASP D 163 -36.96 -25.40 23.76
C ASP D 163 -37.25 -25.02 22.31
N THR D 164 -36.69 -25.81 21.43
CA THR D 164 -36.63 -25.48 20.05
C THR D 164 -37.96 -25.87 19.38
N ALA D 165 -38.49 -27.01 19.78
CA ALA D 165 -39.74 -27.59 19.23
C ALA D 165 -40.98 -26.91 19.84
N VAL D 166 -40.84 -26.41 21.05
CA VAL D 166 -41.87 -25.63 21.67
C VAL D 166 -42.09 -24.34 20.89
N ALA D 167 -41.01 -23.63 20.62
CA ALA D 167 -41.08 -22.35 19.88
C ALA D 167 -41.62 -22.52 18.45
N LYS D 168 -41.43 -23.70 17.87
CA LYS D 168 -42.05 -24.00 16.56
C LYS D 168 -43.58 -24.14 16.65
N ARG D 169 -44.07 -25.08 17.48
CA ARG D 169 -45.52 -25.21 17.71
C ARG D 169 -46.19 -23.90 18.13
N ALA D 170 -45.43 -22.98 18.71
CA ALA D 170 -45.99 -21.70 19.12
C ALA D 170 -45.85 -20.61 18.04
N GLY D 171 -45.30 -20.98 16.89
CA GLY D 171 -45.11 -20.06 15.79
C GLY D 171 -44.17 -18.90 16.07
N ILE D 172 -43.06 -19.18 16.75
CA ILE D 172 -41.98 -18.17 16.89
C ILE D 172 -41.19 -18.15 15.58
N GLY D 173 -41.05 -19.33 15.00
CA GLY D 173 -40.32 -19.46 13.76
C GLY D 173 -40.33 -20.93 13.42
N PHE D 174 -39.55 -21.29 12.41
CA PHE D 174 -39.47 -22.68 11.95
C PHE D 174 -38.11 -23.28 12.31
N ILE D 175 -38.02 -24.61 12.35
CA ILE D 175 -36.78 -25.29 12.63
C ILE D 175 -36.03 -25.48 11.33
N GLY D 176 -34.84 -24.91 11.24
CA GLY D 176 -34.02 -25.09 10.05
C GLY D 176 -33.43 -26.49 9.92
N LYS D 177 -32.72 -26.73 8.82
CA LYS D 177 -31.93 -27.95 8.66
C LYS D 177 -30.72 -27.92 9.62
N ASN D 178 -30.35 -26.71 10.05
CA ASN D 178 -29.28 -26.51 11.01
C ASN D 178 -29.73 -26.82 12.46
N GLY D 179 -31.00 -27.18 12.65
CA GLY D 179 -31.51 -27.56 13.96
C GLY D 179 -32.04 -26.39 14.78
N LEU D 180 -31.76 -25.17 14.35
CA LEU D 180 -32.17 -23.98 15.08
C LEU D 180 -33.55 -23.41 14.70
N VAL D 181 -34.09 -22.59 15.59
CA VAL D 181 -35.34 -21.89 15.34
C VAL D 181 -35.05 -20.58 14.66
N ILE D 182 -35.68 -20.39 13.49
CA ILE D 182 -35.46 -19.24 12.63
C ILE D 182 -36.73 -18.41 12.51
N SER D 183 -36.65 -17.12 12.84
CA SER D 183 -37.73 -16.19 12.57
C SER D 183 -37.37 -15.28 11.38
N LYS D 184 -38.40 -14.86 10.62
CA LYS D 184 -38.25 -13.86 9.55
C LYS D 184 -37.70 -12.54 10.08
N GLU D 185 -38.25 -12.14 11.21
CA GLU D 185 -38.03 -10.83 11.79
C GLU D 185 -36.60 -10.66 12.31
N TYR D 186 -36.12 -11.66 13.06
CA TYR D 186 -34.85 -11.56 13.81
C TYR D 186 -33.82 -12.66 13.50
N GLY D 187 -34.11 -13.50 12.50
CA GLY D 187 -33.23 -14.58 12.12
C GLY D 187 -33.25 -15.71 13.14
N SER D 188 -32.15 -16.45 13.21
CA SER D 188 -31.95 -17.43 14.29
C SER D 188 -31.32 -16.78 15.53
N TYR D 189 -30.84 -15.56 15.41
CA TYR D 189 -30.21 -14.85 16.54
C TYR D 189 -31.22 -14.43 17.61
N MET D 190 -31.88 -15.47 18.16
CA MET D 190 -32.80 -15.35 19.31
C MET D 190 -32.49 -16.36 20.43
N TYR D 191 -32.55 -15.90 21.69
CA TYR D 191 -32.63 -16.75 22.88
C TYR D 191 -34.08 -17.24 23.05
N LEU D 192 -34.26 -18.47 23.51
CA LEU D 192 -35.59 -19.02 23.70
C LEU D 192 -35.89 -19.34 25.14
N GLY D 193 -37.18 -19.25 25.47
CA GLY D 193 -37.70 -19.65 26.78
C GLY D 193 -39.13 -20.16 26.68
N GLU D 194 -39.63 -20.72 27.78
CA GLU D 194 -41.00 -21.22 27.88
C GLU D 194 -41.58 -20.94 29.25
N LEU D 195 -42.88 -20.62 29.27
CA LEU D 195 -43.65 -20.57 30.49
C LEU D 195 -44.79 -21.56 30.35
N ILE D 196 -44.62 -22.73 30.96
CA ILE D 196 -45.70 -23.71 31.02
C ILE D 196 -46.72 -23.17 32.01
N THR D 197 -48.01 -23.35 31.68
CA THR D 197 -49.09 -22.69 32.43
C THR D 197 -50.43 -23.44 32.38
N ASN D 198 -51.31 -23.11 33.32
CA ASN D 198 -52.65 -23.70 33.41
C ASN D 198 -53.77 -22.87 32.75
N LEU D 199 -53.39 -21.93 31.91
CA LEU D 199 -54.35 -21.06 31.23
C LEU D 199 -54.91 -21.75 29.98
N GLU D 200 -56.18 -21.47 29.69
CA GLU D 200 -56.82 -21.94 28.46
C GLU D 200 -56.65 -20.78 27.48
N ILE D 201 -55.81 -20.96 26.47
CA ILE D 201 -55.56 -19.88 25.50
C ILE D 201 -55.46 -20.38 24.08
N GLU D 202 -55.91 -19.52 23.16
CA GLU D 202 -55.89 -19.77 21.72
C GLU D 202 -54.49 -20.01 21.23
N PRO D 203 -54.20 -21.24 20.76
CA PRO D 203 -52.88 -21.47 20.14
C PRO D 203 -52.64 -20.54 18.96
N ASP D 204 -51.42 -20.06 18.82
CA ASP D 204 -51.00 -19.33 17.63
C ASP D 204 -50.86 -20.32 16.47
N GLN D 205 -50.52 -19.80 15.29
CA GLN D 205 -50.63 -20.56 14.05
C GLN D 205 -49.48 -21.55 13.82
N GLU D 206 -48.29 -21.00 13.66
CA GLU D 206 -47.11 -21.67 13.08
C GLU D 206 -46.71 -20.78 11.91
N VAL D 207 -45.86 -21.26 11.01
CA VAL D 207 -45.23 -20.38 10.02
C VAL D 207 -45.27 -21.03 8.63
N ASP D 208 -45.38 -20.18 7.60
CA ASP D 208 -45.49 -20.64 6.20
C ASP D 208 -44.10 -20.91 5.65
N TYR D 209 -43.15 -20.05 6.01
CA TYR D 209 -41.79 -20.10 5.47
C TYR D 209 -40.91 -21.17 6.12
N GLY D 210 -40.04 -21.74 5.28
CA GLY D 210 -39.14 -22.83 5.68
C GLY D 210 -37.79 -22.72 5.01
N CYS D 211 -37.17 -23.87 4.78
CA CYS D 211 -35.82 -23.91 4.21
C CYS D 211 -35.88 -23.95 2.68
N GLY D 212 -36.73 -24.84 2.16
CA GLY D 212 -36.80 -25.11 0.74
C GLY D 212 -35.78 -26.17 0.42
N ASP D 213 -34.94 -25.90 -0.57
CA ASP D 213 -33.84 -26.78 -0.92
C ASP D 213 -32.55 -26.03 -0.71
N CYS D 214 -32.38 -25.41 0.46
CA CYS D 214 -31.27 -24.48 0.71
C CYS D 214 -29.88 -25.09 0.96
N ARG D 215 -29.77 -25.99 1.94
CA ARG D 215 -28.52 -26.75 2.15
C ARG D 215 -27.23 -25.97 2.46
N ARG D 216 -27.28 -24.65 2.69
CA ARG D 216 -26.04 -23.88 2.87
C ARG D 216 -25.28 -24.30 4.13
N CYS D 217 -26.01 -24.34 5.24
CA CYS D 217 -25.51 -24.76 6.54
C CYS D 217 -24.89 -26.17 6.46
N LEU D 218 -25.60 -27.10 5.87
CA LEU D 218 -25.08 -28.46 5.71
C LEU D 218 -23.73 -28.53 5.01
N ASP D 219 -23.45 -27.59 4.12
CA ASP D 219 -22.21 -27.58 3.33
C ASP D 219 -21.12 -26.71 3.96
N ALA D 220 -21.53 -25.80 4.83
CA ALA D 220 -20.61 -24.91 5.53
C ALA D 220 -20.12 -25.49 6.87
N CYS D 221 -20.91 -26.36 7.52
CA CYS D 221 -20.49 -26.97 8.79
C CYS D 221 -19.14 -27.62 8.58
N PRO D 222 -18.10 -27.11 9.28
CA PRO D 222 -16.74 -27.56 9.05
C PRO D 222 -16.46 -29.00 9.49
N THR D 223 -17.36 -29.59 10.26
CA THR D 223 -17.24 -30.98 10.68
C THR D 223 -18.27 -31.87 10.02
N SER D 224 -19.19 -31.27 9.28
CA SER D 224 -20.32 -32.00 8.68
C SER D 224 -21.16 -32.76 9.70
N CYS D 225 -21.38 -32.15 10.87
CA CYS D 225 -22.09 -32.86 11.94
C CYS D 225 -23.59 -32.94 11.63
N LEU D 226 -24.09 -31.89 10.96
CA LEU D 226 -25.52 -31.76 10.62
C LEU D 226 -25.94 -32.86 9.67
N ILE D 227 -27.03 -33.55 9.98
CA ILE D 227 -27.37 -34.77 9.24
C ILE D 227 -28.24 -34.47 8.01
N GLY D 228 -28.97 -33.35 8.04
CA GLY D 228 -29.82 -32.93 6.95
C GLY D 228 -31.25 -32.56 7.34
N ASP D 229 -31.80 -33.29 8.32
CA ASP D 229 -33.19 -33.13 8.78
C ASP D 229 -33.38 -32.33 10.07
N GLY D 230 -32.46 -31.39 10.35
CA GLY D 230 -32.49 -30.62 11.60
C GLY D 230 -31.92 -31.40 12.79
N THR D 231 -31.22 -32.47 12.46
CA THR D 231 -30.67 -33.41 13.41
C THR D 231 -29.15 -33.46 13.24
N MET D 232 -28.44 -34.00 14.21
CA MET D 232 -27.00 -33.72 14.38
C MET D 232 -26.21 -34.84 15.05
N ASN D 233 -24.95 -35.03 14.66
CA ASN D 233 -23.99 -35.71 15.55
C ASN D 233 -23.30 -34.68 16.45
N ALA D 234 -23.87 -34.41 17.61
CA ALA D 234 -23.49 -33.24 18.43
C ALA D 234 -22.10 -33.34 19.04
N ARG D 235 -21.75 -34.57 19.36
CA ARG D 235 -20.41 -35.01 19.53
C ARG D 235 -19.39 -34.33 18.58
N ARG D 236 -19.78 -33.99 17.34
CA ARG D 236 -18.87 -33.34 16.37
C ARG D 236 -19.18 -31.88 16.13
N CYS D 237 -20.11 -31.34 16.89
CA CYS D 237 -20.31 -29.91 16.84
C CYS D 237 -19.13 -29.22 17.49
N LEU D 238 -18.60 -28.20 16.84
CA LEU D 238 -17.59 -27.38 17.43
C LEU D 238 -18.09 -26.64 18.64
N SER D 239 -19.38 -26.34 18.68
CA SER D 239 -19.90 -25.63 19.87
C SER D 239 -19.73 -26.52 21.10
N PHE D 240 -19.96 -27.81 20.89
CA PHE D 240 -19.73 -28.81 21.90
C PHE D 240 -18.23 -28.92 22.21
N GLN D 241 -17.41 -29.03 21.18
CA GLN D 241 -16.00 -29.25 21.39
C GLN D 241 -15.39 -28.13 22.26
N THR D 242 -15.84 -26.90 22.04
CA THR D 242 -15.32 -25.78 22.83
C THR D 242 -15.75 -25.91 24.28
N GLN D 243 -16.81 -26.65 24.52
CA GLN D 243 -17.33 -26.83 25.88
C GLN D 243 -17.00 -28.16 26.53
N ASP D 244 -16.54 -29.13 25.75
CA ASP D 244 -16.23 -30.46 26.29
C ASP D 244 -14.98 -30.39 27.12
N LYS D 245 -14.98 -31.12 28.21
CA LYS D 245 -13.80 -31.18 29.06
C LYS D 245 -12.78 -32.13 28.48
N GLY D 246 -11.57 -32.08 29.00
CA GLY D 246 -10.51 -32.92 28.48
C GLY D 246 -9.73 -32.32 27.36
N MET D 247 -9.21 -33.21 26.54
CA MET D 247 -8.29 -32.87 25.49
C MET D 247 -9.08 -32.87 24.16
N MET D 248 -9.19 -31.72 23.51
CA MET D 248 -9.83 -31.62 22.19
C MET D 248 -9.09 -32.43 21.13
N ASP D 249 -9.77 -33.35 20.47
CA ASP D 249 -9.14 -34.13 19.39
C ASP D 249 -8.53 -33.26 18.33
N MET D 250 -7.46 -33.76 17.74
CA MET D 250 -6.68 -33.06 16.69
C MET D 250 -7.52 -32.45 15.60
N GLU D 251 -8.56 -33.16 15.17
CA GLU D 251 -9.36 -32.68 14.07
C GLU D 251 -9.95 -31.29 14.31
N PHE D 252 -10.48 -31.08 15.53
CA PHE D 252 -11.27 -29.86 15.79
C PHE D 252 -10.43 -28.65 16.15
N ARG D 253 -9.16 -28.86 16.50
CA ARG D 253 -8.27 -27.76 16.92
C ARG D 253 -8.13 -26.71 15.83
N LYS D 254 -7.69 -27.15 14.67
CA LYS D 254 -7.52 -26.28 13.52
C LYS D 254 -8.85 -25.56 13.18
N LYS D 255 -9.95 -26.28 13.32
CA LYS D 255 -11.26 -25.82 12.85
C LYS D 255 -11.98 -24.79 13.72
N ILE D 256 -11.64 -24.66 14.99
CA ILE D 256 -12.27 -23.60 15.79
C ILE D 256 -11.65 -22.25 15.45
N LYS D 257 -10.61 -22.27 14.61
CA LYS D 257 -9.89 -21.07 14.21
C LYS D 257 -9.59 -20.27 15.44
N THR D 258 -10.17 -19.08 15.56
CA THR D 258 -9.96 -18.25 16.75
C THR D 258 -11.25 -18.15 17.61
N VAL D 259 -12.27 -18.93 17.26
CA VAL D 259 -13.51 -18.91 18.02
C VAL D 259 -13.35 -19.85 19.22
N ILE D 260 -13.13 -19.26 20.40
CA ILE D 260 -12.82 -20.02 21.61
C ILE D 260 -14.03 -20.43 22.44
N TYR D 261 -15.23 -20.08 21.99
CA TYR D 261 -16.47 -20.54 22.62
C TYR D 261 -17.65 -20.51 21.64
N GLY D 262 -18.28 -21.65 21.43
CA GLY D 262 -19.38 -21.75 20.49
C GLY D 262 -18.93 -21.78 19.02
N CYS D 263 -19.91 -21.91 18.14
CA CYS D 263 -19.74 -21.88 16.71
C CYS D 263 -21.00 -21.28 16.10
N ASP D 264 -20.80 -20.37 15.13
CA ASP D 264 -21.92 -19.70 14.45
C ASP D 264 -21.96 -19.98 12.95
N ILE D 265 -21.10 -20.87 12.47
CA ILE D 265 -20.94 -21.07 11.03
C ILE D 265 -22.28 -21.45 10.34
N CYS D 266 -23.08 -22.29 10.97
CA CYS D 266 -24.35 -22.76 10.40
C CYS D 266 -25.45 -21.70 10.45
N GLN D 267 -25.16 -20.58 11.10
CA GLN D 267 -26.08 -19.41 11.15
C GLN D 267 -25.61 -18.25 10.26
N ILE D 268 -24.31 -17.98 10.25
CA ILE D 268 -23.71 -17.00 9.36
C ILE D 268 -24.01 -17.37 7.91
N SER D 269 -24.00 -18.67 7.61
CA SER D 269 -24.29 -19.16 6.26
C SER D 269 -25.80 -19.19 5.91
N CYS D 270 -26.67 -18.79 6.83
CA CYS D 270 -28.13 -18.90 6.63
C CYS D 270 -28.72 -17.65 6.00
N PRO D 271 -29.47 -17.84 4.89
CA PRO D 271 -30.08 -16.72 4.15
C PRO D 271 -30.90 -15.83 5.04
N TYR D 272 -31.66 -16.42 5.97
CA TYR D 272 -32.49 -15.65 6.87
C TYR D 272 -31.72 -14.71 7.80
N ASN D 273 -30.40 -14.86 7.89
CA ASN D 273 -29.58 -13.96 8.70
C ASN D 273 -28.90 -12.89 7.86
N ARG D 274 -29.02 -13.05 6.54
CA ARG D 274 -28.43 -12.15 5.54
C ARG D 274 -28.37 -10.68 5.98
N GLY D 275 -29.50 -10.12 6.41
CA GLY D 275 -29.52 -8.68 6.70
C GLY D 275 -30.29 -8.28 7.94
N ILE D 276 -29.84 -8.70 9.10
CA ILE D 276 -30.41 -8.22 10.36
C ILE D 276 -29.33 -7.58 11.20
N ASP D 277 -29.69 -6.49 11.88
CA ASP D 277 -29.01 -6.11 13.11
C ASP D 277 -30.11 -6.11 14.17
N ASN D 278 -29.75 -6.36 15.43
CA ASN D 278 -30.74 -6.61 16.47
C ASN D 278 -30.49 -5.70 17.68
N PRO D 279 -31.40 -5.68 18.68
CA PRO D 279 -31.39 -4.57 19.65
C PRO D 279 -30.28 -4.53 20.73
N LEU D 280 -30.42 -5.27 21.83
CA LEU D 280 -29.65 -4.94 23.05
C LEU D 280 -28.13 -5.10 22.89
N ASP D 283 -26.24 -4.97 26.98
CA ASP D 283 -24.98 -4.20 26.81
C ASP D 283 -23.72 -5.07 26.64
N ILE D 284 -22.88 -4.71 25.66
CA ILE D 284 -21.71 -5.52 25.26
C ILE D 284 -20.37 -4.83 25.52
N ASP D 285 -19.55 -5.43 26.37
CA ASP D 285 -18.13 -5.07 26.43
C ASP D 285 -17.41 -5.80 25.29
N PRO D 286 -16.83 -5.05 24.33
CA PRO D 286 -16.18 -5.76 23.22
C PRO D 286 -14.94 -6.55 23.62
N ASP D 287 -14.32 -6.22 24.77
CA ASP D 287 -13.18 -6.98 25.29
C ASP D 287 -13.55 -8.36 25.88
N LEU D 288 -14.82 -8.52 26.25
CA LEU D 288 -15.35 -9.80 26.68
C LEU D 288 -15.87 -10.57 25.51
N ALA D 289 -16.14 -9.88 24.43
CA ALA D 289 -16.64 -10.55 23.23
C ALA D 289 -15.52 -10.91 22.24
N MET D 290 -14.36 -10.28 22.41
CA MET D 290 -13.23 -10.54 21.55
C MET D 290 -11.99 -10.39 22.40
N PRO D 291 -11.76 -11.36 23.30
CA PRO D 291 -10.78 -11.20 24.34
C PRO D 291 -9.38 -11.39 23.86
N GLU D 292 -8.50 -10.64 24.48
CA GLU D 292 -7.10 -10.66 24.15
C GLU D 292 -6.61 -11.94 24.76
N LEU D 293 -5.95 -12.75 23.97
CA LEU D 293 -5.66 -14.14 24.34
C LEU D 293 -4.62 -14.27 25.43
N LEU D 294 -3.45 -13.67 25.27
CA LEU D 294 -2.39 -13.85 26.26
C LEU D 294 -2.76 -13.28 27.64
N PRO D 295 -3.42 -12.11 27.67
CA PRO D 295 -3.94 -11.65 28.96
C PRO D 295 -5.01 -12.61 29.52
N PHE D 296 -5.83 -13.18 28.63
CA PHE D 296 -6.80 -14.18 29.04
C PHE D 296 -6.16 -15.38 29.70
N LEU D 297 -5.02 -15.82 29.18
CA LEU D 297 -4.27 -16.91 29.78
C LEU D 297 -3.66 -16.54 31.12
N GLU D 298 -3.71 -15.27 31.53
CA GLU D 298 -3.17 -14.88 32.84
C GLU D 298 -4.22 -15.01 33.91
N LEU D 299 -5.47 -15.20 33.54
CA LEU D 299 -6.54 -15.17 34.51
C LEU D 299 -6.51 -16.33 35.48
N THR D 300 -6.81 -16.03 36.74
CA THR D 300 -6.98 -17.05 37.78
C THR D 300 -8.47 -17.32 37.94
N ASN D 301 -8.83 -18.27 38.80
CA ASN D 301 -10.25 -18.50 39.07
C ASN D 301 -10.95 -17.25 39.56
N LYS D 302 -10.27 -16.50 40.43
CA LYS D 302 -10.80 -15.26 41.00
C LYS D 302 -10.93 -14.16 39.94
N SER D 303 -9.86 -13.87 39.22
CA SER D 303 -9.92 -12.79 38.22
C SER D 303 -10.84 -13.14 37.06
N PHE D 304 -10.94 -14.44 36.76
CA PHE D 304 -11.85 -14.91 35.72
C PHE D 304 -13.30 -14.66 36.13
N LYS D 305 -13.64 -15.02 37.36
CA LYS D 305 -14.97 -14.70 37.93
C LYS D 305 -15.31 -13.22 37.85
N GLU D 306 -14.44 -12.37 38.35
CA GLU D 306 -14.69 -10.94 38.35
C GLU D 306 -14.94 -10.38 36.94
N THR D 307 -14.25 -10.89 35.93
CA THR D 307 -14.26 -10.27 34.61
C THR D 307 -15.17 -10.92 33.58
N PHE D 308 -15.36 -12.23 33.72
CA PHE D 308 -16.09 -13.05 32.73
C PHE D 308 -17.26 -13.82 33.34
N GLY D 309 -17.41 -13.73 34.65
CA GLY D 309 -18.32 -14.59 35.40
C GLY D 309 -19.79 -14.40 35.09
N MET D 310 -20.11 -13.30 34.44
CA MET D 310 -21.47 -12.92 34.12
C MET D 310 -21.97 -13.49 32.80
N ILE D 311 -21.06 -13.93 31.93
CA ILE D 311 -21.47 -14.41 30.60
C ILE D 311 -21.85 -15.90 30.63
N ALA D 312 -22.64 -16.31 29.65
CA ALA D 312 -23.11 -17.67 29.56
C ALA D 312 -21.94 -18.64 29.49
N GLY D 313 -20.93 -18.28 28.70
CA GLY D 313 -19.78 -19.15 28.44
C GLY D 313 -18.86 -19.39 29.63
N SER D 314 -19.16 -18.76 30.77
CA SER D 314 -18.38 -18.97 31.99
C SER D 314 -18.88 -20.16 32.84
N TRP D 315 -19.86 -20.90 32.36
CA TRP D 315 -20.54 -21.91 33.20
C TRP D 315 -19.71 -23.14 33.60
N ARG D 316 -18.58 -23.37 32.93
CA ARG D 316 -17.66 -24.43 33.38
C ARG D 316 -16.33 -23.92 33.91
N GLY D 317 -16.20 -22.61 34.04
CA GLY D 317 -14.96 -22.03 34.52
C GLY D 317 -13.95 -21.77 33.42
N LYS D 318 -12.79 -21.31 33.83
CA LYS D 318 -11.81 -20.76 32.91
C LYS D 318 -11.07 -21.84 32.07
N ASN D 319 -10.96 -23.06 32.61
CA ASN D 319 -10.06 -24.02 32.02
C ASN D 319 -10.37 -24.42 30.58
N ILE D 320 -11.62 -24.69 30.28
CA ILE D 320 -11.92 -25.00 28.88
C ILE D 320 -11.60 -23.82 27.95
N LEU D 321 -11.86 -22.61 28.44
CA LEU D 321 -11.63 -21.44 27.63
C LEU D 321 -10.15 -21.20 27.44
N GLN D 322 -9.35 -21.40 28.48
CA GLN D 322 -7.91 -21.17 28.34
C GLN D 322 -7.29 -22.23 27.42
N ARG D 323 -7.75 -23.47 27.52
CA ARG D 323 -7.35 -24.48 26.55
C ARG D 323 -7.62 -23.95 25.14
N ASN D 324 -8.83 -23.46 24.92
CA ASN D 324 -9.23 -23.00 23.59
C ASN D 324 -8.40 -21.83 23.11
N ALA D 325 -8.04 -20.98 24.06
CA ALA D 325 -7.24 -19.81 23.77
C ALA D 325 -5.84 -20.21 23.31
N ILE D 326 -5.27 -21.22 23.96
CA ILE D 326 -4.02 -21.80 23.49
C ILE D 326 -4.16 -22.32 22.08
N ILE D 327 -5.29 -22.95 21.80
CA ILE D 327 -5.53 -23.41 20.44
C ILE D 327 -5.65 -22.25 19.42
N ALA D 328 -6.34 -21.19 19.79
CA ALA D 328 -6.45 -19.99 18.94
C ALA D 328 -5.06 -19.43 18.64
N LEU D 329 -4.28 -19.21 19.69
CA LEU D 329 -2.92 -18.75 19.52
C LEU D 329 -2.12 -19.62 18.55
N ALA D 330 -2.34 -20.94 18.61
CA ALA D 330 -1.62 -21.82 17.71
C ALA D 330 -2.14 -21.61 16.29
N ASN D 331 -3.45 -21.47 16.15
CA ASN D 331 -4.06 -21.25 14.84
C ASN D 331 -3.64 -19.91 14.19
N LEU D 332 -3.31 -18.92 15.01
CA LEU D 332 -2.72 -17.67 14.52
C LEU D 332 -1.19 -17.70 14.32
N HIS D 333 -0.52 -18.82 14.61
CA HIS D 333 0.96 -18.90 14.54
C HIS D 333 1.69 -17.82 15.30
N ASP D 334 1.14 -17.43 16.46
CA ASP D 334 1.58 -16.24 17.16
C ASP D 334 2.89 -16.47 17.87
N ARG D 335 3.98 -15.96 17.28
CA ARG D 335 5.30 -16.09 17.89
C ARG D 335 5.36 -15.45 19.29
N ASN D 336 4.48 -14.51 19.57
CA ASN D 336 4.52 -13.83 20.88
C ASN D 336 4.02 -14.68 22.04
N ALA D 337 3.38 -15.81 21.73
CA ALA D 337 2.88 -16.69 22.76
C ALA D 337 3.94 -17.66 23.27
N ILE D 338 5.01 -17.79 22.51
CA ILE D 338 5.97 -18.85 22.77
C ILE D 338 6.42 -18.86 24.23
N VAL D 339 6.83 -17.70 24.74
CA VAL D 339 7.39 -17.69 26.10
C VAL D 339 6.31 -18.05 27.13
N LYS D 340 5.08 -17.63 26.86
CA LYS D 340 3.96 -18.02 27.74
C LYS D 340 3.64 -19.52 27.70
N LEU D 341 3.66 -20.09 26.50
CA LEU D 341 3.44 -21.49 26.37
C LEU D 341 4.53 -22.27 27.13
N MET D 342 5.74 -21.73 27.12
CA MET D 342 6.84 -22.41 27.78
C MET D 342 6.64 -22.36 29.28
N GLU D 343 6.09 -21.25 29.78
CA GLU D 343 5.79 -21.10 31.21
C GLU D 343 4.71 -22.09 31.67
N ILE D 344 3.66 -22.20 30.88
CA ILE D 344 2.61 -23.17 31.16
C ILE D 344 3.20 -24.59 31.26
N ILE D 345 3.96 -24.96 30.25
CA ILE D 345 4.54 -26.31 30.17
C ILE D 345 5.51 -26.64 31.31
N ASP D 346 6.32 -25.68 31.72
CA ASP D 346 7.32 -25.96 32.74
C ASP D 346 6.68 -26.00 34.13
N LYS D 347 5.73 -25.10 34.38
CA LYS D 347 4.99 -25.06 35.64
C LYS D 347 4.14 -26.34 35.78
N ASN D 348 3.39 -26.62 34.72
CA ASN D 348 2.57 -27.83 34.57
C ASN D 348 1.56 -28.06 35.66
N ASN D 349 0.91 -26.97 36.06
CA ASN D 349 -0.09 -27.02 37.10
C ASN D 349 -1.42 -27.47 36.52
N ASN D 350 -1.59 -27.29 35.21
CA ASN D 350 -2.74 -27.81 34.48
C ASN D 350 -2.29 -28.68 33.29
N PRO D 351 -2.43 -30.01 33.41
CA PRO D 351 -1.93 -30.92 32.36
C PRO D 351 -2.62 -30.79 30.99
N ILE D 352 -3.92 -30.58 30.96
CA ILE D 352 -4.59 -30.37 29.68
C ILE D 352 -3.92 -29.21 28.96
N HIS D 353 -3.70 -28.12 29.68
CA HIS D 353 -3.06 -26.94 29.08
C HIS D 353 -1.64 -27.23 28.62
N THR D 354 -0.89 -27.93 29.44
CA THR D 354 0.46 -28.33 29.11
C THR D 354 0.48 -29.08 27.78
N ALA D 355 -0.33 -30.11 27.69
CA ALA D 355 -0.36 -30.93 26.48
C ALA D 355 -0.79 -30.13 25.28
N THR D 356 -1.74 -29.24 25.50
CA THR D 356 -2.22 -28.43 24.41
C THR D 356 -1.10 -27.47 23.99
N ALA D 357 -0.43 -26.88 24.96
CA ALA D 357 0.68 -25.97 24.71
C ALA D 357 1.84 -26.64 23.96
N ILE D 358 2.18 -27.86 24.34
CA ILE D 358 3.20 -28.60 23.62
C ILE D 358 2.85 -28.70 22.14
N TRP D 359 1.61 -29.12 21.84
CA TRP D 359 1.11 -29.15 20.45
C TRP D 359 1.26 -27.78 19.82
N ALA D 360 0.83 -26.75 20.56
CA ALA D 360 0.83 -25.37 20.04
C ALA D 360 2.21 -24.90 19.60
N LEU D 361 3.25 -25.27 20.34
CA LEU D 361 4.61 -24.95 19.91
C LEU D 361 4.99 -25.60 18.59
N GLY D 362 4.50 -26.81 18.34
CA GLY D 362 4.77 -27.47 17.06
C GLY D 362 4.08 -26.79 15.89
N GLU D 363 3.09 -25.96 16.18
CA GLU D 363 2.31 -25.26 15.15
C GLU D 363 2.95 -23.89 14.89
N ILE D 364 3.28 -23.20 15.97
CA ILE D 364 3.80 -21.83 15.93
C ILE D 364 5.24 -21.76 15.42
N VAL D 365 6.13 -22.57 15.97
CA VAL D 365 7.54 -22.52 15.62
C VAL D 365 7.82 -23.31 14.35
N LYS D 366 7.74 -22.62 13.21
CA LYS D 366 7.75 -23.30 11.92
C LYS D 366 9.15 -23.80 11.55
N LYS D 367 10.18 -23.04 11.90
CA LYS D 367 11.58 -23.43 11.68
C LYS D 367 12.37 -23.38 12.98
N PRO D 368 12.28 -24.47 13.77
CA PRO D 368 12.92 -24.47 15.06
C PRO D 368 14.45 -24.39 15.05
N ASP D 369 15.00 -23.44 15.79
CA ASP D 369 16.43 -23.37 16.03
C ASP D 369 16.89 -24.55 16.90
N GLU D 370 18.20 -24.70 17.05
CA GLU D 370 18.78 -25.80 17.81
C GLU D 370 18.43 -25.65 19.30
N GLY D 371 18.31 -24.41 19.77
CA GLY D 371 17.92 -24.18 21.16
C GLY D 371 16.52 -24.71 21.49
N MET D 372 15.60 -24.52 20.54
CA MET D 372 14.24 -25.02 20.68
C MET D 372 14.20 -26.54 20.60
N LEU D 373 14.95 -27.12 19.67
CA LEU D 373 14.98 -28.58 19.57
C LEU D 373 15.48 -29.18 20.88
N ASP D 374 16.47 -28.55 21.50
CA ASP D 374 16.97 -29.04 22.79
C ASP D 374 15.91 -28.88 23.88
N TYR D 375 15.18 -27.77 23.85
CA TYR D 375 14.09 -27.55 24.82
C TYR D 375 13.10 -28.69 24.75
N MET D 376 12.60 -28.93 23.53
CA MET D 376 11.58 -29.93 23.26
C MET D 376 12.07 -31.33 23.55
N ARG D 377 13.26 -31.67 23.03
CA ARG D 377 13.89 -32.98 23.29
C ARG D 377 13.95 -33.24 24.80
N GLY D 378 14.19 -32.17 25.56
CA GLY D 378 14.44 -32.26 26.99
C GLY D 378 13.24 -32.29 27.92
N LEU D 379 12.03 -32.12 27.38
CA LEU D 379 10.82 -32.31 28.20
C LEU D 379 10.69 -33.80 28.36
N SER D 380 10.15 -34.25 29.48
CA SER D 380 9.72 -35.63 29.61
C SER D 380 8.37 -35.55 30.26
N PRO D 381 7.32 -35.55 29.46
CA PRO D 381 5.99 -35.34 29.94
C PRO D 381 5.60 -36.24 31.09
N LYS D 382 5.08 -35.61 32.14
CA LYS D 382 4.52 -36.29 33.28
C LYS D 382 3.46 -37.33 32.86
N ASP D 383 2.39 -36.87 32.23
CA ASP D 383 1.21 -37.70 31.94
C ASP D 383 1.00 -38.09 30.46
N GLU D 384 0.00 -38.95 30.21
CA GLU D 384 -0.17 -39.60 28.94
C GLU D 384 -0.56 -38.67 27.78
N HIS D 385 -1.39 -37.67 28.04
CA HIS D 385 -1.77 -36.76 26.98
C HIS D 385 -0.63 -35.87 26.54
N SER D 386 0.08 -35.29 27.50
CA SER D 386 1.29 -34.56 27.20
C SER D 386 2.31 -35.40 26.44
N GLN D 387 2.49 -36.64 26.90
CA GLN D 387 3.39 -37.61 26.23
C GLN D 387 2.99 -37.76 24.77
N ALA D 388 1.71 -37.98 24.54
CA ALA D 388 1.22 -38.23 23.19
C ALA D 388 1.47 -37.03 22.27
N GLU D 389 1.18 -35.82 22.75
CA GLU D 389 1.39 -34.61 21.95
C GLU D 389 2.87 -34.36 21.72
N TRP D 390 3.67 -34.64 22.74
CA TRP D 390 5.12 -34.50 22.66
C TRP D 390 5.76 -35.42 21.62
N GLU D 391 5.38 -36.69 21.63
CA GLU D 391 5.80 -37.62 20.58
C GLU D 391 5.54 -37.10 19.17
N LEU D 392 4.38 -36.50 18.96
CA LEU D 392 4.02 -35.99 17.65
C LEU D 392 4.88 -34.80 17.24
N VAL D 393 5.16 -33.89 18.17
CA VAL D 393 6.00 -32.74 17.82
C VAL D 393 7.42 -33.24 17.54
N CYS D 394 7.95 -34.03 18.44
CA CYS D 394 9.23 -34.66 18.20
C CYS D 394 9.29 -35.26 16.80
N ALA D 395 8.32 -36.09 16.44
CA ALA D 395 8.33 -36.73 15.12
C ALA D 395 8.30 -35.71 13.99
N LYS D 396 7.48 -34.69 14.14
CA LYS D 396 7.39 -33.61 13.18
C LYS D 396 8.71 -32.83 13.05
N TRP D 397 9.46 -32.74 14.14
CA TRP D 397 10.73 -32.00 14.15
C TRP D 397 11.92 -32.93 14.00
N GLN D 398 11.66 -34.17 13.60
CA GLN D 398 12.73 -35.08 13.21
C GLN D 398 13.71 -35.31 14.38
N ILE D 399 13.20 -35.25 15.60
CA ILE D 399 13.99 -35.61 16.76
C ILE D 399 13.92 -37.10 16.97
N MET E 28 47.50 40.80 4.32
CA MET E 28 46.85 41.76 5.27
C MET E 28 45.35 41.47 5.35
N ASN E 29 44.84 41.44 6.58
CA ASN E 29 43.43 41.08 6.89
C ASN E 29 42.99 39.61 6.66
N ILE E 30 43.96 38.70 6.57
CA ILE E 30 43.65 37.26 6.52
C ILE E 30 42.88 36.83 7.77
N LYS E 31 43.32 37.29 8.94
CA LYS E 31 42.71 36.89 10.20
C LYS E 31 41.22 37.25 10.24
N LEU E 32 40.87 38.43 9.72
CA LEU E 32 39.46 38.86 9.65
C LEU E 32 38.73 38.07 8.54
N GLU E 33 39.47 37.75 7.47
CA GLU E 33 38.89 36.98 6.35
C GLU E 33 38.62 35.52 6.70
N ILE E 34 39.54 34.92 7.45
CA ILE E 34 39.38 33.56 7.96
C ILE E 34 38.14 33.51 8.85
N GLN E 35 38.15 34.31 9.91
CA GLN E 35 37.00 34.42 10.82
C GLN E 35 35.68 34.56 10.05
N LYS E 36 35.72 35.34 8.97
CA LYS E 36 34.55 35.56 8.09
C LYS E 36 34.06 34.24 7.46
N MET E 37 34.97 33.45 6.90
CA MET E 37 34.59 32.16 6.27
C MET E 37 34.44 31.01 7.29
N ALA E 38 35.03 31.17 8.49
CA ALA E 38 34.81 30.23 9.57
C ALA E 38 33.32 30.16 9.88
N LYS E 39 32.74 31.26 10.36
CA LYS E 39 31.33 31.25 10.72
C LYS E 39 30.45 30.92 9.50
N GLU E 40 30.95 31.27 8.31
CA GLU E 40 30.29 30.90 7.05
C GLU E 40 30.06 29.38 6.96
N ILE E 41 31.08 28.59 7.31
CA ILE E 41 31.00 27.12 7.15
C ILE E 41 30.68 26.36 8.45
N GLY E 42 30.05 27.03 9.40
CA GLY E 42 29.47 26.37 10.56
C GLY E 42 30.39 26.18 11.76
N ILE E 43 31.53 26.86 11.78
CA ILE E 43 32.43 26.75 12.90
C ILE E 43 31.96 27.72 13.98
N SER E 44 31.70 27.22 15.18
CA SER E 44 31.12 28.02 16.27
C SER E 44 32.11 28.94 17.00
N LYS E 45 33.40 28.69 16.83
CA LYS E 45 34.44 29.50 17.44
C LYS E 45 35.75 29.20 16.77
N ILE E 46 36.64 30.18 16.77
CA ILE E 46 37.94 30.02 16.14
C ILE E 46 38.97 30.84 16.92
N GLY E 47 40.21 30.38 16.88
CA GLY E 47 41.25 30.92 17.72
C GLY E 47 42.54 30.78 16.97
N PHE E 48 43.56 31.50 17.41
CA PHE E 48 44.86 31.49 16.75
C PHE E 48 45.93 31.44 17.81
N THR E 49 47.02 30.77 17.49
CA THR E 49 48.13 30.70 18.43
C THR E 49 49.36 30.34 17.65
N THR E 50 50.50 30.49 18.31
CA THR E 50 51.76 30.23 17.65
C THR E 50 51.96 28.71 17.52
N ALA E 51 52.87 28.34 16.63
CA ALA E 51 53.38 27.00 16.57
C ALA E 51 54.48 26.78 17.62
N ASP E 52 54.47 27.59 18.69
CA ASP E 52 55.46 27.40 19.74
C ASP E 52 55.17 26.09 20.42
N ASP E 53 56.22 25.40 20.81
CA ASP E 53 56.03 24.11 21.46
C ASP E 53 55.28 24.24 22.82
N PHE E 54 55.01 23.10 23.44
CA PHE E 54 54.16 23.07 24.64
C PHE E 54 54.88 22.42 25.80
N ASP E 55 56.18 22.62 25.94
CA ASP E 55 56.94 21.82 26.93
C ASP E 55 56.47 21.99 28.39
N TYR E 56 55.59 22.94 28.65
CA TYR E 56 54.97 22.99 29.98
C TYR E 56 54.19 21.70 30.29
N LEU E 57 53.70 21.04 29.23
CA LEU E 57 53.00 19.76 29.34
C LEU E 57 53.91 18.54 29.60
N GLU E 58 55.09 18.50 28.97
CA GLU E 58 56.04 17.37 29.10
C GLU E 58 55.97 16.67 30.45
N LYS E 59 56.31 17.42 31.49
CA LYS E 59 56.34 16.94 32.85
C LYS E 59 55.14 16.00 33.14
N SER E 60 53.92 16.50 32.95
CA SER E 60 52.70 15.79 33.36
C SER E 60 52.23 14.70 32.38
N LEU E 61 52.46 14.92 31.08
CA LEU E 61 52.20 13.88 30.09
C LEU E 61 52.99 12.64 30.46
N ARG E 62 54.27 12.84 30.70
CA ARG E 62 55.19 11.76 31.07
C ARG E 62 54.85 11.12 32.40
N LEU E 63 54.32 11.91 33.33
CA LEU E 63 53.94 11.41 34.65
C LEU E 63 52.67 10.57 34.58
N GLY E 64 51.75 10.94 33.69
CA GLY E 64 50.57 10.13 33.40
C GLY E 64 50.95 8.71 32.95
N VAL E 65 51.81 8.64 31.95
CA VAL E 65 52.26 7.35 31.46
C VAL E 65 52.98 6.56 32.53
N GLU E 66 53.87 7.20 33.27
CA GLU E 66 54.67 6.47 34.25
C GLU E 66 53.79 5.99 35.41
N GLU E 67 52.82 6.79 35.81
CA GLU E 67 51.90 6.43 36.90
C GLU E 67 50.74 5.52 36.47
N GLY E 68 50.64 5.23 35.17
CA GLY E 68 49.65 4.32 34.64
C GLY E 68 48.24 4.87 34.58
N ARG E 69 48.12 6.18 34.40
CA ARG E 69 46.82 6.86 34.39
C ARG E 69 46.32 7.14 32.97
N THR E 70 47.06 6.65 32.01
CA THR E 70 46.77 6.83 30.59
C THR E 70 45.85 5.70 30.05
N THR E 71 45.02 6.01 29.05
CA THR E 71 44.07 5.02 28.50
C THR E 71 44.65 4.06 27.50
N GLY E 72 45.62 4.52 26.74
CA GLY E 72 46.12 3.81 25.58
C GLY E 72 45.60 4.38 24.27
N PHE E 73 44.66 5.33 24.32
CA PHE E 73 44.12 5.96 23.10
C PHE E 73 44.95 7.16 22.69
N GLU E 74 45.87 7.55 23.56
CA GLU E 74 46.68 8.72 23.34
C GLU E 74 47.78 8.42 22.38
N HIS E 75 48.18 9.45 21.64
CA HIS E 75 49.32 9.35 20.75
C HIS E 75 50.54 9.00 21.60
N LYS E 76 51.36 8.06 21.13
CA LYS E 76 52.35 7.43 22.03
C LYS E 76 53.65 8.19 22.10
N ASN E 77 54.05 8.75 20.98
CA ASN E 77 55.28 9.54 20.89
C ASN E 77 55.11 10.93 21.56
N ILE E 78 55.67 11.08 22.76
CA ILE E 78 55.48 12.29 23.54
C ILE E 78 56.08 13.53 22.86
N GLU E 79 57.23 13.38 22.18
CA GLU E 79 57.82 14.48 21.41
C GLU E 79 56.87 15.04 20.36
N GLU E 80 56.24 14.16 19.58
CA GLU E 80 55.30 14.58 18.52
C GLU E 80 54.09 15.33 19.09
N ARG E 81 53.92 15.16 20.39
CA ARG E 81 52.80 15.74 21.10
C ARG E 81 52.98 17.23 21.48
N ILE E 82 54.21 17.59 21.76
CA ILE E 82 54.55 18.93 22.26
C ILE E 82 55.27 19.81 21.22
N TYR E 83 55.90 19.21 20.21
CA TYR E 83 56.66 19.97 19.20
C TYR E 83 55.94 19.96 17.84
N PRO E 84 55.05 20.95 17.61
CA PRO E 84 54.30 21.05 16.36
C PRO E 84 55.10 20.95 15.06
N LYS E 85 56.36 21.34 15.09
CA LYS E 85 57.19 21.32 13.89
C LYS E 85 57.45 19.89 13.40
N LEU E 86 57.35 18.92 14.31
CA LEU E 86 57.49 17.52 13.94
C LEU E 86 56.32 17.04 13.09
N SER E 87 55.18 17.71 13.18
CA SER E 87 54.03 17.42 12.31
C SER E 87 54.04 18.22 11.01
N LEU E 88 54.77 19.34 10.97
CA LEU E 88 54.81 20.18 9.74
C LEU E 88 56.21 20.64 9.26
N GLU E 89 56.99 21.30 10.09
CA GLU E 89 58.33 21.86 9.72
C GLU E 89 58.20 23.34 9.41
N SER E 90 57.38 23.67 8.40
CA SER E 90 57.09 25.08 8.06
C SER E 90 56.05 25.73 8.99
N ALA E 91 55.94 25.21 10.20
CA ALA E 91 54.89 25.59 11.14
C ALA E 91 55.15 26.96 11.75
N LYS E 92 54.11 27.77 11.78
CA LYS E 92 54.22 29.16 12.15
C LYS E 92 53.06 29.55 13.08
N THR E 93 51.84 29.25 12.66
CA THR E 93 50.68 29.42 13.55
C THR E 93 49.82 28.15 13.56
N ILE E 94 48.98 28.02 14.59
CA ILE E 94 48.00 26.93 14.71
C ILE E 94 46.63 27.55 14.89
N ILE E 95 45.68 27.10 14.08
CA ILE E 95 44.30 27.58 14.16
C ILE E 95 43.42 26.53 14.82
N SER E 96 42.89 26.86 16.00
CA SER E 96 42.03 25.95 16.74
C SER E 96 40.60 26.23 16.38
N ILE E 97 39.85 25.19 15.99
CA ILE E 97 38.41 25.34 15.76
C ILE E 97 37.60 24.66 16.85
N ALA E 98 36.36 25.10 16.97
CA ALA E 98 35.41 24.52 17.90
C ALA E 98 34.05 24.50 17.22
N VAL E 99 33.38 23.35 17.25
CA VAL E 99 32.02 23.24 16.75
C VAL E 99 31.17 22.80 17.92
N ALA E 100 30.10 23.54 18.20
CA ALA E 100 29.26 23.25 19.35
C ALA E 100 28.28 22.16 18.99
N TYR E 101 27.84 21.41 20.00
CA TYR E 101 26.84 20.36 19.81
C TYR E 101 25.81 20.36 20.94
N PRO E 102 24.58 19.99 20.61
CA PRO E 102 23.51 19.96 21.63
C PRO E 102 23.75 18.89 22.66
N HIS E 103 23.41 19.19 23.91
CA HIS E 103 23.53 18.23 24.99
C HIS E 103 22.17 17.76 25.53
N LYS E 104 21.11 18.48 25.17
CA LYS E 104 19.73 18.07 25.42
C LYS E 104 19.16 17.60 24.10
N LEU E 105 18.17 16.73 24.15
CA LEU E 105 17.64 16.16 22.93
C LEU E 105 16.51 17.05 22.41
N PRO E 106 16.57 17.45 21.13
CA PRO E 106 15.48 18.24 20.54
C PRO E 106 14.14 17.56 20.77
N GLN E 107 14.05 16.34 20.27
CA GLN E 107 12.81 15.59 20.27
C GLN E 107 13.06 14.26 20.98
N GLN E 108 12.39 14.04 22.12
CA GLN E 108 12.44 12.74 22.83
C GLN E 108 11.98 11.59 21.94
N PRO E 109 12.53 10.39 22.16
CA PRO E 109 12.07 9.24 21.37
C PRO E 109 10.77 8.68 21.96
N GLN E 110 10.04 7.93 21.14
CA GLN E 110 8.71 7.51 21.57
C GLN E 110 8.78 6.22 22.39
N LYS E 111 8.24 6.28 23.60
CA LYS E 111 8.10 5.11 24.49
C LYS E 111 7.64 3.84 23.72
N THR E 112 8.29 2.71 23.99
CA THR E 112 7.92 1.42 23.41
C THR E 112 7.90 0.37 24.49
N GLU E 113 7.56 -0.87 24.11
CA GLU E 113 7.76 -2.06 24.96
C GLU E 113 9.16 -2.07 25.58
N PHE E 114 10.14 -1.68 24.76
CA PHE E 114 11.56 -1.87 25.04
C PHE E 114 12.20 -0.71 25.77
N LYS E 115 12.82 -0.99 26.92
CA LYS E 115 13.49 0.06 27.67
C LYS E 115 14.74 0.50 26.93
N ARG E 116 15.15 1.73 27.18
CA ARG E 116 16.18 2.41 26.40
C ARG E 116 17.38 2.77 27.26
N GLY E 117 18.55 2.75 26.65
CA GLY E 117 19.75 3.27 27.29
C GLY E 117 20.06 4.65 26.74
N LYS E 118 21.00 5.33 27.38
CA LYS E 118 21.49 6.60 26.89
C LYS E 118 22.90 6.45 26.37
N ILE E 119 23.32 7.40 25.55
CA ILE E 119 24.58 7.34 24.84
C ILE E 119 25.02 8.79 24.65
N THR E 120 26.20 9.14 25.15
CA THR E 120 26.65 10.53 25.27
C THR E 120 26.31 11.39 24.06
N PRO E 121 25.91 12.65 24.33
CA PRO E 121 25.64 13.58 23.24
C PRO E 121 26.84 13.85 22.35
N ASN E 122 28.05 13.66 22.89
CA ASN E 122 29.30 13.69 22.12
C ASN E 122 29.30 12.73 20.93
N SER E 123 28.37 11.78 20.93
CA SER E 123 28.22 10.81 19.84
C SER E 123 26.82 10.80 19.23
N TRP E 124 26.08 11.91 19.33
CA TRP E 124 24.81 12.03 18.60
C TRP E 124 25.08 12.51 17.19
N GLY E 125 24.35 11.95 16.23
CA GLY E 125 24.52 12.34 14.84
C GLY E 125 25.88 12.03 14.32
N LEU E 126 26.19 12.58 13.14
CA LEU E 126 27.38 12.19 12.39
C LEU E 126 28.70 12.34 13.16
N ASP E 127 29.56 11.34 13.01
CA ASP E 127 30.84 11.27 13.71
C ASP E 127 31.54 12.59 13.58
N TYR E 128 31.77 13.26 14.72
CA TYR E 128 32.45 14.54 14.72
C TYR E 128 33.74 14.49 13.91
N HIS E 129 34.50 13.41 14.00
CA HIS E 129 35.74 13.26 13.21
C HIS E 129 35.48 13.57 11.75
N TYR E 130 34.40 13.06 11.18
CA TYR E 130 34.12 13.36 9.79
C TYR E 130 33.66 14.82 9.62
N VAL E 131 32.78 15.28 10.51
CA VAL E 131 32.23 16.63 10.40
C VAL E 131 33.34 17.69 10.40
N LEU E 132 34.23 17.59 11.38
CA LEU E 132 35.31 18.56 11.54
C LEU E 132 36.37 18.46 10.45
N GLN E 133 36.73 17.26 10.02
CA GLN E 133 37.69 17.11 8.93
C GLN E 133 37.15 17.75 7.66
N ASP E 134 35.84 17.63 7.44
CA ASP E 134 35.18 18.32 6.33
C ASP E 134 35.31 19.85 6.47
N LYS E 135 34.99 20.39 7.65
CA LYS E 135 35.13 21.82 7.93
C LYS E 135 36.57 22.35 7.74
N LEU E 136 37.55 21.66 8.31
CA LEU E 136 38.97 21.97 8.08
C LEU E 136 39.44 21.90 6.61
N LYS E 137 38.80 21.06 5.82
CA LYS E 137 39.16 20.90 4.41
C LYS E 137 38.70 22.16 3.68
N ARG E 138 37.45 22.55 3.95
CA ARG E 138 36.83 23.75 3.40
C ARG E 138 37.60 25.04 3.76
N LEU E 139 37.96 25.17 5.04
CA LEU E 139 38.77 26.27 5.52
C LEU E 139 40.11 26.33 4.80
N ALA E 140 40.77 25.19 4.66
CA ALA E 140 42.03 25.14 3.91
C ALA E 140 41.83 25.51 2.42
N LYS E 141 40.76 25.03 1.80
CA LYS E 141 40.49 25.33 0.37
C LYS E 141 40.18 26.81 0.18
N GLY E 142 39.50 27.40 1.14
CA GLY E 142 39.20 28.84 1.13
C GLY E 142 40.38 29.74 1.47
N ILE E 143 41.43 29.18 2.05
CA ILE E 143 42.70 29.89 2.31
C ILE E 143 43.69 29.72 1.15
N GLU E 144 43.66 28.56 0.48
CA GLU E 144 44.48 28.31 -0.73
C GLU E 144 44.39 29.47 -1.72
N LYS E 145 43.15 29.97 -1.89
CA LYS E 145 42.86 31.07 -2.82
C LYS E 145 43.50 32.39 -2.41
N LEU E 146 43.40 32.73 -1.13
CA LEU E 146 43.79 34.04 -0.63
C LEU E 146 45.26 34.18 -0.20
N THR E 147 46.12 33.26 -0.61
CA THR E 147 47.57 33.37 -0.37
C THR E 147 48.32 32.48 -1.36
N GLU E 148 49.64 32.42 -1.19
CA GLU E 148 50.49 31.56 -1.99
C GLU E 148 51.43 30.81 -1.06
N ASN E 149 51.88 29.64 -1.50
CA ASN E 149 52.72 28.76 -0.69
C ASN E 149 52.08 28.30 0.63
N PHE E 150 50.75 28.28 0.66
CA PHE E 150 50.04 27.86 1.87
C PHE E 150 50.31 26.38 2.16
N GLU E 151 50.69 26.10 3.40
CA GLU E 151 50.95 24.72 3.83
C GLU E 151 50.22 24.42 5.13
N TYR E 152 49.58 23.25 5.19
CA TYR E 152 48.77 22.90 6.37
C TYR E 152 48.81 21.43 6.75
N LYS E 153 48.22 21.15 7.91
CA LYS E 153 48.18 19.83 8.49
C LYS E 153 47.01 19.81 9.48
N GLY E 154 45.92 19.12 9.13
CA GLY E 154 44.70 19.08 9.94
C GLY E 154 44.66 17.95 10.95
N MET E 155 44.12 18.23 12.14
CA MET E 155 44.00 17.24 13.21
C MET E 155 42.63 17.35 13.89
N VAL E 156 42.06 16.21 14.23
CA VAL E 156 40.88 16.21 15.09
C VAL E 156 40.79 14.89 15.86
N ASP E 157 41.09 14.97 17.16
CA ASP E 157 41.09 13.83 18.09
C ASP E 157 42.21 12.81 17.83
N THR E 158 42.37 12.38 16.60
CA THR E 158 43.27 11.28 16.26
C THR E 158 44.68 11.75 15.97
N GLY E 159 44.91 13.06 15.98
CA GLY E 159 46.24 13.63 15.74
C GLY E 159 47.10 13.61 17.00
N ALA E 160 48.34 14.03 16.85
CA ALA E 160 49.35 13.96 17.91
C ALA E 160 49.21 15.05 18.97
N LEU E 161 48.66 16.19 18.58
CA LEU E 161 48.59 17.32 19.53
C LEU E 161 47.55 17.11 20.59
N VAL E 162 47.77 17.80 21.71
CA VAL E 162 46.82 17.82 22.81
C VAL E 162 45.77 18.82 22.41
N ASP E 163 44.68 18.34 21.83
CA ASP E 163 43.64 19.22 21.25
C ASP E 163 43.10 20.25 22.24
N THR E 164 43.23 19.90 23.51
CA THR E 164 42.59 20.61 24.56
C THR E 164 43.43 21.86 24.93
N ALA E 165 44.76 21.68 24.93
CA ALA E 165 45.72 22.71 25.30
C ALA E 165 45.96 23.69 24.15
N VAL E 166 45.77 23.20 22.93
CA VAL E 166 45.83 24.05 21.76
C VAL E 166 44.70 25.06 21.82
N ALA E 167 43.50 24.58 22.05
CA ALA E 167 42.33 25.45 22.09
C ALA E 167 42.38 26.48 23.24
N LYS E 168 43.11 26.16 24.30
CA LYS E 168 43.33 27.14 25.38
C LYS E 168 44.27 28.28 24.95
N ARG E 169 45.50 27.96 24.52
CA ARG E 169 46.40 28.97 23.95
C ARG E 169 45.77 29.80 22.84
N ALA E 170 44.76 29.26 22.15
CA ALA E 170 44.10 30.00 21.06
C ALA E 170 42.87 30.75 21.54
N GLY E 171 42.62 30.71 22.84
CA GLY E 171 41.51 31.43 23.44
C GLY E 171 40.16 30.98 22.96
N ILE E 172 39.97 29.66 22.83
CA ILE E 172 38.64 29.09 22.58
C ILE E 172 37.88 29.04 23.89
N GLY E 173 38.62 28.76 24.94
CA GLY E 173 38.05 28.71 26.28
C GLY E 173 39.17 28.36 27.21
N PHE E 174 38.82 28.06 28.45
CA PHE E 174 39.79 27.66 29.48
C PHE E 174 39.65 26.16 29.81
N ILE E 175 40.70 25.58 30.38
CA ILE E 175 40.67 24.19 30.79
C ILE E 175 40.13 24.10 32.21
N GLY E 176 39.03 23.38 32.37
CA GLY E 176 38.43 23.19 33.70
C GLY E 176 39.22 22.24 34.59
N LYS E 177 38.76 22.10 35.83
CA LYS E 177 39.29 21.06 36.74
C LYS E 177 38.85 19.67 36.27
N ASN E 178 37.79 19.62 35.46
CA ASN E 178 37.35 18.38 34.82
C ASN E 178 38.18 17.99 33.58
N GLY E 179 39.19 18.81 33.23
CA GLY E 179 40.10 18.50 32.14
C GLY E 179 39.64 19.00 30.79
N LEU E 180 38.39 19.44 30.70
CA LEU E 180 37.82 19.85 29.42
C LEU E 180 37.96 21.35 29.11
N VAL E 181 37.83 21.68 27.83
CA VAL E 181 37.85 23.06 27.37
C VAL E 181 36.45 23.63 27.47
N ILE E 182 36.33 24.73 28.22
CA ILE E 182 35.06 25.37 28.53
C ILE E 182 35.00 26.77 27.92
N SER E 183 34.00 27.03 27.08
CA SER E 183 33.73 28.39 26.60
C SER E 183 32.52 28.97 27.35
N LYS E 184 32.52 30.29 27.53
CA LYS E 184 31.35 31.04 28.02
C LYS E 184 30.13 30.85 27.13
N GLU E 185 30.36 30.94 25.83
CA GLU E 185 29.33 30.98 24.80
C GLU E 185 28.57 29.65 24.68
N TYR E 186 29.33 28.55 24.62
CA TYR E 186 28.77 27.23 24.29
C TYR E 186 29.06 26.13 25.32
N GLY E 187 29.65 26.50 26.46
CA GLY E 187 29.98 25.55 27.51
C GLY E 187 31.16 24.68 27.11
N SER E 188 31.22 23.48 27.68
CA SER E 188 32.18 22.46 27.25
C SER E 188 31.66 21.64 26.07
N TYR E 189 30.37 21.78 25.76
CA TYR E 189 29.75 21.00 24.69
C TYR E 189 30.19 21.47 23.30
N MET E 190 31.51 21.36 23.09
CA MET E 190 32.18 21.62 21.81
C MET E 190 33.12 20.50 21.38
N TYR E 191 33.08 20.16 20.09
CA TYR E 191 34.12 19.37 19.43
C TYR E 191 35.30 20.28 19.09
N LEU E 192 36.51 19.76 19.18
CA LEU E 192 37.71 20.55 18.89
C LEU E 192 38.49 20.02 17.70
N GLY E 193 39.18 20.94 17.02
CA GLY E 193 40.08 20.61 15.93
C GLY E 193 41.22 21.63 15.83
N GLU E 194 42.20 21.32 14.99
CA GLU E 194 43.33 22.19 14.74
C GLU E 194 43.74 22.15 13.28
N LEU E 195 44.15 23.30 12.77
CA LEU E 195 44.84 23.38 11.49
C LEU E 195 46.20 24.00 11.74
N ILE E 196 47.23 23.16 11.77
CA ILE E 196 48.60 23.62 11.85
C ILE E 196 48.91 24.23 10.49
N THR E 197 49.65 25.34 10.49
CA THR E 197 49.87 26.13 9.27
C THR E 197 51.17 26.95 9.27
N ASN E 198 51.60 27.35 8.06
CA ASN E 198 52.83 28.16 7.87
C ASN E 198 52.56 29.66 7.74
N LEU E 199 51.37 30.09 8.13
CA LEU E 199 51.00 31.50 8.10
C LEU E 199 51.54 32.27 9.32
N GLU E 200 51.91 33.51 9.08
CA GLU E 200 52.30 34.41 10.16
C GLU E 200 51.02 35.14 10.53
N ILE E 201 50.45 34.86 11.70
CA ILE E 201 49.20 35.50 12.14
C ILE E 201 49.21 35.89 13.60
N GLU E 202 48.52 37.00 13.88
CA GLU E 202 48.34 37.56 15.21
C GLU E 202 47.69 36.56 16.13
N PRO E 203 48.43 36.06 17.15
CA PRO E 203 47.77 35.21 18.15
C PRO E 203 46.59 35.91 18.83
N ASP E 204 45.53 35.15 19.08
CA ASP E 204 44.42 35.63 19.90
C ASP E 204 44.86 35.70 21.35
N GLN E 205 43.95 36.14 22.22
CA GLN E 205 44.32 36.52 23.59
C GLN E 205 44.48 35.34 24.55
N GLU E 206 43.38 34.65 24.81
CA GLU E 206 43.18 33.70 25.92
C GLU E 206 41.96 34.25 26.64
N VAL E 207 41.69 33.79 27.85
CA VAL E 207 40.41 34.05 28.51
C VAL E 207 40.60 34.48 29.97
N ASP E 208 39.72 35.35 30.46
CA ASP E 208 39.78 35.91 31.83
C ASP E 208 39.13 34.95 32.82
N TYR E 209 38.03 34.32 32.39
CA TYR E 209 37.24 33.45 33.27
C TYR E 209 37.85 32.05 33.44
N GLY E 210 37.66 31.51 34.65
CA GLY E 210 38.15 30.19 35.03
C GLY E 210 37.17 29.45 35.94
N CYS E 211 37.72 28.61 36.81
CA CYS E 211 36.91 27.76 37.70
C CYS E 211 36.57 28.49 39.00
N GLY E 212 37.59 29.08 39.60
CA GLY E 212 37.47 29.67 40.93
C GLY E 212 37.75 28.61 41.97
N ASP E 213 36.84 28.48 42.92
CA ASP E 213 36.89 27.40 43.90
C ASP E 213 35.64 26.54 43.73
N CYS E 214 35.36 26.09 42.48
CA CYS E 214 34.07 25.42 42.16
C CYS E 214 33.94 23.94 42.58
N ARG E 215 34.85 23.08 42.18
CA ARG E 215 34.87 21.69 42.69
C ARG E 215 33.64 20.80 42.46
N ARG E 216 32.67 21.23 41.67
CA ARG E 216 31.45 20.41 41.50
C ARG E 216 31.71 19.06 40.81
N CYS E 217 32.40 19.14 39.68
CA CYS E 217 32.82 17.97 38.90
C CYS E 217 33.62 16.99 39.75
N LEU E 218 34.60 17.50 40.48
CA LEU E 218 35.39 16.65 41.37
C LEU E 218 34.58 15.82 42.34
N ASP E 219 33.43 16.35 42.76
CA ASP E 219 32.58 15.71 43.79
C ASP E 219 31.45 14.91 43.19
N ALA E 220 31.15 15.17 41.91
CA ALA E 220 30.14 14.42 41.16
C ALA E 220 30.69 13.17 40.43
N CYS E 221 31.98 13.20 40.05
CA CYS E 221 32.57 12.05 39.32
C CYS E 221 32.35 10.80 40.12
N PRO E 222 31.59 9.84 39.57
CA PRO E 222 31.20 8.65 40.34
C PRO E 222 32.32 7.69 40.68
N THR E 223 33.48 7.86 40.02
CA THR E 223 34.66 7.04 40.30
C THR E 223 35.74 7.84 41.01
N SER E 224 35.53 9.16 41.16
CA SER E 224 36.56 10.07 41.69
C SER E 224 37.87 9.99 40.89
N CYS E 225 37.79 9.88 39.57
CA CYS E 225 39.01 9.76 38.77
C CYS E 225 39.77 11.08 38.66
N LEU E 226 39.01 12.18 38.66
CA LEU E 226 39.57 13.55 38.49
C LEU E 226 40.43 13.91 39.67
N ILE E 227 41.64 14.40 39.41
CA ILE E 227 42.62 14.54 40.48
C ILE E 227 42.51 15.90 41.18
N GLY E 228 42.00 16.91 40.46
CA GLY E 228 41.84 18.27 40.98
C GLY E 228 42.38 19.40 40.10
N ASP E 229 43.50 19.13 39.42
CA ASP E 229 44.21 20.11 38.59
C ASP E 229 43.98 19.95 37.08
N GLY E 230 42.83 19.42 36.68
CA GLY E 230 42.54 19.19 35.24
C GLY E 230 43.18 17.91 34.72
N THR E 231 43.57 17.07 35.65
CA THR E 231 44.30 15.85 35.40
C THR E 231 43.51 14.69 36.00
N MET E 232 43.84 13.47 35.62
CA MET E 232 42.90 12.34 35.74
C MET E 232 43.57 10.98 35.86
N ASN E 233 42.97 10.06 36.61
CA ASN E 233 43.24 8.64 36.40
C ASN E 233 42.27 8.05 35.36
N ALA E 234 42.63 8.13 34.09
CA ALA E 234 41.69 7.87 32.98
C ALA E 234 41.19 6.43 32.92
N ARG E 235 42.09 5.55 33.29
CA ARG E 235 41.83 4.18 33.67
C ARG E 235 40.53 4.02 34.48
N ARG E 236 40.14 5.02 35.28
CA ARG E 236 38.88 4.97 36.06
C ARG E 236 37.78 5.87 35.53
N CYS E 237 38.01 6.49 34.38
CA CYS E 237 36.92 7.21 33.75
C CYS E 237 35.93 6.22 33.21
N LEU E 238 34.65 6.46 33.46
CA LEU E 238 33.59 5.66 32.84
C LEU E 238 33.55 5.80 31.33
N SER E 239 33.98 6.94 30.81
CA SER E 239 33.98 7.11 29.36
C SER E 239 34.93 6.08 28.76
N PHE E 240 36.03 5.87 29.46
CA PHE E 240 37.01 4.88 29.05
C PHE E 240 36.41 3.49 29.21
N GLN E 241 35.80 3.23 30.36
CA GLN E 241 35.31 1.88 30.67
C GLN E 241 34.29 1.43 29.63
N THR E 242 33.47 2.35 29.17
CA THR E 242 32.50 2.01 28.11
C THR E 242 33.19 1.67 26.79
N GLN E 243 34.42 2.13 26.62
CA GLN E 243 35.15 1.89 25.39
C GLN E 243 36.22 0.83 25.49
N ASP E 244 36.59 0.46 26.71
CA ASP E 244 37.67 -0.52 26.88
C ASP E 244 37.16 -1.86 26.41
N LYS E 245 38.02 -2.62 25.77
CA LYS E 245 37.68 -3.98 25.41
C LYS E 245 37.78 -4.88 26.61
N GLY E 246 37.28 -6.09 26.46
CA GLY E 246 37.34 -7.05 27.54
C GLY E 246 36.16 -6.98 28.46
N MET E 247 36.42 -7.34 29.70
CA MET E 247 35.42 -7.49 30.68
C MET E 247 35.46 -6.26 31.61
N MET E 248 34.38 -5.48 31.68
CA MET E 248 34.29 -4.35 32.61
C MET E 248 34.33 -4.78 34.06
N ASP E 249 35.26 -4.25 34.86
CA ASP E 249 35.33 -4.60 36.28
C ASP E 249 34.00 -4.32 36.96
N MET E 250 33.71 -5.13 37.98
CA MET E 250 32.50 -5.04 38.79
C MET E 250 32.15 -3.62 39.25
N GLU E 251 33.14 -2.85 39.65
CA GLU E 251 32.87 -1.54 40.23
C GLU E 251 32.12 -0.63 39.25
N PHE E 252 32.51 -0.66 37.99
CA PHE E 252 31.98 0.30 37.02
C PHE E 252 30.66 -0.10 36.40
N ARG E 253 30.28 -1.37 36.52
CA ARG E 253 29.04 -1.85 35.89
C ARG E 253 27.82 -1.11 36.41
N LYS E 254 27.68 -1.12 37.73
CA LYS E 254 26.57 -0.43 38.39
C LYS E 254 26.58 1.05 38.04
N LYS E 255 27.78 1.62 37.94
CA LYS E 255 27.93 3.08 37.79
C LYS E 255 27.66 3.66 36.40
N ILE E 256 27.72 2.87 35.35
CA ILE E 256 27.38 3.41 34.03
C ILE E 256 25.87 3.55 33.91
N LYS E 257 25.14 3.08 34.93
CA LYS E 257 23.69 3.11 34.95
C LYS E 257 23.18 2.62 33.60
N THR E 258 22.56 3.49 32.82
CA THR E 258 22.08 3.11 31.48
C THR E 258 22.86 3.79 30.36
N VAL E 259 23.94 4.48 30.73
CA VAL E 259 24.74 5.18 29.75
C VAL E 259 25.72 4.18 29.17
N ILE E 260 25.42 3.71 27.96
CA ILE E 260 26.20 2.66 27.31
C ILE E 260 27.37 3.13 26.47
N TYR E 261 27.61 4.43 26.42
CA TYR E 261 28.76 4.98 25.73
C TYR E 261 29.08 6.38 26.26
N GLY E 262 30.29 6.57 26.78
CA GLY E 262 30.71 7.86 27.31
C GLY E 262 30.12 8.14 28.67
N CYS E 263 30.51 9.30 29.21
CA CYS E 263 30.04 9.81 30.49
C CYS E 263 30.06 11.33 30.42
N ASP E 264 28.99 11.95 30.90
CA ASP E 264 28.85 13.41 30.87
C ASP E 264 28.71 14.02 32.27
N ILE E 265 28.87 13.22 33.31
CA ILE E 265 28.59 13.66 34.68
C ILE E 265 29.42 14.90 35.08
N CYS E 266 30.68 14.93 34.68
CA CYS E 266 31.56 16.06 35.02
C CYS E 266 31.27 17.34 34.22
N GLN E 267 30.37 17.25 33.23
CA GLN E 267 29.93 18.40 32.41
C GLN E 267 28.51 18.85 32.78
N ILE E 268 27.61 17.90 33.01
CA ILE E 268 26.28 18.20 33.55
C ILE E 268 26.36 18.96 34.88
N SER E 269 27.35 18.60 35.70
CA SER E 269 27.54 19.26 37.00
C SER E 269 28.25 20.60 36.91
N CYS E 270 28.64 21.03 35.70
CA CYS E 270 29.44 22.26 35.53
C CYS E 270 28.56 23.50 35.36
N PRO E 271 28.80 24.54 36.18
CA PRO E 271 28.04 25.78 36.15
C PRO E 271 27.97 26.36 34.75
N TYR E 272 29.08 26.33 34.03
CA TYR E 272 29.12 26.92 32.69
C TYR E 272 28.18 26.24 31.70
N ASN E 273 27.66 25.07 32.04
CA ASN E 273 26.71 24.37 31.19
C ASN E 273 25.28 24.58 31.63
N ARG E 274 25.13 25.22 32.79
CA ARG E 274 23.84 25.55 33.41
C ARG E 274 22.72 25.87 32.40
N GLY E 275 22.95 26.81 31.50
CA GLY E 275 21.90 27.23 30.59
C GLY E 275 22.30 27.46 29.15
N ILE E 276 22.67 26.39 28.46
CA ILE E 276 22.89 26.46 27.01
C ILE E 276 22.01 25.44 26.32
N ASP E 277 21.49 25.83 25.16
CA ASP E 277 21.10 24.88 24.14
C ASP E 277 21.94 25.27 22.92
N ASN E 278 22.27 24.32 22.06
CA ASN E 278 23.25 24.54 21.01
C ASN E 278 22.67 24.13 19.64
N PRO E 279 23.38 24.42 18.53
CA PRO E 279 22.70 24.40 17.23
C PRO E 279 22.36 23.02 16.59
N LEU E 280 23.30 22.37 15.92
CA LEU E 280 22.95 21.33 14.94
C LEU E 280 22.26 20.11 15.55
N ASP E 283 22.20 16.88 12.64
CA ASP E 283 20.90 16.17 12.72
C ASP E 283 20.90 14.89 13.57
N ILE E 284 19.92 14.78 14.47
CA ILE E 284 19.87 13.71 15.48
C ILE E 284 18.67 12.76 15.31
N ASP E 285 18.94 11.48 15.07
CA ASP E 285 17.92 10.44 15.24
C ASP E 285 17.87 10.09 16.74
N PRO E 286 16.71 10.32 17.39
CA PRO E 286 16.68 10.03 18.83
C PRO E 286 16.81 8.53 19.17
N ASP E 287 16.51 7.66 18.21
CA ASP E 287 16.65 6.21 18.39
C ASP E 287 18.10 5.72 18.39
N LEU E 288 18.98 6.51 17.80
CA LEU E 288 20.40 6.26 17.86
C LEU E 288 21.00 6.92 19.06
N ALA E 289 20.31 7.87 19.64
CA ALA E 289 20.82 8.59 20.81
C ALA E 289 20.28 8.01 22.10
N MET E 290 19.20 7.24 22.00
CA MET E 290 18.64 6.58 23.16
C MET E 290 18.10 5.23 22.71
N PRO E 291 19.00 4.29 22.45
CA PRO E 291 18.61 3.10 21.70
C PRO E 291 17.90 2.11 22.56
N GLU E 292 16.98 1.40 21.93
CA GLU E 292 16.21 0.38 22.59
C GLU E 292 17.17 -0.80 22.75
N LEU E 293 17.29 -1.29 23.98
CA LEU E 293 18.39 -2.20 24.32
C LEU E 293 18.25 -3.60 23.73
N LEU E 294 17.12 -4.24 23.90
CA LEU E 294 16.97 -5.62 23.40
C LEU E 294 17.02 -5.71 21.88
N PRO E 295 16.39 -4.75 21.16
CA PRO E 295 16.63 -4.71 19.72
C PRO E 295 18.09 -4.46 19.37
N PHE E 296 18.76 -3.61 20.15
CA PHE E 296 20.19 -3.38 19.97
C PHE E 296 21.01 -4.66 20.09
N LEU E 297 20.64 -5.51 21.04
CA LEU E 297 21.31 -6.80 21.19
C LEU E 297 21.02 -7.78 20.05
N GLU E 298 20.10 -7.45 19.14
CA GLU E 298 19.83 -8.31 17.99
C GLU E 298 20.77 -8.01 16.86
N LEU E 299 21.47 -6.89 16.93
CA LEU E 299 22.22 -6.46 15.78
C LEU E 299 23.37 -7.38 15.46
N THR E 300 23.59 -7.59 14.17
CA THR E 300 24.80 -8.22 13.66
C THR E 300 25.84 -7.17 13.25
N ASN E 301 27.03 -7.60 12.84
CA ASN E 301 27.99 -6.63 12.32
C ASN E 301 27.43 -5.81 11.16
N LYS E 302 26.69 -6.48 10.27
CA LYS E 302 26.10 -5.85 9.10
C LYS E 302 24.99 -4.87 9.51
N SER E 303 24.01 -5.33 10.28
CA SER E 303 22.90 -4.44 10.66
C SER E 303 23.38 -3.29 11.56
N PHE E 304 24.43 -3.55 12.34
CA PHE E 304 25.04 -2.52 13.19
C PHE E 304 25.67 -1.43 12.35
N LYS E 305 26.47 -1.83 11.36
CA LYS E 305 27.01 -0.89 10.36
C LYS E 305 25.92 0.00 9.71
N GLU E 306 24.89 -0.62 9.16
CA GLU E 306 23.84 0.10 8.46
C GLU E 306 23.14 1.13 9.35
N THR E 307 22.96 0.83 10.63
CA THR E 307 22.14 1.66 11.52
C THR E 307 22.90 2.59 12.45
N PHE E 308 24.11 2.20 12.82
CA PHE E 308 24.93 2.94 13.82
C PHE E 308 26.31 3.34 13.34
N GLY E 309 26.66 2.90 12.12
CA GLY E 309 28.02 2.98 11.62
C GLY E 309 28.57 4.39 11.43
N MET E 310 27.66 5.36 11.45
CA MET E 310 27.97 6.75 11.17
C MET E 310 28.35 7.51 12.40
N ILE E 311 28.04 6.99 13.59
CA ILE E 311 28.31 7.75 14.84
C ILE E 311 29.72 7.49 15.37
N ALA E 312 30.19 8.42 16.20
CA ALA E 312 31.53 8.34 16.75
C ALA E 312 31.73 7.06 17.54
N GLY E 313 30.72 6.73 18.33
CA GLY E 313 30.77 5.58 19.22
C GLY E 313 30.80 4.21 18.52
N SER E 314 30.73 4.17 17.19
CA SER E 314 30.82 2.93 16.43
C SER E 314 32.25 2.53 16.07
N TRP E 315 33.24 3.29 16.56
CA TRP E 315 34.63 3.12 16.08
C TRP E 315 35.30 1.82 16.45
N ARG E 316 34.73 1.09 17.42
CA ARG E 316 35.26 -0.25 17.77
C ARG E 316 34.30 -1.37 17.46
N GLY E 317 33.19 -1.06 16.79
CA GLY E 317 32.19 -2.07 16.46
C GLY E 317 31.17 -2.28 17.56
N LYS E 318 30.30 -3.25 17.32
CA LYS E 318 29.12 -3.46 18.15
C LYS E 318 29.39 -4.07 19.51
N ASN E 319 30.46 -4.87 19.61
CA ASN E 319 30.67 -5.71 20.78
C ASN E 319 30.80 -4.95 22.12
N ILE E 320 31.59 -3.89 22.17
CA ILE E 320 31.66 -3.14 23.42
C ILE E 320 30.29 -2.54 23.80
N LEU E 321 29.54 -2.11 22.79
CA LEU E 321 28.26 -1.50 23.05
C LEU E 321 27.26 -2.55 23.50
N GLN E 322 27.26 -3.73 22.88
CA GLN E 322 26.31 -4.76 23.31
C GLN E 322 26.63 -5.25 24.71
N ARG E 323 27.93 -5.37 25.03
CA ARG E 323 28.31 -5.63 26.41
C ARG E 323 27.66 -4.60 27.35
N ASN E 324 27.84 -3.32 27.03
CA ASN E 324 27.32 -2.24 27.86
C ASN E 324 25.80 -2.28 27.97
N ALA E 325 25.15 -2.66 26.87
CA ALA E 325 23.71 -2.75 26.84
C ALA E 325 23.21 -3.85 27.79
N ILE E 326 23.90 -4.98 27.80
CA ILE E 326 23.60 -6.01 28.78
C ILE E 326 23.74 -5.43 30.17
N ILE E 327 24.77 -4.62 30.38
CA ILE E 327 24.96 -4.02 31.70
C ILE E 327 23.83 -3.05 32.06
N ALA E 328 23.39 -2.26 31.08
CA ALA E 328 22.24 -1.37 31.27
C ALA E 328 21.00 -2.16 31.67
N LEU E 329 20.70 -3.19 30.90
CA LEU E 329 19.56 -4.06 31.21
C LEU E 329 19.63 -4.62 32.61
N ALA E 330 20.82 -4.97 33.06
CA ALA E 330 20.96 -5.46 34.42
C ALA E 330 20.72 -4.34 35.42
N ASN E 331 21.25 -3.15 35.14
CA ASN E 331 21.03 -1.98 36.00
C ASN E 331 19.55 -1.54 36.08
N LEU E 332 18.78 -1.80 35.02
CA LEU E 332 17.33 -1.62 35.06
C LEU E 332 16.52 -2.79 35.66
N HIS E 333 17.16 -3.87 36.10
CA HIS E 333 16.46 -5.06 36.59
C HIS E 333 15.35 -5.56 35.64
N ASP E 334 15.61 -5.46 34.32
CA ASP E 334 14.60 -5.74 33.32
C ASP E 334 14.30 -7.22 33.15
N ARG E 335 13.19 -7.67 33.74
CA ARG E 335 12.78 -9.07 33.62
C ARG E 335 12.55 -9.49 32.18
N ASN E 336 12.31 -8.53 31.29
CA ASN E 336 12.07 -8.89 29.89
C ASN E 336 13.31 -9.32 29.13
N ALA E 337 14.49 -9.07 29.71
CA ALA E 337 15.74 -9.45 29.05
C ALA E 337 16.14 -10.90 29.32
N ILE E 338 15.52 -11.50 30.32
CA ILE E 338 15.96 -12.80 30.81
C ILE E 338 16.10 -13.82 29.66
N VAL E 339 15.09 -13.95 28.84
CA VAL E 339 15.12 -14.98 27.79
C VAL E 339 16.25 -14.69 26.78
N LYS E 340 16.48 -13.42 26.51
CA LYS E 340 17.56 -13.03 25.60
C LYS E 340 18.94 -13.32 26.18
N LEU E 341 19.08 -13.03 27.48
CA LEU E 341 20.33 -13.30 28.16
C LEU E 341 20.61 -14.80 28.11
N MET E 342 19.54 -15.59 28.19
CA MET E 342 19.71 -17.03 28.21
C MET E 342 20.14 -17.51 26.85
N GLU E 343 19.64 -16.86 25.79
CA GLU E 343 20.03 -17.19 24.43
C GLU E 343 21.51 -16.88 24.18
N ILE E 344 21.93 -15.71 24.65
CA ILE E 344 23.35 -15.33 24.53
C ILE E 344 24.26 -16.36 25.21
N ILE E 345 23.93 -16.69 26.45
CA ILE E 345 24.70 -17.63 27.22
C ILE E 345 24.76 -19.03 26.63
N ASP E 346 23.65 -19.53 26.08
CA ASP E 346 23.63 -20.92 25.57
C ASP E 346 24.31 -21.02 24.19
N LYS E 347 24.12 -20.01 23.34
CA LYS E 347 24.80 -19.93 22.05
C LYS E 347 26.33 -19.75 22.24
N ASN E 348 26.68 -18.79 23.10
CA ASN E 348 28.04 -18.53 23.53
C ASN E 348 29.03 -18.28 22.43
N ASN E 349 28.56 -17.53 21.45
CA ASN E 349 29.39 -17.18 20.31
C ASN E 349 30.32 -16.01 20.68
N ASN E 350 29.91 -15.24 21.69
CA ASN E 350 30.73 -14.17 22.24
C ASN E 350 30.91 -14.35 23.75
N PRO E 351 32.09 -14.79 24.18
CA PRO E 351 32.33 -15.03 25.61
C PRO E 351 32.24 -13.82 26.55
N ILE E 352 32.74 -12.66 26.15
CA ILE E 352 32.55 -11.46 26.99
C ILE E 352 31.07 -11.23 27.29
N HIS E 353 30.24 -11.34 26.24
CA HIS E 353 28.79 -11.19 26.42
C HIS E 353 28.18 -12.26 27.29
N THR E 354 28.59 -13.51 27.07
CA THR E 354 28.15 -14.60 27.90
C THR E 354 28.44 -14.30 29.37
N ALA E 355 29.68 -13.97 29.69
CA ALA E 355 30.06 -13.73 31.09
C ALA E 355 29.30 -12.56 31.66
N THR E 356 29.11 -11.55 30.84
CA THR E 356 28.42 -10.37 31.32
C THR E 356 26.97 -10.76 31.58
N ALA E 357 26.38 -11.49 30.63
CA ALA E 357 24.98 -11.94 30.77
C ALA E 357 24.76 -12.80 32.01
N ILE E 358 25.68 -13.71 32.30
CA ILE E 358 25.60 -14.51 33.51
C ILE E 358 25.48 -13.61 34.74
N TRP E 359 26.36 -12.63 34.85
CA TRP E 359 26.29 -11.65 35.91
C TRP E 359 24.93 -10.98 35.90
N ALA E 360 24.49 -10.56 34.72
CA ALA E 360 23.25 -9.80 34.57
C ALA E 360 22.05 -10.56 35.14
N LEU E 361 22.01 -11.88 34.94
CA LEU E 361 20.94 -12.67 35.52
C LEU E 361 20.94 -12.59 37.04
N GLY E 362 22.13 -12.54 37.64
CA GLY E 362 22.23 -12.49 39.10
C GLY E 362 21.72 -11.16 39.64
N GLU E 363 21.62 -10.18 38.76
CA GLU E 363 21.16 -8.84 39.13
C GLU E 363 19.66 -8.71 38.93
N ILE E 364 19.19 -9.18 37.76
CA ILE E 364 17.79 -9.10 37.37
C ILE E 364 16.86 -10.03 38.17
N VAL E 365 17.22 -11.32 38.28
CA VAL E 365 16.37 -12.32 38.95
C VAL E 365 16.57 -12.28 40.46
N LYS E 366 15.78 -11.46 41.14
CA LYS E 366 16.03 -11.15 42.54
C LYS E 366 15.66 -12.32 43.45
N LYS E 367 14.57 -13.02 43.11
CA LYS E 367 14.15 -14.22 43.85
C LYS E 367 14.01 -15.43 42.92
N PRO E 368 15.13 -16.10 42.64
CA PRO E 368 15.13 -17.20 41.68
C PRO E 368 14.31 -18.41 42.07
N ASP E 369 13.43 -18.83 41.16
CA ASP E 369 12.70 -20.08 41.32
C ASP E 369 13.67 -21.28 41.23
N GLU E 370 13.16 -22.47 41.53
CA GLU E 370 13.97 -23.70 41.47
C GLU E 370 14.40 -23.99 40.01
N GLY E 371 13.56 -23.64 39.04
CA GLY E 371 13.91 -23.85 37.63
C GLY E 371 15.13 -23.05 37.19
N MET E 372 15.21 -21.82 37.69
CA MET E 372 16.35 -20.96 37.41
C MET E 372 17.59 -21.46 38.12
N LEU E 373 17.45 -21.89 39.39
CA LEU E 373 18.61 -22.40 40.11
C LEU E 373 19.20 -23.59 39.36
N ASP E 374 18.34 -24.44 38.81
CA ASP E 374 18.81 -25.62 38.04
C ASP E 374 19.49 -25.17 36.75
N TYR E 375 18.95 -24.13 36.11
CA TYR E 375 19.56 -23.58 34.90
C TYR E 375 20.99 -23.14 35.19
N MET E 376 21.11 -22.29 36.21
CA MET E 376 22.38 -21.70 36.59
C MET E 376 23.36 -22.77 37.07
N ARG E 377 22.91 -23.63 37.99
CA ARG E 377 23.74 -24.74 38.50
C ARG E 377 24.31 -25.53 37.33
N GLY E 378 23.50 -25.67 36.28
CA GLY E 378 23.83 -26.54 35.15
C GLY E 378 24.72 -25.98 34.05
N LEU E 379 25.07 -24.70 34.13
CA LEU E 379 26.02 -24.12 33.18
C LEU E 379 27.35 -24.61 33.65
N SER E 380 28.27 -24.85 32.73
CA SER E 380 29.66 -25.07 33.13
C SER E 380 30.45 -24.23 32.16
N PRO E 381 30.80 -23.02 32.59
CA PRO E 381 31.39 -22.07 31.71
C PRO E 381 32.61 -22.59 30.99
N LYS E 382 32.60 -22.40 29.68
CA LYS E 382 33.74 -22.68 28.82
C LYS E 382 35.02 -22.02 29.38
N ASP E 383 35.02 -20.68 29.44
CA ASP E 383 36.23 -19.90 29.71
C ASP E 383 36.29 -19.23 31.09
N GLU E 384 37.44 -18.60 31.38
CA GLU E 384 37.75 -18.12 32.73
C GLU E 384 36.89 -16.94 33.23
N HIS E 385 36.53 -16.03 32.36
CA HIS E 385 35.71 -14.91 32.76
C HIS E 385 34.29 -15.32 33.07
N SER E 386 33.71 -16.13 32.21
CA SER E 386 32.39 -16.71 32.47
C SER E 386 32.39 -17.51 33.77
N GLN E 387 33.43 -18.30 33.96
CA GLN E 387 33.58 -19.09 35.18
C GLN E 387 33.55 -18.17 36.39
N ALA E 388 34.34 -17.11 36.35
CA ALA E 388 34.46 -16.20 37.48
C ALA E 388 33.11 -15.57 37.84
N GLU E 389 32.39 -15.12 36.82
CA GLU E 389 31.07 -14.51 37.04
C GLU E 389 30.05 -15.54 37.55
N TRP E 390 30.12 -16.74 36.99
CA TRP E 390 29.26 -17.83 37.39
C TRP E 390 29.43 -18.19 38.84
N GLU E 391 30.69 -18.34 39.29
CA GLU E 391 30.97 -18.60 40.72
C GLU E 391 30.33 -17.59 41.64
N LEU E 392 30.35 -16.32 41.24
CA LEU E 392 29.77 -15.26 42.06
C LEU E 392 28.24 -15.36 42.12
N VAL E 393 27.59 -15.66 41.00
CA VAL E 393 26.13 -15.79 41.01
C VAL E 393 25.73 -17.01 41.83
N CYS E 394 26.35 -18.14 41.54
CA CYS E 394 26.18 -19.31 42.38
C CYS E 394 26.29 -18.95 43.88
N ALA E 395 27.37 -18.32 44.28
CA ALA E 395 27.55 -17.97 45.69
C ALA E 395 26.44 -17.09 46.21
N LYS E 396 26.05 -16.11 45.41
CA LYS E 396 24.95 -15.21 45.76
C LYS E 396 23.61 -15.95 45.89
N TRP E 397 23.44 -17.00 45.10
CA TRP E 397 22.20 -17.78 45.13
C TRP E 397 22.32 -19.03 46.00
N GLN E 398 23.37 -19.09 46.80
CA GLN E 398 23.50 -20.13 47.79
C GLN E 398 23.48 -21.54 47.14
N ILE E 399 24.00 -21.65 45.93
CA ILE E 399 24.18 -22.94 45.28
C ILE E 399 25.52 -23.55 45.70
#